data_3HOG
# 
_entry.id   3HOG 
# 
_audit_conform.dict_name       mmcif_pdbx.dic 
_audit_conform.dict_version    5.397 
_audit_conform.dict_location   http://mmcif.pdb.org/dictionaries/ascii/mmcif_pdbx.dic 
# 
loop_
_database_2.database_id 
_database_2.database_code 
_database_2.pdbx_database_accession 
_database_2.pdbx_DOI 
PDB   3HOG         pdb_00003hog 10.2210/pdb3hog/pdb 
RCSB  RCSB053385   ?            ?                   
WWPDB D_1000053385 ?            ?                   
# 
loop_
_pdbx_audit_revision_history.ordinal 
_pdbx_audit_revision_history.data_content_type 
_pdbx_audit_revision_history.major_revision 
_pdbx_audit_revision_history.minor_revision 
_pdbx_audit_revision_history.revision_date 
1 'Structure model' 1 0 2010-06-23 
2 'Structure model' 1 1 2011-07-13 
3 'Structure model' 1 2 2012-01-18 
4 'Structure model' 1 3 2023-09-06 
5 'Structure model' 1 4 2024-10-30 
# 
_pdbx_audit_revision_details.ordinal             1 
_pdbx_audit_revision_details.revision_ordinal    1 
_pdbx_audit_revision_details.data_content_type   'Structure model' 
_pdbx_audit_revision_details.provider            repository 
_pdbx_audit_revision_details.type                'Initial release' 
_pdbx_audit_revision_details.description         ? 
_pdbx_audit_revision_details.details             ? 
# 
loop_
_pdbx_audit_revision_group.ordinal 
_pdbx_audit_revision_group.revision_ordinal 
_pdbx_audit_revision_group.data_content_type 
_pdbx_audit_revision_group.group 
1 2 'Structure model' 'Version format compliance' 
2 3 'Structure model' Other                       
3 4 'Structure model' 'Data collection'           
4 4 'Structure model' 'Database references'       
5 4 'Structure model' 'Derived calculations'      
6 4 'Structure model' 'Refinement description'    
7 5 'Structure model' 'Structure summary'         
# 
loop_
_pdbx_audit_revision_category.ordinal 
_pdbx_audit_revision_category.revision_ordinal 
_pdbx_audit_revision_category.data_content_type 
_pdbx_audit_revision_category.category 
1 4 'Structure model' chem_comp_atom                
2 4 'Structure model' chem_comp_bond                
3 4 'Structure model' database_2                    
4 4 'Structure model' pdbx_initial_refinement_model 
5 4 'Structure model' pdbx_struct_conn_angle        
6 4 'Structure model' struct_conn                   
7 4 'Structure model' struct_site                   
8 5 'Structure model' pdbx_entry_details            
9 5 'Structure model' pdbx_modification_feature     
# 
loop_
_pdbx_audit_revision_item.ordinal 
_pdbx_audit_revision_item.revision_ordinal 
_pdbx_audit_revision_item.data_content_type 
_pdbx_audit_revision_item.item 
1  4 'Structure model' '_database_2.pdbx_DOI'                        
2  4 'Structure model' '_database_2.pdbx_database_accession'         
3  4 'Structure model' '_pdbx_struct_conn_angle.ptnr1_auth_comp_id'  
4  4 'Structure model' '_pdbx_struct_conn_angle.ptnr1_auth_seq_id'   
5  4 'Structure model' '_pdbx_struct_conn_angle.ptnr1_label_asym_id' 
6  4 'Structure model' '_pdbx_struct_conn_angle.ptnr1_label_atom_id' 
7  4 'Structure model' '_pdbx_struct_conn_angle.ptnr1_label_comp_id' 
8  4 'Structure model' '_pdbx_struct_conn_angle.ptnr1_label_seq_id'  
9  4 'Structure model' '_pdbx_struct_conn_angle.ptnr3_auth_comp_id'  
10 4 'Structure model' '_pdbx_struct_conn_angle.ptnr3_auth_seq_id'   
11 4 'Structure model' '_pdbx_struct_conn_angle.ptnr3_label_asym_id' 
12 4 'Structure model' '_pdbx_struct_conn_angle.ptnr3_label_atom_id' 
13 4 'Structure model' '_pdbx_struct_conn_angle.ptnr3_label_comp_id' 
14 4 'Structure model' '_pdbx_struct_conn_angle.ptnr3_label_seq_id'  
15 4 'Structure model' '_pdbx_struct_conn_angle.value'               
16 4 'Structure model' '_struct_conn.pdbx_dist_value'                
17 4 'Structure model' '_struct_conn.ptnr1_auth_comp_id'             
18 4 'Structure model' '_struct_conn.ptnr1_auth_seq_id'              
19 4 'Structure model' '_struct_conn.ptnr1_label_asym_id'            
20 4 'Structure model' '_struct_conn.ptnr1_label_atom_id'            
21 4 'Structure model' '_struct_conn.ptnr1_label_comp_id'            
22 4 'Structure model' '_struct_conn.ptnr1_label_seq_id'             
23 4 'Structure model' '_struct_conn.ptnr2_auth_comp_id'             
24 4 'Structure model' '_struct_conn.ptnr2_auth_seq_id'              
25 4 'Structure model' '_struct_conn.ptnr2_label_asym_id'            
26 4 'Structure model' '_struct_conn.ptnr2_label_atom_id'            
27 4 'Structure model' '_struct_conn.ptnr2_label_comp_id'            
28 4 'Structure model' '_struct_site.pdbx_auth_asym_id'              
29 4 'Structure model' '_struct_site.pdbx_auth_comp_id'              
30 4 'Structure model' '_struct_site.pdbx_auth_seq_id'               
# 
_pdbx_database_status.status_code                     REL 
_pdbx_database_status.entry_id                        3HOG 
_pdbx_database_status.recvd_initial_deposition_date   2009-06-02 
_pdbx_database_status.deposit_site                    RCSB 
_pdbx_database_status.process_site                    RCSB 
_pdbx_database_status.status_code_sf                  REL 
_pdbx_database_status.status_code_mr                  ? 
_pdbx_database_status.SG_entry                        ? 
_pdbx_database_status.status_code_cs                  ? 
_pdbx_database_status.methods_development_category    ? 
_pdbx_database_status.pdb_format_compatible           Y 
_pdbx_database_status.status_code_nmr_data            ? 
# 
loop_
_audit_author.name 
_audit_author.pdbx_ordinal 
'Galaleldeen, A.' 1 
'Taylor, A.B.'    2 
'Hart, P.J.'      3 
# 
_citation.id                        primary 
_citation.title                     'Biophysical Properties of Tomato Chloroplast SOD' 
_citation.journal_abbrev            'To be Published' 
_citation.journal_volume            ? 
_citation.page_first                ? 
_citation.page_last                 ? 
_citation.year                      ? 
_citation.journal_id_ASTM           ? 
_citation.country                   ? 
_citation.journal_id_ISSN           ? 
_citation.journal_id_CSD            0353 
_citation.book_publisher            ? 
_citation.pdbx_database_id_PubMed   ? 
_citation.pdbx_database_id_DOI      ? 
# 
loop_
_citation_author.citation_id 
_citation_author.name 
_citation_author.ordinal 
_citation_author.identifier_ORCID 
primary 'Galaleldeen, A.' 1 ? 
primary 'Taylor, A.B.'    2 ? 
primary 'Hart, P.J.'      3 ? 
# 
loop_
_entity.id 
_entity.type 
_entity.src_method 
_entity.pdbx_description 
_entity.formula_weight 
_entity.pdbx_number_of_molecules 
_entity.pdbx_ec 
_entity.pdbx_mutation 
_entity.pdbx_fragment 
_entity.details 
1 polymer     man 'Superoxide dismutase [Cu-Zn], chloroplastic' 15644.372 1   1.15.1.1 ? ? ? 
2 non-polymer syn 'POTASSIUM ION'                               39.098    1   ?        ? ? ? 
3 water       nat water                                         18.015    163 ?        ? ? ? 
# 
_entity_poly.entity_id                      1 
_entity_poly.type                           'polypeptide(L)' 
_entity_poly.nstd_linkage                   no 
_entity_poly.nstd_monomer                   no 
_entity_poly.pdbx_seq_one_letter_code       
;ATKKAVAVLKGNSNVEGVVTLSQDDDGPTTVNVRITGLAPGLHGFHLHEYGDTTNGCMSTGAHFNPNKLTHGAPGDEIRH
AGDLGNIVANADGVAEVTLVDNQIPLTGPNSVVGRALVVHELEDDLGKGGHELSLTTGNAGGRLACGVVGLTPI
;
_entity_poly.pdbx_seq_one_letter_code_can   
;ATKKAVAVLKGNSNVEGVVTLSQDDDGPTTVNVRITGLAPGLHGFHLHEYGDTTNGCMSTGAHFNPNKLTHGAPGDEIRH
AGDLGNIVANADGVAEVTLVDNQIPLTGPNSVVGRALVVHELEDDLGKGGHELSLTTGNAGGRLACGVVGLTPI
;
_entity_poly.pdbx_strand_id                 A 
_entity_poly.pdbx_target_identifier         ? 
# 
loop_
_pdbx_entity_nonpoly.entity_id 
_pdbx_entity_nonpoly.name 
_pdbx_entity_nonpoly.comp_id 
2 'POTASSIUM ION' K   
3 water           HOH 
# 
loop_
_entity_poly_seq.entity_id 
_entity_poly_seq.num 
_entity_poly_seq.mon_id 
_entity_poly_seq.hetero 
1 1   ALA n 
1 2   THR n 
1 3   LYS n 
1 4   LYS n 
1 5   ALA n 
1 6   VAL n 
1 7   ALA n 
1 8   VAL n 
1 9   LEU n 
1 10  LYS n 
1 11  GLY n 
1 12  ASN n 
1 13  SER n 
1 14  ASN n 
1 15  VAL n 
1 16  GLU n 
1 17  GLY n 
1 18  VAL n 
1 19  VAL n 
1 20  THR n 
1 21  LEU n 
1 22  SER n 
1 23  GLN n 
1 24  ASP n 
1 25  ASP n 
1 26  ASP n 
1 27  GLY n 
1 28  PRO n 
1 29  THR n 
1 30  THR n 
1 31  VAL n 
1 32  ASN n 
1 33  VAL n 
1 34  ARG n 
1 35  ILE n 
1 36  THR n 
1 37  GLY n 
1 38  LEU n 
1 39  ALA n 
1 40  PRO n 
1 41  GLY n 
1 42  LEU n 
1 43  HIS n 
1 44  GLY n 
1 45  PHE n 
1 46  HIS n 
1 47  LEU n 
1 48  HIS n 
1 49  GLU n 
1 50  TYR n 
1 51  GLY n 
1 52  ASP n 
1 53  THR n 
1 54  THR n 
1 55  ASN n 
1 56  GLY n 
1 57  CYS n 
1 58  MET n 
1 59  SER n 
1 60  THR n 
1 61  GLY n 
1 62  ALA n 
1 63  HIS n 
1 64  PHE n 
1 65  ASN n 
1 66  PRO n 
1 67  ASN n 
1 68  LYS n 
1 69  LEU n 
1 70  THR n 
1 71  HIS n 
1 72  GLY n 
1 73  ALA n 
1 74  PRO n 
1 75  GLY n 
1 76  ASP n 
1 77  GLU n 
1 78  ILE n 
1 79  ARG n 
1 80  HIS n 
1 81  ALA n 
1 82  GLY n 
1 83  ASP n 
1 84  LEU n 
1 85  GLY n 
1 86  ASN n 
1 87  ILE n 
1 88  VAL n 
1 89  ALA n 
1 90  ASN n 
1 91  ALA n 
1 92  ASP n 
1 93  GLY n 
1 94  VAL n 
1 95  ALA n 
1 96  GLU n 
1 97  VAL n 
1 98  THR n 
1 99  LEU n 
1 100 VAL n 
1 101 ASP n 
1 102 ASN n 
1 103 GLN n 
1 104 ILE n 
1 105 PRO n 
1 106 LEU n 
1 107 THR n 
1 108 GLY n 
1 109 PRO n 
1 110 ASN n 
1 111 SER n 
1 112 VAL n 
1 113 VAL n 
1 114 GLY n 
1 115 ARG n 
1 116 ALA n 
1 117 LEU n 
1 118 VAL n 
1 119 VAL n 
1 120 HIS n 
1 121 GLU n 
1 122 LEU n 
1 123 GLU n 
1 124 ASP n 
1 125 ASP n 
1 126 LEU n 
1 127 GLY n 
1 128 LYS n 
1 129 GLY n 
1 130 GLY n 
1 131 HIS n 
1 132 GLU n 
1 133 LEU n 
1 134 SER n 
1 135 LEU n 
1 136 THR n 
1 137 THR n 
1 138 GLY n 
1 139 ASN n 
1 140 ALA n 
1 141 GLY n 
1 142 GLY n 
1 143 ARG n 
1 144 LEU n 
1 145 ALA n 
1 146 CYS n 
1 147 GLY n 
1 148 VAL n 
1 149 VAL n 
1 150 GLY n 
1 151 LEU n 
1 152 THR n 
1 153 PRO n 
1 154 ILE n 
# 
_entity_src_gen.entity_id                          1 
_entity_src_gen.pdbx_src_id                        1 
_entity_src_gen.pdbx_alt_source_flag               sample 
_entity_src_gen.pdbx_seq_type                      ? 
_entity_src_gen.pdbx_beg_seq_num                   ? 
_entity_src_gen.pdbx_end_seq_num                   ? 
_entity_src_gen.gene_src_common_name               tomato 
_entity_src_gen.gene_src_genus                     ? 
_entity_src_gen.pdbx_gene_src_gene                 SODCP.2 
_entity_src_gen.gene_src_species                   ? 
_entity_src_gen.gene_src_strain                    ? 
_entity_src_gen.gene_src_tissue                    ? 
_entity_src_gen.gene_src_tissue_fraction           ? 
_entity_src_gen.gene_src_details                   ? 
_entity_src_gen.pdbx_gene_src_fragment             ? 
_entity_src_gen.pdbx_gene_src_scientific_name      'Solanum lycopersicum' 
_entity_src_gen.pdbx_gene_src_ncbi_taxonomy_id     4081 
_entity_src_gen.pdbx_gene_src_variant              ? 
_entity_src_gen.pdbx_gene_src_cell_line            ? 
_entity_src_gen.pdbx_gene_src_atcc                 ? 
_entity_src_gen.pdbx_gene_src_organ                ? 
_entity_src_gen.pdbx_gene_src_organelle            ? 
_entity_src_gen.pdbx_gene_src_cell                 ? 
_entity_src_gen.pdbx_gene_src_cellular_location    ? 
_entity_src_gen.host_org_common_name               ? 
_entity_src_gen.pdbx_host_org_scientific_name      'Escherichia coli' 
_entity_src_gen.pdbx_host_org_ncbi_taxonomy_id     562 
_entity_src_gen.host_org_genus                     ? 
_entity_src_gen.pdbx_host_org_gene                 ? 
_entity_src_gen.pdbx_host_org_organ                ? 
_entity_src_gen.host_org_species                   ? 
_entity_src_gen.pdbx_host_org_tissue               ? 
_entity_src_gen.pdbx_host_org_tissue_fraction      ? 
_entity_src_gen.pdbx_host_org_strain               'Bl21(DE3)' 
_entity_src_gen.pdbx_host_org_variant              ? 
_entity_src_gen.pdbx_host_org_cell_line            ? 
_entity_src_gen.pdbx_host_org_atcc                 ? 
_entity_src_gen.pdbx_host_org_culture_collection   ? 
_entity_src_gen.pdbx_host_org_cell                 ? 
_entity_src_gen.pdbx_host_org_organelle            ? 
_entity_src_gen.pdbx_host_org_cellular_location    ? 
_entity_src_gen.pdbx_host_org_vector_type          Plasmid 
_entity_src_gen.pdbx_host_org_vector               ? 
_entity_src_gen.host_org_details                   ? 
_entity_src_gen.expression_system_id               ? 
_entity_src_gen.plasmid_name                       pAG8H 
_entity_src_gen.plasmid_details                    ? 
_entity_src_gen.pdbx_description                   ? 
# 
loop_
_chem_comp.id 
_chem_comp.type 
_chem_comp.mon_nstd_flag 
_chem_comp.name 
_chem_comp.pdbx_synonyms 
_chem_comp.formula 
_chem_comp.formula_weight 
ALA 'L-peptide linking' y ALANINE         ? 'C3 H7 N O2'     89.093  
ARG 'L-peptide linking' y ARGININE        ? 'C6 H15 N4 O2 1' 175.209 
ASN 'L-peptide linking' y ASPARAGINE      ? 'C4 H8 N2 O3'    132.118 
ASP 'L-peptide linking' y 'ASPARTIC ACID' ? 'C4 H7 N O4'     133.103 
CYS 'L-peptide linking' y CYSTEINE        ? 'C3 H7 N O2 S'   121.158 
GLN 'L-peptide linking' y GLUTAMINE       ? 'C5 H10 N2 O3'   146.144 
GLU 'L-peptide linking' y 'GLUTAMIC ACID' ? 'C5 H9 N O4'     147.129 
GLY 'peptide linking'   y GLYCINE         ? 'C2 H5 N O2'     75.067  
HIS 'L-peptide linking' y HISTIDINE       ? 'C6 H10 N3 O2 1' 156.162 
HOH non-polymer         . WATER           ? 'H2 O'           18.015  
ILE 'L-peptide linking' y ISOLEUCINE      ? 'C6 H13 N O2'    131.173 
K   non-polymer         . 'POTASSIUM ION' ? 'K 1'            39.098  
LEU 'L-peptide linking' y LEUCINE         ? 'C6 H13 N O2'    131.173 
LYS 'L-peptide linking' y LYSINE          ? 'C6 H15 N2 O2 1' 147.195 
MET 'L-peptide linking' y METHIONINE      ? 'C5 H11 N O2 S'  149.211 
PHE 'L-peptide linking' y PHENYLALANINE   ? 'C9 H11 N O2'    165.189 
PRO 'L-peptide linking' y PROLINE         ? 'C5 H9 N O2'     115.130 
SER 'L-peptide linking' y SERINE          ? 'C3 H7 N O3'     105.093 
THR 'L-peptide linking' y THREONINE       ? 'C4 H9 N O3'     119.119 
TYR 'L-peptide linking' y TYROSINE        ? 'C9 H11 N O3'    181.189 
VAL 'L-peptide linking' y VALINE          ? 'C5 H11 N O2'    117.146 
# 
loop_
_pdbx_poly_seq_scheme.asym_id 
_pdbx_poly_seq_scheme.entity_id 
_pdbx_poly_seq_scheme.seq_id 
_pdbx_poly_seq_scheme.mon_id 
_pdbx_poly_seq_scheme.ndb_seq_num 
_pdbx_poly_seq_scheme.pdb_seq_num 
_pdbx_poly_seq_scheme.auth_seq_num 
_pdbx_poly_seq_scheme.pdb_mon_id 
_pdbx_poly_seq_scheme.auth_mon_id 
_pdbx_poly_seq_scheme.pdb_strand_id 
_pdbx_poly_seq_scheme.pdb_ins_code 
_pdbx_poly_seq_scheme.hetero 
A 1 1   ALA 1   1   1   ALA ALA A . n 
A 1 2   THR 2   2   2   THR THR A . n 
A 1 3   LYS 3   3   3   LYS LYS A . n 
A 1 4   LYS 4   4   4   LYS LYS A . n 
A 1 5   ALA 5   5   5   ALA ALA A . n 
A 1 6   VAL 6   6   6   VAL VAL A . n 
A 1 7   ALA 7   7   7   ALA ALA A . n 
A 1 8   VAL 8   8   8   VAL VAL A . n 
A 1 9   LEU 9   9   9   LEU LEU A . n 
A 1 10  LYS 10  10  10  LYS LYS A . n 
A 1 11  GLY 11  11  11  GLY GLY A . n 
A 1 12  ASN 12  12  12  ASN ASN A . n 
A 1 13  SER 13  13  13  SER SER A . n 
A 1 14  ASN 14  14  14  ASN ASN A . n 
A 1 15  VAL 15  15  15  VAL VAL A . n 
A 1 16  GLU 16  16  16  GLU GLU A . n 
A 1 17  GLY 17  17  17  GLY GLY A . n 
A 1 18  VAL 18  18  18  VAL VAL A . n 
A 1 19  VAL 19  19  19  VAL VAL A . n 
A 1 20  THR 20  20  20  THR THR A . n 
A 1 21  LEU 21  21  21  LEU LEU A . n 
A 1 22  SER 22  22  22  SER SER A . n 
A 1 23  GLN 23  23  23  GLN GLN A . n 
A 1 24  ASP 24  24  24  ASP ASP A . n 
A 1 25  ASP 25  25  25  ASP ASP A . n 
A 1 26  ASP 26  26  26  ASP ASP A . n 
A 1 27  GLY 27  27  27  GLY GLY A . n 
A 1 28  PRO 28  28  28  PRO PRO A . n 
A 1 29  THR 29  29  29  THR THR A . n 
A 1 30  THR 30  30  30  THR THR A . n 
A 1 31  VAL 31  31  31  VAL VAL A . n 
A 1 32  ASN 32  32  32  ASN ASN A . n 
A 1 33  VAL 33  33  33  VAL VAL A . n 
A 1 34  ARG 34  34  34  ARG ARG A . n 
A 1 35  ILE 35  35  35  ILE ILE A . n 
A 1 36  THR 36  36  36  THR THR A . n 
A 1 37  GLY 37  37  37  GLY GLY A . n 
A 1 38  LEU 38  38  38  LEU LEU A . n 
A 1 39  ALA 39  39  39  ALA ALA A . n 
A 1 40  PRO 40  40  40  PRO PRO A . n 
A 1 41  GLY 41  41  41  GLY GLY A . n 
A 1 42  LEU 42  42  42  LEU LEU A . n 
A 1 43  HIS 43  43  43  HIS HIS A . n 
A 1 44  GLY 44  44  44  GLY GLY A . n 
A 1 45  PHE 45  45  45  PHE PHE A . n 
A 1 46  HIS 46  46  46  HIS HIS A . n 
A 1 47  LEU 47  47  47  LEU LEU A . n 
A 1 48  HIS 48  48  48  HIS HIS A . n 
A 1 49  GLU 49  49  49  GLU GLU A . n 
A 1 50  TYR 50  50  50  TYR TYR A . n 
A 1 51  GLY 51  51  51  GLY GLY A . n 
A 1 52  ASP 52  52  52  ASP ASP A . n 
A 1 53  THR 53  53  53  THR THR A . n 
A 1 54  THR 54  54  54  THR THR A . n 
A 1 55  ASN 55  55  55  ASN ASN A . n 
A 1 56  GLY 56  56  56  GLY GLY A . n 
A 1 57  CYS 57  57  57  CYS CYS A . n 
A 1 58  MET 58  58  58  MET MET A . n 
A 1 59  SER 59  59  59  SER SER A . n 
A 1 60  THR 60  60  60  THR THR A . n 
A 1 61  GLY 61  61  61  GLY GLY A . n 
A 1 62  ALA 62  62  62  ALA ALA A . n 
A 1 63  HIS 63  63  63  HIS HIS A . n 
A 1 64  PHE 64  64  64  PHE PHE A . n 
A 1 65  ASN 65  65  65  ASN ASN A . n 
A 1 66  PRO 66  66  66  PRO PRO A . n 
A 1 67  ASN 67  67  67  ASN ASN A . n 
A 1 68  LYS 68  68  68  LYS LYS A . n 
A 1 69  LEU 69  69  69  LEU LEU A . n 
A 1 70  THR 70  70  70  THR THR A . n 
A 1 71  HIS 71  71  71  HIS HIS A . n 
A 1 72  GLY 72  72  ?   ?   ?   A . n 
A 1 73  ALA 73  73  ?   ?   ?   A . n 
A 1 74  PRO 74  74  ?   ?   ?   A . n 
A 1 75  GLY 75  75  ?   ?   ?   A . n 
A 1 76  ASP 76  76  ?   ?   ?   A . n 
A 1 77  GLU 77  77  ?   ?   ?   A . n 
A 1 78  ILE 78  78  ?   ?   ?   A . n 
A 1 79  ARG 79  79  ?   ?   ?   A . n 
A 1 80  HIS 80  80  80  HIS HIS A . n 
A 1 81  ALA 81  81  81  ALA ALA A . n 
A 1 82  GLY 82  82  82  GLY GLY A . n 
A 1 83  ASP 83  83  83  ASP ASP A . n 
A 1 84  LEU 84  84  84  LEU LEU A . n 
A 1 85  GLY 85  85  85  GLY GLY A . n 
A 1 86  ASN 86  86  86  ASN ASN A . n 
A 1 87  ILE 87  87  87  ILE ILE A . n 
A 1 88  VAL 88  88  88  VAL VAL A . n 
A 1 89  ALA 89  89  89  ALA ALA A . n 
A 1 90  ASN 90  90  90  ASN ASN A . n 
A 1 91  ALA 91  91  91  ALA ALA A . n 
A 1 92  ASP 92  92  92  ASP ASP A . n 
A 1 93  GLY 93  93  93  GLY GLY A . n 
A 1 94  VAL 94  94  94  VAL VAL A . n 
A 1 95  ALA 95  95  95  ALA ALA A . n 
A 1 96  GLU 96  96  96  GLU GLU A . n 
A 1 97  VAL 97  97  97  VAL VAL A . n 
A 1 98  THR 98  98  98  THR THR A . n 
A 1 99  LEU 99  99  99  LEU LEU A . n 
A 1 100 VAL 100 100 100 VAL VAL A . n 
A 1 101 ASP 101 101 101 ASP ASP A . n 
A 1 102 ASN 102 102 102 ASN ASN A . n 
A 1 103 GLN 103 103 103 GLN GLN A . n 
A 1 104 ILE 104 104 104 ILE ILE A . n 
A 1 105 PRO 105 105 105 PRO PRO A . n 
A 1 106 LEU 106 106 106 LEU LEU A . n 
A 1 107 THR 107 107 107 THR THR A . n 
A 1 108 GLY 108 108 108 GLY GLY A . n 
A 1 109 PRO 109 109 109 PRO PRO A . n 
A 1 110 ASN 110 110 110 ASN ASN A . n 
A 1 111 SER 111 111 111 SER SER A . n 
A 1 112 VAL 112 112 112 VAL VAL A . n 
A 1 113 VAL 113 113 113 VAL VAL A . n 
A 1 114 GLY 114 114 114 GLY GLY A . n 
A 1 115 ARG 115 115 115 ARG ARG A . n 
A 1 116 ALA 116 116 116 ALA ALA A . n 
A 1 117 LEU 117 117 117 LEU LEU A . n 
A 1 118 VAL 118 118 118 VAL VAL A . n 
A 1 119 VAL 119 119 119 VAL VAL A . n 
A 1 120 HIS 120 120 120 HIS HIS A . n 
A 1 121 GLU 121 121 121 GLU GLU A . n 
A 1 122 LEU 122 122 122 LEU LEU A . n 
A 1 123 GLU 123 123 ?   ?   ?   A . n 
A 1 124 ASP 124 124 ?   ?   ?   A . n 
A 1 125 ASP 125 125 ?   ?   ?   A . n 
A 1 126 LEU 126 126 ?   ?   ?   A . n 
A 1 127 GLY 127 127 ?   ?   ?   A . n 
A 1 128 LYS 128 128 ?   ?   ?   A . n 
A 1 129 GLY 129 129 ?   ?   ?   A . n 
A 1 130 GLY 130 130 ?   ?   ?   A . n 
A 1 131 HIS 131 131 ?   ?   ?   A . n 
A 1 132 GLU 132 132 ?   ?   ?   A . n 
A 1 133 LEU 133 133 ?   ?   ?   A . n 
A 1 134 SER 134 134 ?   ?   ?   A . n 
A 1 135 LEU 135 135 ?   ?   ?   A . n 
A 1 136 THR 136 136 ?   ?   ?   A . n 
A 1 137 THR 137 137 ?   ?   ?   A . n 
A 1 138 GLY 138 138 ?   ?   ?   A . n 
A 1 139 ASN 139 139 ?   ?   ?   A . n 
A 1 140 ALA 140 140 ?   ?   ?   A . n 
A 1 141 GLY 141 141 ?   ?   ?   A . n 
A 1 142 GLY 142 142 142 GLY GLY A . n 
A 1 143 ARG 143 143 143 ARG ARG A . n 
A 1 144 LEU 144 144 144 LEU LEU A . n 
A 1 145 ALA 145 145 145 ALA ALA A . n 
A 1 146 CYS 146 146 146 CYS CYS A . n 
A 1 147 GLY 147 147 147 GLY GLY A . n 
A 1 148 VAL 148 148 148 VAL VAL A . n 
A 1 149 VAL 149 149 149 VAL VAL A . n 
A 1 150 GLY 150 150 150 GLY GLY A . n 
A 1 151 LEU 151 151 151 LEU LEU A . n 
A 1 152 THR 152 152 152 THR THR A . n 
A 1 153 PRO 153 153 153 PRO PRO A . n 
A 1 154 ILE 154 154 154 ILE ILE A . n 
# 
loop_
_pdbx_nonpoly_scheme.asym_id 
_pdbx_nonpoly_scheme.entity_id 
_pdbx_nonpoly_scheme.mon_id 
_pdbx_nonpoly_scheme.ndb_seq_num 
_pdbx_nonpoly_scheme.pdb_seq_num 
_pdbx_nonpoly_scheme.auth_seq_num 
_pdbx_nonpoly_scheme.pdb_mon_id 
_pdbx_nonpoly_scheme.auth_mon_id 
_pdbx_nonpoly_scheme.pdb_strand_id 
_pdbx_nonpoly_scheme.pdb_ins_code 
B 2 K   1   155 1   K   K   A . 
C 3 HOH 1   156 156 HOH HOH A . 
C 3 HOH 2   157 157 HOH HOH A . 
C 3 HOH 3   158 158 HOH HOH A . 
C 3 HOH 4   159 159 HOH HOH A . 
C 3 HOH 5   160 160 HOH HOH A . 
C 3 HOH 6   161 161 HOH HOH A . 
C 3 HOH 7   162 162 HOH HOH A . 
C 3 HOH 8   163 163 HOH HOH A . 
C 3 HOH 9   164 1   HOH HOH A . 
C 3 HOH 10  165 2   HOH HOH A . 
C 3 HOH 11  166 3   HOH HOH A . 
C 3 HOH 12  167 4   HOH HOH A . 
C 3 HOH 13  168 5   HOH HOH A . 
C 3 HOH 14  169 6   HOH HOH A . 
C 3 HOH 15  170 7   HOH HOH A . 
C 3 HOH 16  171 8   HOH HOH A . 
C 3 HOH 17  172 9   HOH HOH A . 
C 3 HOH 18  173 10  HOH HOH A . 
C 3 HOH 19  174 11  HOH HOH A . 
C 3 HOH 20  175 12  HOH HOH A . 
C 3 HOH 21  176 13  HOH HOH A . 
C 3 HOH 22  177 14  HOH HOH A . 
C 3 HOH 23  178 15  HOH HOH A . 
C 3 HOH 24  179 16  HOH HOH A . 
C 3 HOH 25  180 17  HOH HOH A . 
C 3 HOH 26  181 18  HOH HOH A . 
C 3 HOH 27  182 19  HOH HOH A . 
C 3 HOH 28  183 20  HOH HOH A . 
C 3 HOH 29  184 21  HOH HOH A . 
C 3 HOH 30  185 22  HOH HOH A . 
C 3 HOH 31  186 23  HOH HOH A . 
C 3 HOH 32  187 24  HOH HOH A . 
C 3 HOH 33  188 25  HOH HOH A . 
C 3 HOH 34  189 26  HOH HOH A . 
C 3 HOH 35  190 27  HOH HOH A . 
C 3 HOH 36  191 28  HOH HOH A . 
C 3 HOH 37  192 29  HOH HOH A . 
C 3 HOH 38  193 30  HOH HOH A . 
C 3 HOH 39  194 31  HOH HOH A . 
C 3 HOH 40  195 32  HOH HOH A . 
C 3 HOH 41  196 33  HOH HOH A . 
C 3 HOH 42  197 34  HOH HOH A . 
C 3 HOH 43  198 35  HOH HOH A . 
C 3 HOH 44  199 36  HOH HOH A . 
C 3 HOH 45  200 37  HOH HOH A . 
C 3 HOH 46  201 38  HOH HOH A . 
C 3 HOH 47  202 39  HOH HOH A . 
C 3 HOH 48  203 40  HOH HOH A . 
C 3 HOH 49  204 41  HOH HOH A . 
C 3 HOH 50  205 42  HOH HOH A . 
C 3 HOH 51  206 43  HOH HOH A . 
C 3 HOH 52  207 44  HOH HOH A . 
C 3 HOH 53  208 45  HOH HOH A . 
C 3 HOH 54  209 46  HOH HOH A . 
C 3 HOH 55  210 47  HOH HOH A . 
C 3 HOH 56  211 48  HOH HOH A . 
C 3 HOH 57  212 49  HOH HOH A . 
C 3 HOH 58  213 50  HOH HOH A . 
C 3 HOH 59  214 51  HOH HOH A . 
C 3 HOH 60  215 52  HOH HOH A . 
C 3 HOH 61  216 53  HOH HOH A . 
C 3 HOH 62  217 54  HOH HOH A . 
C 3 HOH 63  218 55  HOH HOH A . 
C 3 HOH 64  219 56  HOH HOH A . 
C 3 HOH 65  220 57  HOH HOH A . 
C 3 HOH 66  221 58  HOH HOH A . 
C 3 HOH 67  222 59  HOH HOH A . 
C 3 HOH 68  223 60  HOH HOH A . 
C 3 HOH 69  224 61  HOH HOH A . 
C 3 HOH 70  225 62  HOH HOH A . 
C 3 HOH 71  226 63  HOH HOH A . 
C 3 HOH 72  227 64  HOH HOH A . 
C 3 HOH 73  228 65  HOH HOH A . 
C 3 HOH 74  229 66  HOH HOH A . 
C 3 HOH 75  230 67  HOH HOH A . 
C 3 HOH 76  231 68  HOH HOH A . 
C 3 HOH 77  232 69  HOH HOH A . 
C 3 HOH 78  233 70  HOH HOH A . 
C 3 HOH 79  234 71  HOH HOH A . 
C 3 HOH 80  235 72  HOH HOH A . 
C 3 HOH 81  236 73  HOH HOH A . 
C 3 HOH 82  237 74  HOH HOH A . 
C 3 HOH 83  238 75  HOH HOH A . 
C 3 HOH 84  239 76  HOH HOH A . 
C 3 HOH 85  240 77  HOH HOH A . 
C 3 HOH 86  241 78  HOH HOH A . 
C 3 HOH 87  242 79  HOH HOH A . 
C 3 HOH 88  243 80  HOH HOH A . 
C 3 HOH 89  244 81  HOH HOH A . 
C 3 HOH 90  245 82  HOH HOH A . 
C 3 HOH 91  246 83  HOH HOH A . 
C 3 HOH 92  247 84  HOH HOH A . 
C 3 HOH 93  248 85  HOH HOH A . 
C 3 HOH 94  249 86  HOH HOH A . 
C 3 HOH 95  250 87  HOH HOH A . 
C 3 HOH 96  251 88  HOH HOH A . 
C 3 HOH 97  252 89  HOH HOH A . 
C 3 HOH 98  253 90  HOH HOH A . 
C 3 HOH 99  254 91  HOH HOH A . 
C 3 HOH 100 255 92  HOH HOH A . 
C 3 HOH 101 256 93  HOH HOH A . 
C 3 HOH 102 257 94  HOH HOH A . 
C 3 HOH 103 258 95  HOH HOH A . 
C 3 HOH 104 259 96  HOH HOH A . 
C 3 HOH 105 260 97  HOH HOH A . 
C 3 HOH 106 261 98  HOH HOH A . 
C 3 HOH 107 262 99  HOH HOH A . 
C 3 HOH 108 263 100 HOH HOH A . 
C 3 HOH 109 264 101 HOH HOH A . 
C 3 HOH 110 265 102 HOH HOH A . 
C 3 HOH 111 266 103 HOH HOH A . 
C 3 HOH 112 267 104 HOH HOH A . 
C 3 HOH 113 268 105 HOH HOH A . 
C 3 HOH 114 269 106 HOH HOH A . 
C 3 HOH 115 270 107 HOH HOH A . 
C 3 HOH 116 271 108 HOH HOH A . 
C 3 HOH 117 272 109 HOH HOH A . 
C 3 HOH 118 273 110 HOH HOH A . 
C 3 HOH 119 274 111 HOH HOH A . 
C 3 HOH 120 275 112 HOH HOH A . 
C 3 HOH 121 276 113 HOH HOH A . 
C 3 HOH 122 277 114 HOH HOH A . 
C 3 HOH 123 278 115 HOH HOH A . 
C 3 HOH 124 279 116 HOH HOH A . 
C 3 HOH 125 280 117 HOH HOH A . 
C 3 HOH 126 281 118 HOH HOH A . 
C 3 HOH 127 282 119 HOH HOH A . 
C 3 HOH 128 283 120 HOH HOH A . 
C 3 HOH 129 284 121 HOH HOH A . 
C 3 HOH 130 285 122 HOH HOH A . 
C 3 HOH 131 286 123 HOH HOH A . 
C 3 HOH 132 287 124 HOH HOH A . 
C 3 HOH 133 288 125 HOH HOH A . 
C 3 HOH 134 289 126 HOH HOH A . 
C 3 HOH 135 290 127 HOH HOH A . 
C 3 HOH 136 291 128 HOH HOH A . 
C 3 HOH 137 292 129 HOH HOH A . 
C 3 HOH 138 293 130 HOH HOH A . 
C 3 HOH 139 294 131 HOH HOH A . 
C 3 HOH 140 295 132 HOH HOH A . 
C 3 HOH 141 296 133 HOH HOH A . 
C 3 HOH 142 297 134 HOH HOH A . 
C 3 HOH 143 298 135 HOH HOH A . 
C 3 HOH 144 299 136 HOH HOH A . 
C 3 HOH 145 300 137 HOH HOH A . 
C 3 HOH 146 301 138 HOH HOH A . 
C 3 HOH 147 302 139 HOH HOH A . 
C 3 HOH 148 303 140 HOH HOH A . 
C 3 HOH 149 304 141 HOH HOH A . 
C 3 HOH 150 305 142 HOH HOH A . 
C 3 HOH 151 306 143 HOH HOH A . 
C 3 HOH 152 307 144 HOH HOH A . 
C 3 HOH 153 308 145 HOH HOH A . 
C 3 HOH 154 309 146 HOH HOH A . 
C 3 HOH 155 310 147 HOH HOH A . 
C 3 HOH 156 311 148 HOH HOH A . 
C 3 HOH 157 312 149 HOH HOH A . 
C 3 HOH 158 313 150 HOH HOH A . 
C 3 HOH 159 314 151 HOH HOH A . 
C 3 HOH 160 315 152 HOH HOH A . 
C 3 HOH 161 316 153 HOH HOH A . 
C 3 HOH 162 317 154 HOH HOH A . 
C 3 HOH 163 318 155 HOH HOH A . 
# 
loop_
_software.name 
_software.classification 
_software.version 
_software.citation_id 
_software.pdbx_ordinal 
CrystalClear 'data collection' .                        ? 1 
PHASER       phasing           .                        ? 2 
PHENIX       refinement        '(phenix.refine: 1.4_4)' ? 3 
HKL-2000     'data reduction'  .                        ? 4 
HKL-2000     'data scaling'    .                        ? 5 
# 
_cell.entry_id           3HOG 
_cell.length_a           66.835 
_cell.length_b           66.835 
_cell.length_c           70.784 
_cell.angle_alpha        90.00 
_cell.angle_beta         90.00 
_cell.angle_gamma        90.00 
_cell.Z_PDB              8 
_cell.pdbx_unique_axis   ? 
_cell.length_a_esd       ? 
_cell.length_b_esd       ? 
_cell.length_c_esd       ? 
_cell.angle_alpha_esd    ? 
_cell.angle_beta_esd     ? 
_cell.angle_gamma_esd    ? 
# 
_symmetry.entry_id                         3HOG 
_symmetry.space_group_name_H-M             'P 43 21 2' 
_symmetry.pdbx_full_space_group_name_H-M   ? 
_symmetry.cell_setting                     ? 
_symmetry.Int_Tables_number                96 
_symmetry.space_group_name_Hall            ? 
# 
_exptl.entry_id          3HOG 
_exptl.method            'X-RAY DIFFRACTION' 
_exptl.crystals_number   1 
# 
_exptl_crystal.id                    1 
_exptl_crystal.density_meas          ? 
_exptl_crystal.density_Matthews      2.53 
_exptl_crystal.density_percent_sol   51.31 
_exptl_crystal.description           ? 
_exptl_crystal.F_000                 ? 
_exptl_crystal.preparation           ? 
# 
_exptl_crystal_grow.crystal_id      1 
_exptl_crystal_grow.method          'VAPOR DIFFUSION, SITTING DROP' 
_exptl_crystal_grow.temp            298 
_exptl_crystal_grow.temp_details    ? 
_exptl_crystal_grow.pH              ? 
_exptl_crystal_grow.pdbx_details    
'0.056 M Sodium phosphate, 1.344 M potassium phosphate, VAPOR DIFFUSION, SITTING DROP, temperature 298K' 
_exptl_crystal_grow.pdbx_pH_range   ? 
# 
_diffrn.id                     1 
_diffrn.ambient_temp           100 
_diffrn.ambient_temp_details   ? 
_diffrn.crystal_id             1 
# 
_diffrn_detector.diffrn_id              1 
_diffrn_detector.detector               'IMAGE PLATE' 
_diffrn_detector.type                   'RIGAKU RAXIS HTC' 
_diffrn_detector.pdbx_collection_date   2009-05-15 
_diffrn_detector.details                'confocal optics' 
# 
_diffrn_radiation.diffrn_id                        1 
_diffrn_radiation.wavelength_id                    1 
_diffrn_radiation.pdbx_monochromatic_or_laue_m_l   M 
_diffrn_radiation.monochromator                    ? 
_diffrn_radiation.pdbx_diffrn_protocol             'SINGLE WAVELENGTH' 
_diffrn_radiation.pdbx_scattering_type             x-ray 
# 
_diffrn_radiation_wavelength.id           1 
_diffrn_radiation_wavelength.wavelength   1.5418 
_diffrn_radiation_wavelength.wt           1.0 
# 
_diffrn_source.diffrn_id                   1 
_diffrn_source.source                      'ROTATING ANODE' 
_diffrn_source.type                        'RIGAKU MICROMAX-007 HF' 
_diffrn_source.pdbx_synchrotron_site       ? 
_diffrn_source.pdbx_synchrotron_beamline   ? 
_diffrn_source.pdbx_wavelength             ? 
_diffrn_source.pdbx_wavelength_list        1.5418 
# 
_reflns.entry_id                     3HOG 
_reflns.observed_criterion_sigma_I   ? 
_reflns.observed_criterion_sigma_F   ? 
_reflns.d_resolution_low             30.0 
_reflns.d_resolution_high            1.85 
_reflns.number_obs                   13329 
_reflns.number_all                   ? 
_reflns.percent_possible_obs         93.4 
_reflns.pdbx_Rmerge_I_obs            ? 
_reflns.pdbx_Rsym_value              0.055 
_reflns.pdbx_netI_over_sigmaI        30.3 
_reflns.B_iso_Wilson_estimate        26.3 
_reflns.pdbx_redundancy              6.4 
_reflns.R_free_details               ? 
_reflns.limit_h_max                  ? 
_reflns.limit_h_min                  ? 
_reflns.limit_k_max                  ? 
_reflns.limit_k_min                  ? 
_reflns.limit_l_max                  ? 
_reflns.limit_l_min                  ? 
_reflns.observed_criterion_F_max     ? 
_reflns.observed_criterion_F_min     ? 
_reflns.pdbx_chi_squared             ? 
_reflns.pdbx_scaling_rejects         ? 
_reflns.pdbx_ordinal                 1 
_reflns.pdbx_diffrn_id               1 
# 
_reflns_shell.d_res_high             1.85 
_reflns_shell.d_res_low              1.88 
_reflns_shell.percent_possible_all   100.0 
_reflns_shell.Rmerge_I_obs           ? 
_reflns_shell.pdbx_Rsym_value        0.568 
_reflns_shell.meanI_over_sigI_obs    3.3 
_reflns_shell.pdbx_redundancy        6.5 
_reflns_shell.percent_possible_obs   ? 
_reflns_shell.number_unique_all      ? 
_reflns_shell.number_measured_all    ? 
_reflns_shell.number_measured_obs    ? 
_reflns_shell.number_unique_obs      ? 
_reflns_shell.pdbx_chi_squared       ? 
_reflns_shell.pdbx_ordinal           1 
_reflns_shell.pdbx_diffrn_id         1 
# 
_refine.entry_id                                 3HOG 
_refine.ls_number_reflns_obs                     12759 
_refine.ls_number_reflns_all                     ? 
_refine.pdbx_ls_sigma_I                          ? 
_refine.pdbx_ls_sigma_F                          0.07 
_refine.pdbx_data_cutoff_high_absF               ? 
_refine.pdbx_data_cutoff_low_absF                ? 
_refine.pdbx_data_cutoff_high_rms_absF           ? 
_refine.ls_d_res_low                             27.535 
_refine.ls_d_res_high                            1.85 
_refine.ls_percent_reflns_obs                    89.41 
_refine.ls_R_factor_obs                          0.2082 
_refine.ls_R_factor_all                          ? 
_refine.ls_R_factor_R_work                       0.2058 
_refine.ls_R_factor_R_free                       0.2529 
_refine.ls_R_factor_R_free_error                 ? 
_refine.ls_R_factor_R_free_error_details         ? 
_refine.ls_percent_reflns_R_free                 5.09 
_refine.ls_number_reflns_R_free                  650 
_refine.ls_number_parameters                     ? 
_refine.ls_number_restraints                     ? 
_refine.occupancy_min                            ? 
_refine.occupancy_max                            ? 
_refine.correlation_coeff_Fo_to_Fc               ? 
_refine.correlation_coeff_Fo_to_Fc_free          ? 
_refine.B_iso_mean                               29.5 
_refine.aniso_B[1][1]                            -2.0366 
_refine.aniso_B[2][2]                            -2.0366 
_refine.aniso_B[3][3]                            4.0731 
_refine.aniso_B[1][2]                            0.0000 
_refine.aniso_B[1][3]                            0.0000 
_refine.aniso_B[2][3]                            0.0000 
_refine.solvent_model_details                    'FLAT BULK SOLVENT MODEL' 
_refine.solvent_model_param_ksol                 0.356 
_refine.solvent_model_param_bsol                 68.213 
_refine.pdbx_solvent_vdw_probe_radii             1.11 
_refine.pdbx_solvent_ion_probe_radii             ? 
_refine.pdbx_solvent_shrinkage_radii             0.90 
_refine.pdbx_ls_cross_valid_method               THROUGHOUT 
_refine.details                                  ? 
_refine.pdbx_starting_model                      'PDB ENTRY 1AZV' 
_refine.pdbx_method_to_determine_struct          'MOLECULAR REPLACEMENT' 
_refine.pdbx_isotropic_thermal_model             isotropic 
_refine.pdbx_stereochemistry_target_values       ? 
_refine.pdbx_stereochem_target_val_spec_case     ? 
_refine.pdbx_R_Free_selection_details            RANDOM 
_refine.pdbx_overall_ESU_R                       ? 
_refine.pdbx_overall_ESU_R_Free                  ? 
_refine.overall_SU_ML                            1.33 
_refine.overall_SU_B                             ? 
_refine.ls_redundancy_reflns_obs                 ? 
_refine.B_iso_min                                ? 
_refine.B_iso_max                                ? 
_refine.overall_SU_R_Cruickshank_DPI             ? 
_refine.overall_SU_R_free                        ? 
_refine.ls_wR_factor_R_free                      ? 
_refine.ls_wR_factor_R_work                      ? 
_refine.overall_FOM_free_R_set                   ? 
_refine.overall_FOM_work_R_set                   ? 
_refine.pdbx_overall_phase_error                 ? 
_refine.pdbx_refine_id                           'X-RAY DIFFRACTION' 
_refine.pdbx_diffrn_id                           1 
_refine.pdbx_TLS_residual_ADP_flag               ? 
_refine.pdbx_overall_SU_R_free_Cruickshank_DPI   ? 
_refine.pdbx_overall_SU_R_Blow_DPI               ? 
_refine.pdbx_overall_SU_R_free_Blow_DPI          ? 
# 
_refine_hist.pdbx_refine_id                   'X-RAY DIFFRACTION' 
_refine_hist.cycle_id                         LAST 
_refine_hist.pdbx_number_atoms_protein        912 
_refine_hist.pdbx_number_atoms_nucleic_acid   0 
_refine_hist.pdbx_number_atoms_ligand         1 
_refine_hist.number_atoms_solvent             163 
_refine_hist.number_atoms_total               1076 
_refine_hist.d_res_high                       1.85 
_refine_hist.d_res_low                        27.535 
# 
loop_
_refine_ls_restr.type 
_refine_ls_restr.dev_ideal 
_refine_ls_restr.dev_ideal_target 
_refine_ls_restr.weight 
_refine_ls_restr.number 
_refine_ls_restr.pdbx_refine_id 
_refine_ls_restr.pdbx_restraint_function 
f_bond_d    0.010 ? ? ? 'X-RAY DIFFRACTION' ? 
f_angle_deg 1.191 ? ? ? 'X-RAY DIFFRACTION' ? 
# 
loop_
_refine_ls_shell.pdbx_total_number_of_bins_used 
_refine_ls_shell.d_res_high 
_refine_ls_shell.d_res_low 
_refine_ls_shell.number_reflns_R_work 
_refine_ls_shell.R_factor_R_work 
_refine_ls_shell.percent_reflns_obs 
_refine_ls_shell.R_factor_R_free 
_refine_ls_shell.R_factor_R_free_error 
_refine_ls_shell.percent_reflns_R_free 
_refine_ls_shell.number_reflns_R_free 
_refine_ls_shell.number_reflns_all 
_refine_ls_shell.R_factor_all 
_refine_ls_shell.number_reflns_obs 
_refine_ls_shell.redundancy_reflns_obs 
_refine_ls_shell.pdbx_refine_id 
. 1.85   1.9911  2295 0.2512 87.00 0.3121 . . 129 . . . . 'X-RAY DIFFRACTION' 
. 1.9911 2.1914  2559 0.1950 97.00 0.2226 . . 137 . . . . 'X-RAY DIFFRACTION' 
. 2.1914 2.5083  2161 0.2033 81.00 0.2906 . . 114 . . . . 'X-RAY DIFFRACTION' 
. 2.5083 3.1595  2684 0.2108 99.00 0.2507 . . 142 . . . . 'X-RAY DIFFRACTION' 
. 3.1595 27.5383 2410 0.1972 84.00 0.2387 . . 128 . . . . 'X-RAY DIFFRACTION' 
# 
_struct.entry_id                  3HOG 
_struct.title                     'Metal-free Tomato Chloroplast Superoxide Dismutase' 
_struct.pdbx_model_details        ? 
_struct.pdbx_CASP_flag            ? 
_struct.pdbx_model_type_details   ? 
# 
_struct_keywords.entry_id        3HOG 
_struct_keywords.pdbx_keywords   OXIDOREDUCTASE 
_struct_keywords.text            
'Oxidoreductase, Tomato Cu, Zn Superoxide Dismutase, antioxidant, Metal-Binding, Chloroplast, Disulfide bond, Transit peptide' 
# 
loop_
_struct_asym.id 
_struct_asym.pdbx_blank_PDB_chainid_flag 
_struct_asym.pdbx_modified 
_struct_asym.entity_id 
_struct_asym.details 
A N N 1 ? 
B N N 2 ? 
C N N 3 ? 
# 
_struct_ref.id                         1 
_struct_ref.db_name                    UNP 
_struct_ref.db_code                    SODCP_SOLLC 
_struct_ref.pdbx_db_accession          P14831 
_struct_ref.entity_id                  1 
_struct_ref.pdbx_seq_one_letter_code   
;ATKKAVAVLKGNSNVEGVVTLSQDDDGPTTVNVRITGLAPGLHGFHLHEYGDTTNGCMSTGAHFNPNKLTHGAPGDEIRH
AGDLGNIVANADGVAEVTLVDNQIPLTGPNSVVGRALVVHELEDDLGKGGHELSLTTGNAGGRLACGVVGLTPI
;
_struct_ref.pdbx_align_begin           64 
_struct_ref.pdbx_db_isoform            ? 
# 
_struct_ref_seq.align_id                      1 
_struct_ref_seq.ref_id                        1 
_struct_ref_seq.pdbx_PDB_id_code              3HOG 
_struct_ref_seq.pdbx_strand_id                A 
_struct_ref_seq.seq_align_beg                 1 
_struct_ref_seq.pdbx_seq_align_beg_ins_code   ? 
_struct_ref_seq.seq_align_end                 154 
_struct_ref_seq.pdbx_seq_align_end_ins_code   ? 
_struct_ref_seq.pdbx_db_accession             P14831 
_struct_ref_seq.db_align_beg                  64 
_struct_ref_seq.pdbx_db_align_beg_ins_code    ? 
_struct_ref_seq.db_align_end                  217 
_struct_ref_seq.pdbx_db_align_end_ins_code    ? 
_struct_ref_seq.pdbx_auth_seq_align_beg       1 
_struct_ref_seq.pdbx_auth_seq_align_end       154 
# 
_pdbx_struct_assembly.id                   1 
_pdbx_struct_assembly.details              author_and_software_defined_assembly 
_pdbx_struct_assembly.method_details       PISA 
_pdbx_struct_assembly.oligomeric_details   dimeric 
_pdbx_struct_assembly.oligomeric_count     2 
# 
loop_
_pdbx_struct_assembly_prop.biol_id 
_pdbx_struct_assembly_prop.type 
_pdbx_struct_assembly_prop.value 
_pdbx_struct_assembly_prop.details 
1 'ABSA (A^2)' 1850  ? 
1 MORE         -10   ? 
1 'SSA (A^2)'  12070 ? 
# 
_pdbx_struct_assembly_gen.assembly_id       1 
_pdbx_struct_assembly_gen.oper_expression   1,2 
_pdbx_struct_assembly_gen.asym_id_list      A,B,C 
# 
loop_
_pdbx_struct_oper_list.id 
_pdbx_struct_oper_list.type 
_pdbx_struct_oper_list.name 
_pdbx_struct_oper_list.symmetry_operation 
_pdbx_struct_oper_list.matrix[1][1] 
_pdbx_struct_oper_list.matrix[1][2] 
_pdbx_struct_oper_list.matrix[1][3] 
_pdbx_struct_oper_list.vector[1] 
_pdbx_struct_oper_list.matrix[2][1] 
_pdbx_struct_oper_list.matrix[2][2] 
_pdbx_struct_oper_list.matrix[2][3] 
_pdbx_struct_oper_list.vector[2] 
_pdbx_struct_oper_list.matrix[3][1] 
_pdbx_struct_oper_list.matrix[3][2] 
_pdbx_struct_oper_list.matrix[3][3] 
_pdbx_struct_oper_list.vector[3] 
1 'identity operation'         1_555 x,y,z  1.0000000000  0.0000000000 0.0000000000  0.0000000000   0.0000000000 1.0000000000 0.0000000000  0.0000000000 0.0000000000  0.0000000000  1.0000000000  0.0000000000 
2 'crystal symmetry operation' 7_555 y,x,-z -0.8647586442 0.4927159417 -0.0970746524 -21.9279276421 0.4927159417 0.7950796020 -0.3536656999 6.4439055704 -0.0970746524 -0.3536656999 -0.9303209578 2.1576418903 
# 
_struct_biol.id        1 
_struct_biol.details   ? 
# 
_struct_conf.conf_type_id            HELX_P 
_struct_conf.id                      HELX_P1 
_struct_conf.pdbx_PDB_helix_id       1 
_struct_conf.beg_label_comp_id       ASN 
_struct_conf.beg_label_asym_id       A 
_struct_conf.beg_label_seq_id        55 
_struct_conf.pdbx_beg_PDB_ins_code   ? 
_struct_conf.end_label_comp_id       GLY 
_struct_conf.end_label_asym_id       A 
_struct_conf.end_label_seq_id        61 
_struct_conf.pdbx_end_PDB_ins_code   ? 
_struct_conf.beg_auth_comp_id        ASN 
_struct_conf.beg_auth_asym_id        A 
_struct_conf.beg_auth_seq_id         55 
_struct_conf.end_auth_comp_id        GLY 
_struct_conf.end_auth_asym_id        A 
_struct_conf.end_auth_seq_id         61 
_struct_conf.pdbx_PDB_helix_class    5 
_struct_conf.details                 ? 
_struct_conf.pdbx_PDB_helix_length   7 
# 
_struct_conf_type.id          HELX_P 
_struct_conf_type.criteria    ? 
_struct_conf_type.reference   ? 
# 
loop_
_struct_conn.id 
_struct_conn.conn_type_id 
_struct_conn.pdbx_leaving_atom_flag 
_struct_conn.pdbx_PDB_id 
_struct_conn.ptnr1_label_asym_id 
_struct_conn.ptnr1_label_comp_id 
_struct_conn.ptnr1_label_seq_id 
_struct_conn.ptnr1_label_atom_id 
_struct_conn.pdbx_ptnr1_label_alt_id 
_struct_conn.pdbx_ptnr1_PDB_ins_code 
_struct_conn.pdbx_ptnr1_standard_comp_id 
_struct_conn.ptnr1_symmetry 
_struct_conn.ptnr2_label_asym_id 
_struct_conn.ptnr2_label_comp_id 
_struct_conn.ptnr2_label_seq_id 
_struct_conn.ptnr2_label_atom_id 
_struct_conn.pdbx_ptnr2_label_alt_id 
_struct_conn.pdbx_ptnr2_PDB_ins_code 
_struct_conn.ptnr1_auth_asym_id 
_struct_conn.ptnr1_auth_comp_id 
_struct_conn.ptnr1_auth_seq_id 
_struct_conn.ptnr2_auth_asym_id 
_struct_conn.ptnr2_auth_comp_id 
_struct_conn.ptnr2_auth_seq_id 
_struct_conn.ptnr2_symmetry 
_struct_conn.pdbx_ptnr3_label_atom_id 
_struct_conn.pdbx_ptnr3_label_seq_id 
_struct_conn.pdbx_ptnr3_label_comp_id 
_struct_conn.pdbx_ptnr3_label_asym_id 
_struct_conn.pdbx_ptnr3_label_alt_id 
_struct_conn.pdbx_ptnr3_PDB_ins_code 
_struct_conn.details 
_struct_conn.pdbx_dist_value 
_struct_conn.pdbx_value_order 
_struct_conn.pdbx_role 
disulf1 disulf ? ? A CYS 57  SG  ? ? ? 1_555 A CYS 146 SG ? ? A CYS 57  A CYS 146 1_555 ? ? ? ? ? ? ? 2.060 ? ? 
metalc1 metalc ? ? A ASP 26  O   ? ? ? 1_555 B K   .   K  ? ? A ASP 26  A K   155 1_555 ? ? ? ? ? ? ? 2.940 ? ? 
metalc2 metalc ? ? A GLY 27  O   ? ? ? 1_555 B K   .   K  ? ? A GLY 27  A K   155 1_555 ? ? ? ? ? ? ? 3.028 ? ? 
metalc3 metalc ? ? A ASN 102 O   ? ? ? 1_555 B K   .   K  ? ? A ASN 102 A K   155 1_555 ? ? ? ? ? ? ? 3.170 ? ? 
metalc4 metalc ? ? A ASN 102 OD1 ? ? ? 1_555 B K   .   K  ? ? A ASN 102 A K   155 1_555 ? ? ? ? ? ? ? 3.494 ? ? 
metalc5 metalc ? ? B K   .   K   ? ? ? 1_555 C HOH .   O  ? ? A K   155 A HOH 168 1_555 ? ? ? ? ? ? ? 3.096 ? ? 
metalc6 metalc ? ? B K   .   K   ? ? ? 1_555 C HOH .   O  ? ? A K   155 A HOH 172 1_555 ? ? ? ? ? ? ? 3.209 ? ? 
metalc7 metalc ? ? B K   .   K   ? ? ? 1_555 C HOH .   O  ? ? A K   155 A HOH 257 1_555 ? ? ? ? ? ? ? 3.347 ? ? 
# 
loop_
_struct_conn_type.id 
_struct_conn_type.criteria 
_struct_conn_type.reference 
disulf ? ? 
metalc ? ? 
# 
loop_
_pdbx_struct_conn_angle.id 
_pdbx_struct_conn_angle.ptnr1_label_atom_id 
_pdbx_struct_conn_angle.ptnr1_label_alt_id 
_pdbx_struct_conn_angle.ptnr1_label_asym_id 
_pdbx_struct_conn_angle.ptnr1_label_comp_id 
_pdbx_struct_conn_angle.ptnr1_label_seq_id 
_pdbx_struct_conn_angle.ptnr1_auth_atom_id 
_pdbx_struct_conn_angle.ptnr1_auth_asym_id 
_pdbx_struct_conn_angle.ptnr1_auth_comp_id 
_pdbx_struct_conn_angle.ptnr1_auth_seq_id 
_pdbx_struct_conn_angle.ptnr1_PDB_ins_code 
_pdbx_struct_conn_angle.ptnr1_symmetry 
_pdbx_struct_conn_angle.ptnr2_label_atom_id 
_pdbx_struct_conn_angle.ptnr2_label_alt_id 
_pdbx_struct_conn_angle.ptnr2_label_asym_id 
_pdbx_struct_conn_angle.ptnr2_label_comp_id 
_pdbx_struct_conn_angle.ptnr2_label_seq_id 
_pdbx_struct_conn_angle.ptnr2_auth_atom_id 
_pdbx_struct_conn_angle.ptnr2_auth_asym_id 
_pdbx_struct_conn_angle.ptnr2_auth_comp_id 
_pdbx_struct_conn_angle.ptnr2_auth_seq_id 
_pdbx_struct_conn_angle.ptnr2_PDB_ins_code 
_pdbx_struct_conn_angle.ptnr2_symmetry 
_pdbx_struct_conn_angle.ptnr3_label_atom_id 
_pdbx_struct_conn_angle.ptnr3_label_alt_id 
_pdbx_struct_conn_angle.ptnr3_label_asym_id 
_pdbx_struct_conn_angle.ptnr3_label_comp_id 
_pdbx_struct_conn_angle.ptnr3_label_seq_id 
_pdbx_struct_conn_angle.ptnr3_auth_atom_id 
_pdbx_struct_conn_angle.ptnr3_auth_asym_id 
_pdbx_struct_conn_angle.ptnr3_auth_comp_id 
_pdbx_struct_conn_angle.ptnr3_auth_seq_id 
_pdbx_struct_conn_angle.ptnr3_PDB_ins_code 
_pdbx_struct_conn_angle.ptnr3_symmetry 
_pdbx_struct_conn_angle.value 
_pdbx_struct_conn_angle.value_esd 
1  O   ? A ASP 26  ? A ASP 26  ? 1_555 K ? B K . ? A K 155 ? 1_555 O   ? A GLY 27  ? A GLY 27  ? 1_555 65.1  ? 
2  O   ? A ASP 26  ? A ASP 26  ? 1_555 K ? B K . ? A K 155 ? 1_555 O   ? A ASN 102 ? A ASN 102 ? 1_555 159.5 ? 
3  O   ? A GLY 27  ? A GLY 27  ? 1_555 K ? B K . ? A K 155 ? 1_555 O   ? A ASN 102 ? A ASN 102 ? 1_555 133.6 ? 
4  O   ? A ASP 26  ? A ASP 26  ? 1_555 K ? B K . ? A K 155 ? 1_555 OD1 ? A ASN 102 ? A ASN 102 ? 1_555 107.0 ? 
5  O   ? A GLY 27  ? A GLY 27  ? 1_555 K ? B K . ? A K 155 ? 1_555 OD1 ? A ASN 102 ? A ASN 102 ? 1_555 85.2  ? 
6  O   ? A ASN 102 ? A ASN 102 ? 1_555 K ? B K . ? A K 155 ? 1_555 OD1 ? A ASN 102 ? A ASN 102 ? 1_555 71.3  ? 
7  O   ? A ASP 26  ? A ASP 26  ? 1_555 K ? B K . ? A K 155 ? 1_555 O   ? C HOH .   ? A HOH 168 ? 1_555 124.5 ? 
8  O   ? A GLY 27  ? A GLY 27  ? 1_555 K ? B K . ? A K 155 ? 1_555 O   ? C HOH .   ? A HOH 168 ? 1_555 67.7  ? 
9  O   ? A ASN 102 ? A ASN 102 ? 1_555 K ? B K . ? A K 155 ? 1_555 O   ? C HOH .   ? A HOH 168 ? 1_555 75.6  ? 
10 OD1 ? A ASN 102 ? A ASN 102 ? 1_555 K ? B K . ? A K 155 ? 1_555 O   ? C HOH .   ? A HOH 168 ? 1_555 96.3  ? 
11 O   ? A ASP 26  ? A ASP 26  ? 1_555 K ? B K . ? A K 155 ? 1_555 O   ? C HOH .   ? A HOH 172 ? 1_555 90.2  ? 
12 O   ? A GLY 27  ? A GLY 27  ? 1_555 K ? B K . ? A K 155 ? 1_555 O   ? C HOH .   ? A HOH 172 ? 1_555 100.8 ? 
13 O   ? A ASN 102 ? A ASN 102 ? 1_555 K ? B K . ? A K 155 ? 1_555 O   ? C HOH .   ? A HOH 172 ? 1_555 93.2  ? 
14 OD1 ? A ASN 102 ? A ASN 102 ? 1_555 K ? B K . ? A K 155 ? 1_555 O   ? C HOH .   ? A HOH 172 ? 1_555 162.6 ? 
15 O   ? C HOH .   ? A HOH 168 ? 1_555 K ? B K . ? A K 155 ? 1_555 O   ? C HOH .   ? A HOH 172 ? 1_555 71.6  ? 
16 O   ? A ASP 26  ? A ASP 26  ? 1_555 K ? B K . ? A K 155 ? 1_555 O   ? C HOH .   ? A HOH 257 ? 1_555 75.5  ? 
17 O   ? A GLY 27  ? A GLY 27  ? 1_555 K ? B K . ? A K 155 ? 1_555 O   ? C HOH .   ? A HOH 257 ? 1_555 140.6 ? 
18 O   ? A ASN 102 ? A ASN 102 ? 1_555 K ? B K . ? A K 155 ? 1_555 O   ? C HOH .   ? A HOH 257 ? 1_555 85.0  ? 
19 OD1 ? A ASN 102 ? A ASN 102 ? 1_555 K ? B K . ? A K 155 ? 1_555 O   ? C HOH .   ? A HOH 257 ? 1_555 104.8 ? 
20 O   ? C HOH .   ? A HOH 168 ? 1_555 K ? B K . ? A K 155 ? 1_555 O   ? C HOH .   ? A HOH 257 ? 1_555 145.1 ? 
21 O   ? C HOH .   ? A HOH 172 ? 1_555 K ? B K . ? A K 155 ? 1_555 O   ? C HOH .   ? A HOH 257 ? 1_555 81.0  ? 
# 
_pdbx_modification_feature.ordinal                            1 
_pdbx_modification_feature.label_comp_id                      CYS 
_pdbx_modification_feature.label_asym_id                      A 
_pdbx_modification_feature.label_seq_id                       57 
_pdbx_modification_feature.label_alt_id                       ? 
_pdbx_modification_feature.modified_residue_label_comp_id     CYS 
_pdbx_modification_feature.modified_residue_label_asym_id     A 
_pdbx_modification_feature.modified_residue_label_seq_id      146 
_pdbx_modification_feature.modified_residue_label_alt_id      ? 
_pdbx_modification_feature.auth_comp_id                       CYS 
_pdbx_modification_feature.auth_asym_id                       A 
_pdbx_modification_feature.auth_seq_id                        57 
_pdbx_modification_feature.PDB_ins_code                       ? 
_pdbx_modification_feature.symmetry                           1_555 
_pdbx_modification_feature.modified_residue_auth_comp_id      CYS 
_pdbx_modification_feature.modified_residue_auth_asym_id      A 
_pdbx_modification_feature.modified_residue_auth_seq_id       146 
_pdbx_modification_feature.modified_residue_PDB_ins_code      ? 
_pdbx_modification_feature.modified_residue_symmetry          1_555 
_pdbx_modification_feature.comp_id_linking_atom               SG 
_pdbx_modification_feature.modified_residue_id_linking_atom   SG 
_pdbx_modification_feature.modified_residue_id                . 
_pdbx_modification_feature.ref_pcm_id                         . 
_pdbx_modification_feature.ref_comp_id                        . 
_pdbx_modification_feature.type                               None 
_pdbx_modification_feature.category                           'Disulfide bridge' 
# 
loop_
_struct_sheet.id 
_struct_sheet.type 
_struct_sheet.number_strands 
_struct_sheet.details 
A ? 5 ? 
B ? 4 ? 
# 
loop_
_struct_sheet_order.sheet_id 
_struct_sheet_order.range_id_1 
_struct_sheet_order.range_id_2 
_struct_sheet_order.offset 
_struct_sheet_order.sense 
A 1 2 ? anti-parallel 
A 2 3 ? anti-parallel 
A 3 4 ? anti-parallel 
A 4 5 ? anti-parallel 
B 1 2 ? anti-parallel 
B 2 3 ? anti-parallel 
B 3 4 ? anti-parallel 
# 
loop_
_struct_sheet_range.sheet_id 
_struct_sheet_range.id 
_struct_sheet_range.beg_label_comp_id 
_struct_sheet_range.beg_label_asym_id 
_struct_sheet_range.beg_label_seq_id 
_struct_sheet_range.pdbx_beg_PDB_ins_code 
_struct_sheet_range.end_label_comp_id 
_struct_sheet_range.end_label_asym_id 
_struct_sheet_range.end_label_seq_id 
_struct_sheet_range.pdbx_end_PDB_ins_code 
_struct_sheet_range.beg_auth_comp_id 
_struct_sheet_range.beg_auth_asym_id 
_struct_sheet_range.beg_auth_seq_id 
_struct_sheet_range.end_auth_comp_id 
_struct_sheet_range.end_auth_asym_id 
_struct_sheet_range.end_auth_seq_id 
A 1 ALA A 95  ? ASP A 101 ? ALA A 95  ASP A 101 
A 2 THR A 29  ? THR A 36  ? THR A 29  THR A 36  
A 3 GLU A 16  ? GLN A 23  ? GLU A 16  GLN A 23  
A 4 LYS A 3   ? LYS A 10  ? LYS A 3   LYS A 10  
A 5 GLY A 150 ? LEU A 151 ? GLY A 150 LEU A 151 
B 1 ILE A 87  ? ALA A 89  ? ILE A 87  ALA A 89  
B 2 GLY A 41  ? HIS A 48  ? GLY A 41  HIS A 48  
B 3 ALA A 116 ? GLU A 121 ? ALA A 116 GLU A 121 
B 4 ARG A 143 ? VAL A 148 ? ARG A 143 VAL A 148 
# 
loop_
_pdbx_struct_sheet_hbond.sheet_id 
_pdbx_struct_sheet_hbond.range_id_1 
_pdbx_struct_sheet_hbond.range_id_2 
_pdbx_struct_sheet_hbond.range_1_label_atom_id 
_pdbx_struct_sheet_hbond.range_1_label_comp_id 
_pdbx_struct_sheet_hbond.range_1_label_asym_id 
_pdbx_struct_sheet_hbond.range_1_label_seq_id 
_pdbx_struct_sheet_hbond.range_1_PDB_ins_code 
_pdbx_struct_sheet_hbond.range_1_auth_atom_id 
_pdbx_struct_sheet_hbond.range_1_auth_comp_id 
_pdbx_struct_sheet_hbond.range_1_auth_asym_id 
_pdbx_struct_sheet_hbond.range_1_auth_seq_id 
_pdbx_struct_sheet_hbond.range_2_label_atom_id 
_pdbx_struct_sheet_hbond.range_2_label_comp_id 
_pdbx_struct_sheet_hbond.range_2_label_asym_id 
_pdbx_struct_sheet_hbond.range_2_label_seq_id 
_pdbx_struct_sheet_hbond.range_2_PDB_ins_code 
_pdbx_struct_sheet_hbond.range_2_auth_atom_id 
_pdbx_struct_sheet_hbond.range_2_auth_comp_id 
_pdbx_struct_sheet_hbond.range_2_auth_asym_id 
_pdbx_struct_sheet_hbond.range_2_auth_seq_id 
A 1 2 O LEU A 99  ? O LEU A 99  N VAL A 31  ? N VAL A 31  
A 2 3 O THR A 36  ? O THR A 36  N GLU A 16  ? N GLU A 16  
A 3 4 O GLY A 17  ? O GLY A 17  N LEU A 9   ? N LEU A 9   
A 4 5 N VAL A 6   ? N VAL A 6   O GLY A 150 ? O GLY A 150 
B 1 2 O ALA A 89  ? O ALA A 89  N GLY A 41  ? N GLY A 41  
B 2 3 N HIS A 48  ? N HIS A 48  O ALA A 116 ? O ALA A 116 
B 3 4 N VAL A 119 ? N VAL A 119 O ALA A 145 ? O ALA A 145 
# 
_struct_site.id                   AC1 
_struct_site.pdbx_evidence_code   Software 
_struct_site.pdbx_auth_asym_id    A 
_struct_site.pdbx_auth_comp_id    K 
_struct_site.pdbx_auth_seq_id     155 
_struct_site.pdbx_auth_ins_code   ? 
_struct_site.pdbx_num_residues    4 
_struct_site.details              'BINDING SITE FOR RESIDUE K A 155' 
# 
loop_
_struct_site_gen.id 
_struct_site_gen.site_id 
_struct_site_gen.pdbx_num_res 
_struct_site_gen.label_comp_id 
_struct_site_gen.label_asym_id 
_struct_site_gen.label_seq_id 
_struct_site_gen.pdbx_auth_ins_code 
_struct_site_gen.auth_comp_id 
_struct_site_gen.auth_asym_id 
_struct_site_gen.auth_seq_id 
_struct_site_gen.label_atom_id 
_struct_site_gen.label_alt_id 
_struct_site_gen.symmetry 
_struct_site_gen.details 
1 AC1 4 ASP A 26  ? ASP A 26  . ? 1_555 ? 
2 AC1 4 GLY A 27  ? GLY A 27  . ? 1_555 ? 
3 AC1 4 ASN A 102 ? ASN A 102 . ? 1_555 ? 
4 AC1 4 HOH C .   ? HOH A 168 . ? 1_555 ? 
# 
_pdbx_entry_details.entry_id                   3HOG 
_pdbx_entry_details.compound_details           ? 
_pdbx_entry_details.source_details             ? 
_pdbx_entry_details.nonpolymer_details         ? 
_pdbx_entry_details.sequence_details           ? 
_pdbx_entry_details.has_ligand_of_interest     ? 
_pdbx_entry_details.has_protein_modification   Y 
# 
loop_
_pdbx_validate_torsion.id 
_pdbx_validate_torsion.PDB_model_num 
_pdbx_validate_torsion.auth_comp_id 
_pdbx_validate_torsion.auth_asym_id 
_pdbx_validate_torsion.auth_seq_id 
_pdbx_validate_torsion.PDB_ins_code 
_pdbx_validate_torsion.label_alt_id 
_pdbx_validate_torsion.phi 
_pdbx_validate_torsion.psi 
1 1 THR A 2   ? ? -23.76  -31.04  
2 1 SER A 13  ? ? -165.66 -169.99 
3 1 ASP A 25  ? ? 54.75   -116.57 
4 1 GLN A 103 ? ? -141.53 43.61   
5 1 ARG A 115 ? ? -101.46 -159.51 
# 
_pdbx_struct_special_symmetry.id              1 
_pdbx_struct_special_symmetry.PDB_model_num   1 
_pdbx_struct_special_symmetry.auth_asym_id    A 
_pdbx_struct_special_symmetry.auth_comp_id    HOH 
_pdbx_struct_special_symmetry.auth_seq_id     186 
_pdbx_struct_special_symmetry.PDB_ins_code    ? 
_pdbx_struct_special_symmetry.label_asym_id   C 
_pdbx_struct_special_symmetry.label_comp_id   HOH 
_pdbx_struct_special_symmetry.label_seq_id    . 
# 
loop_
_pdbx_unobs_or_zero_occ_residues.id 
_pdbx_unobs_or_zero_occ_residues.PDB_model_num 
_pdbx_unobs_or_zero_occ_residues.polymer_flag 
_pdbx_unobs_or_zero_occ_residues.occupancy_flag 
_pdbx_unobs_or_zero_occ_residues.auth_asym_id 
_pdbx_unobs_or_zero_occ_residues.auth_comp_id 
_pdbx_unobs_or_zero_occ_residues.auth_seq_id 
_pdbx_unobs_or_zero_occ_residues.PDB_ins_code 
_pdbx_unobs_or_zero_occ_residues.label_asym_id 
_pdbx_unobs_or_zero_occ_residues.label_comp_id 
_pdbx_unobs_or_zero_occ_residues.label_seq_id 
1  1 Y 1 A GLY 72  ? A GLY 72  
2  1 Y 1 A ALA 73  ? A ALA 73  
3  1 Y 1 A PRO 74  ? A PRO 74  
4  1 Y 1 A GLY 75  ? A GLY 75  
5  1 Y 1 A ASP 76  ? A ASP 76  
6  1 Y 1 A GLU 77  ? A GLU 77  
7  1 Y 1 A ILE 78  ? A ILE 78  
8  1 Y 1 A ARG 79  ? A ARG 79  
9  1 Y 1 A GLU 123 ? A GLU 123 
10 1 Y 1 A ASP 124 ? A ASP 124 
11 1 Y 1 A ASP 125 ? A ASP 125 
12 1 Y 1 A LEU 126 ? A LEU 126 
13 1 Y 1 A GLY 127 ? A GLY 127 
14 1 Y 1 A LYS 128 ? A LYS 128 
15 1 Y 1 A GLY 129 ? A GLY 129 
16 1 Y 1 A GLY 130 ? A GLY 130 
17 1 Y 1 A HIS 131 ? A HIS 131 
18 1 Y 1 A GLU 132 ? A GLU 132 
19 1 Y 1 A LEU 133 ? A LEU 133 
20 1 Y 1 A SER 134 ? A SER 134 
21 1 Y 1 A LEU 135 ? A LEU 135 
22 1 Y 1 A THR 136 ? A THR 136 
23 1 Y 1 A THR 137 ? A THR 137 
24 1 Y 1 A GLY 138 ? A GLY 138 
25 1 Y 1 A ASN 139 ? A ASN 139 
26 1 Y 1 A ALA 140 ? A ALA 140 
27 1 Y 1 A GLY 141 ? A GLY 141 
# 
loop_
_chem_comp_atom.comp_id 
_chem_comp_atom.atom_id 
_chem_comp_atom.type_symbol 
_chem_comp_atom.pdbx_aromatic_flag 
_chem_comp_atom.pdbx_stereo_config 
_chem_comp_atom.pdbx_ordinal 
ALA N    N N N 1   
ALA CA   C N S 2   
ALA C    C N N 3   
ALA O    O N N 4   
ALA CB   C N N 5   
ALA OXT  O N N 6   
ALA H    H N N 7   
ALA H2   H N N 8   
ALA HA   H N N 9   
ALA HB1  H N N 10  
ALA HB2  H N N 11  
ALA HB3  H N N 12  
ALA HXT  H N N 13  
ARG N    N N N 14  
ARG CA   C N S 15  
ARG C    C N N 16  
ARG O    O N N 17  
ARG CB   C N N 18  
ARG CG   C N N 19  
ARG CD   C N N 20  
ARG NE   N N N 21  
ARG CZ   C N N 22  
ARG NH1  N N N 23  
ARG NH2  N N N 24  
ARG OXT  O N N 25  
ARG H    H N N 26  
ARG H2   H N N 27  
ARG HA   H N N 28  
ARG HB2  H N N 29  
ARG HB3  H N N 30  
ARG HG2  H N N 31  
ARG HG3  H N N 32  
ARG HD2  H N N 33  
ARG HD3  H N N 34  
ARG HE   H N N 35  
ARG HH11 H N N 36  
ARG HH12 H N N 37  
ARG HH21 H N N 38  
ARG HH22 H N N 39  
ARG HXT  H N N 40  
ASN N    N N N 41  
ASN CA   C N S 42  
ASN C    C N N 43  
ASN O    O N N 44  
ASN CB   C N N 45  
ASN CG   C N N 46  
ASN OD1  O N N 47  
ASN ND2  N N N 48  
ASN OXT  O N N 49  
ASN H    H N N 50  
ASN H2   H N N 51  
ASN HA   H N N 52  
ASN HB2  H N N 53  
ASN HB3  H N N 54  
ASN HD21 H N N 55  
ASN HD22 H N N 56  
ASN HXT  H N N 57  
ASP N    N N N 58  
ASP CA   C N S 59  
ASP C    C N N 60  
ASP O    O N N 61  
ASP CB   C N N 62  
ASP CG   C N N 63  
ASP OD1  O N N 64  
ASP OD2  O N N 65  
ASP OXT  O N N 66  
ASP H    H N N 67  
ASP H2   H N N 68  
ASP HA   H N N 69  
ASP HB2  H N N 70  
ASP HB3  H N N 71  
ASP HD2  H N N 72  
ASP HXT  H N N 73  
CYS N    N N N 74  
CYS CA   C N R 75  
CYS C    C N N 76  
CYS O    O N N 77  
CYS CB   C N N 78  
CYS SG   S N N 79  
CYS OXT  O N N 80  
CYS H    H N N 81  
CYS H2   H N N 82  
CYS HA   H N N 83  
CYS HB2  H N N 84  
CYS HB3  H N N 85  
CYS HG   H N N 86  
CYS HXT  H N N 87  
GLN N    N N N 88  
GLN CA   C N S 89  
GLN C    C N N 90  
GLN O    O N N 91  
GLN CB   C N N 92  
GLN CG   C N N 93  
GLN CD   C N N 94  
GLN OE1  O N N 95  
GLN NE2  N N N 96  
GLN OXT  O N N 97  
GLN H    H N N 98  
GLN H2   H N N 99  
GLN HA   H N N 100 
GLN HB2  H N N 101 
GLN HB3  H N N 102 
GLN HG2  H N N 103 
GLN HG3  H N N 104 
GLN HE21 H N N 105 
GLN HE22 H N N 106 
GLN HXT  H N N 107 
GLU N    N N N 108 
GLU CA   C N S 109 
GLU C    C N N 110 
GLU O    O N N 111 
GLU CB   C N N 112 
GLU CG   C N N 113 
GLU CD   C N N 114 
GLU OE1  O N N 115 
GLU OE2  O N N 116 
GLU OXT  O N N 117 
GLU H    H N N 118 
GLU H2   H N N 119 
GLU HA   H N N 120 
GLU HB2  H N N 121 
GLU HB3  H N N 122 
GLU HG2  H N N 123 
GLU HG3  H N N 124 
GLU HE2  H N N 125 
GLU HXT  H N N 126 
GLY N    N N N 127 
GLY CA   C N N 128 
GLY C    C N N 129 
GLY O    O N N 130 
GLY OXT  O N N 131 
GLY H    H N N 132 
GLY H2   H N N 133 
GLY HA2  H N N 134 
GLY HA3  H N N 135 
GLY HXT  H N N 136 
HIS N    N N N 137 
HIS CA   C N S 138 
HIS C    C N N 139 
HIS O    O N N 140 
HIS CB   C N N 141 
HIS CG   C Y N 142 
HIS ND1  N Y N 143 
HIS CD2  C Y N 144 
HIS CE1  C Y N 145 
HIS NE2  N Y N 146 
HIS OXT  O N N 147 
HIS H    H N N 148 
HIS H2   H N N 149 
HIS HA   H N N 150 
HIS HB2  H N N 151 
HIS HB3  H N N 152 
HIS HD1  H N N 153 
HIS HD2  H N N 154 
HIS HE1  H N N 155 
HIS HE2  H N N 156 
HIS HXT  H N N 157 
HOH O    O N N 158 
HOH H1   H N N 159 
HOH H2   H N N 160 
ILE N    N N N 161 
ILE CA   C N S 162 
ILE C    C N N 163 
ILE O    O N N 164 
ILE CB   C N S 165 
ILE CG1  C N N 166 
ILE CG2  C N N 167 
ILE CD1  C N N 168 
ILE OXT  O N N 169 
ILE H    H N N 170 
ILE H2   H N N 171 
ILE HA   H N N 172 
ILE HB   H N N 173 
ILE HG12 H N N 174 
ILE HG13 H N N 175 
ILE HG21 H N N 176 
ILE HG22 H N N 177 
ILE HG23 H N N 178 
ILE HD11 H N N 179 
ILE HD12 H N N 180 
ILE HD13 H N N 181 
ILE HXT  H N N 182 
K   K    K N N 183 
LEU N    N N N 184 
LEU CA   C N S 185 
LEU C    C N N 186 
LEU O    O N N 187 
LEU CB   C N N 188 
LEU CG   C N N 189 
LEU CD1  C N N 190 
LEU CD2  C N N 191 
LEU OXT  O N N 192 
LEU H    H N N 193 
LEU H2   H N N 194 
LEU HA   H N N 195 
LEU HB2  H N N 196 
LEU HB3  H N N 197 
LEU HG   H N N 198 
LEU HD11 H N N 199 
LEU HD12 H N N 200 
LEU HD13 H N N 201 
LEU HD21 H N N 202 
LEU HD22 H N N 203 
LEU HD23 H N N 204 
LEU HXT  H N N 205 
LYS N    N N N 206 
LYS CA   C N S 207 
LYS C    C N N 208 
LYS O    O N N 209 
LYS CB   C N N 210 
LYS CG   C N N 211 
LYS CD   C N N 212 
LYS CE   C N N 213 
LYS NZ   N N N 214 
LYS OXT  O N N 215 
LYS H    H N N 216 
LYS H2   H N N 217 
LYS HA   H N N 218 
LYS HB2  H N N 219 
LYS HB3  H N N 220 
LYS HG2  H N N 221 
LYS HG3  H N N 222 
LYS HD2  H N N 223 
LYS HD3  H N N 224 
LYS HE2  H N N 225 
LYS HE3  H N N 226 
LYS HZ1  H N N 227 
LYS HZ2  H N N 228 
LYS HZ3  H N N 229 
LYS HXT  H N N 230 
MET N    N N N 231 
MET CA   C N S 232 
MET C    C N N 233 
MET O    O N N 234 
MET CB   C N N 235 
MET CG   C N N 236 
MET SD   S N N 237 
MET CE   C N N 238 
MET OXT  O N N 239 
MET H    H N N 240 
MET H2   H N N 241 
MET HA   H N N 242 
MET HB2  H N N 243 
MET HB3  H N N 244 
MET HG2  H N N 245 
MET HG3  H N N 246 
MET HE1  H N N 247 
MET HE2  H N N 248 
MET HE3  H N N 249 
MET HXT  H N N 250 
PHE N    N N N 251 
PHE CA   C N S 252 
PHE C    C N N 253 
PHE O    O N N 254 
PHE CB   C N N 255 
PHE CG   C Y N 256 
PHE CD1  C Y N 257 
PHE CD2  C Y N 258 
PHE CE1  C Y N 259 
PHE CE2  C Y N 260 
PHE CZ   C Y N 261 
PHE OXT  O N N 262 
PHE H    H N N 263 
PHE H2   H N N 264 
PHE HA   H N N 265 
PHE HB2  H N N 266 
PHE HB3  H N N 267 
PHE HD1  H N N 268 
PHE HD2  H N N 269 
PHE HE1  H N N 270 
PHE HE2  H N N 271 
PHE HZ   H N N 272 
PHE HXT  H N N 273 
PRO N    N N N 274 
PRO CA   C N S 275 
PRO C    C N N 276 
PRO O    O N N 277 
PRO CB   C N N 278 
PRO CG   C N N 279 
PRO CD   C N N 280 
PRO OXT  O N N 281 
PRO H    H N N 282 
PRO HA   H N N 283 
PRO HB2  H N N 284 
PRO HB3  H N N 285 
PRO HG2  H N N 286 
PRO HG3  H N N 287 
PRO HD2  H N N 288 
PRO HD3  H N N 289 
PRO HXT  H N N 290 
SER N    N N N 291 
SER CA   C N S 292 
SER C    C N N 293 
SER O    O N N 294 
SER CB   C N N 295 
SER OG   O N N 296 
SER OXT  O N N 297 
SER H    H N N 298 
SER H2   H N N 299 
SER HA   H N N 300 
SER HB2  H N N 301 
SER HB3  H N N 302 
SER HG   H N N 303 
SER HXT  H N N 304 
THR N    N N N 305 
THR CA   C N S 306 
THR C    C N N 307 
THR O    O N N 308 
THR CB   C N R 309 
THR OG1  O N N 310 
THR CG2  C N N 311 
THR OXT  O N N 312 
THR H    H N N 313 
THR H2   H N N 314 
THR HA   H N N 315 
THR HB   H N N 316 
THR HG1  H N N 317 
THR HG21 H N N 318 
THR HG22 H N N 319 
THR HG23 H N N 320 
THR HXT  H N N 321 
TYR N    N N N 322 
TYR CA   C N S 323 
TYR C    C N N 324 
TYR O    O N N 325 
TYR CB   C N N 326 
TYR CG   C Y N 327 
TYR CD1  C Y N 328 
TYR CD2  C Y N 329 
TYR CE1  C Y N 330 
TYR CE2  C Y N 331 
TYR CZ   C Y N 332 
TYR OH   O N N 333 
TYR OXT  O N N 334 
TYR H    H N N 335 
TYR H2   H N N 336 
TYR HA   H N N 337 
TYR HB2  H N N 338 
TYR HB3  H N N 339 
TYR HD1  H N N 340 
TYR HD2  H N N 341 
TYR HE1  H N N 342 
TYR HE2  H N N 343 
TYR HH   H N N 344 
TYR HXT  H N N 345 
VAL N    N N N 346 
VAL CA   C N S 347 
VAL C    C N N 348 
VAL O    O N N 349 
VAL CB   C N N 350 
VAL CG1  C N N 351 
VAL CG2  C N N 352 
VAL OXT  O N N 353 
VAL H    H N N 354 
VAL H2   H N N 355 
VAL HA   H N N 356 
VAL HB   H N N 357 
VAL HG11 H N N 358 
VAL HG12 H N N 359 
VAL HG13 H N N 360 
VAL HG21 H N N 361 
VAL HG22 H N N 362 
VAL HG23 H N N 363 
VAL HXT  H N N 364 
# 
loop_
_chem_comp_bond.comp_id 
_chem_comp_bond.atom_id_1 
_chem_comp_bond.atom_id_2 
_chem_comp_bond.value_order 
_chem_comp_bond.pdbx_aromatic_flag 
_chem_comp_bond.pdbx_stereo_config 
_chem_comp_bond.pdbx_ordinal 
ALA N   CA   sing N N 1   
ALA N   H    sing N N 2   
ALA N   H2   sing N N 3   
ALA CA  C    sing N N 4   
ALA CA  CB   sing N N 5   
ALA CA  HA   sing N N 6   
ALA C   O    doub N N 7   
ALA C   OXT  sing N N 8   
ALA CB  HB1  sing N N 9   
ALA CB  HB2  sing N N 10  
ALA CB  HB3  sing N N 11  
ALA OXT HXT  sing N N 12  
ARG N   CA   sing N N 13  
ARG N   H    sing N N 14  
ARG N   H2   sing N N 15  
ARG CA  C    sing N N 16  
ARG CA  CB   sing N N 17  
ARG CA  HA   sing N N 18  
ARG C   O    doub N N 19  
ARG C   OXT  sing N N 20  
ARG CB  CG   sing N N 21  
ARG CB  HB2  sing N N 22  
ARG CB  HB3  sing N N 23  
ARG CG  CD   sing N N 24  
ARG CG  HG2  sing N N 25  
ARG CG  HG3  sing N N 26  
ARG CD  NE   sing N N 27  
ARG CD  HD2  sing N N 28  
ARG CD  HD3  sing N N 29  
ARG NE  CZ   sing N N 30  
ARG NE  HE   sing N N 31  
ARG CZ  NH1  sing N N 32  
ARG CZ  NH2  doub N N 33  
ARG NH1 HH11 sing N N 34  
ARG NH1 HH12 sing N N 35  
ARG NH2 HH21 sing N N 36  
ARG NH2 HH22 sing N N 37  
ARG OXT HXT  sing N N 38  
ASN N   CA   sing N N 39  
ASN N   H    sing N N 40  
ASN N   H2   sing N N 41  
ASN CA  C    sing N N 42  
ASN CA  CB   sing N N 43  
ASN CA  HA   sing N N 44  
ASN C   O    doub N N 45  
ASN C   OXT  sing N N 46  
ASN CB  CG   sing N N 47  
ASN CB  HB2  sing N N 48  
ASN CB  HB3  sing N N 49  
ASN CG  OD1  doub N N 50  
ASN CG  ND2  sing N N 51  
ASN ND2 HD21 sing N N 52  
ASN ND2 HD22 sing N N 53  
ASN OXT HXT  sing N N 54  
ASP N   CA   sing N N 55  
ASP N   H    sing N N 56  
ASP N   H2   sing N N 57  
ASP CA  C    sing N N 58  
ASP CA  CB   sing N N 59  
ASP CA  HA   sing N N 60  
ASP C   O    doub N N 61  
ASP C   OXT  sing N N 62  
ASP CB  CG   sing N N 63  
ASP CB  HB2  sing N N 64  
ASP CB  HB3  sing N N 65  
ASP CG  OD1  doub N N 66  
ASP CG  OD2  sing N N 67  
ASP OD2 HD2  sing N N 68  
ASP OXT HXT  sing N N 69  
CYS N   CA   sing N N 70  
CYS N   H    sing N N 71  
CYS N   H2   sing N N 72  
CYS CA  C    sing N N 73  
CYS CA  CB   sing N N 74  
CYS CA  HA   sing N N 75  
CYS C   O    doub N N 76  
CYS C   OXT  sing N N 77  
CYS CB  SG   sing N N 78  
CYS CB  HB2  sing N N 79  
CYS CB  HB3  sing N N 80  
CYS SG  HG   sing N N 81  
CYS OXT HXT  sing N N 82  
GLN N   CA   sing N N 83  
GLN N   H    sing N N 84  
GLN N   H2   sing N N 85  
GLN CA  C    sing N N 86  
GLN CA  CB   sing N N 87  
GLN CA  HA   sing N N 88  
GLN C   O    doub N N 89  
GLN C   OXT  sing N N 90  
GLN CB  CG   sing N N 91  
GLN CB  HB2  sing N N 92  
GLN CB  HB3  sing N N 93  
GLN CG  CD   sing N N 94  
GLN CG  HG2  sing N N 95  
GLN CG  HG3  sing N N 96  
GLN CD  OE1  doub N N 97  
GLN CD  NE2  sing N N 98  
GLN NE2 HE21 sing N N 99  
GLN NE2 HE22 sing N N 100 
GLN OXT HXT  sing N N 101 
GLU N   CA   sing N N 102 
GLU N   H    sing N N 103 
GLU N   H2   sing N N 104 
GLU CA  C    sing N N 105 
GLU CA  CB   sing N N 106 
GLU CA  HA   sing N N 107 
GLU C   O    doub N N 108 
GLU C   OXT  sing N N 109 
GLU CB  CG   sing N N 110 
GLU CB  HB2  sing N N 111 
GLU CB  HB3  sing N N 112 
GLU CG  CD   sing N N 113 
GLU CG  HG2  sing N N 114 
GLU CG  HG3  sing N N 115 
GLU CD  OE1  doub N N 116 
GLU CD  OE2  sing N N 117 
GLU OE2 HE2  sing N N 118 
GLU OXT HXT  sing N N 119 
GLY N   CA   sing N N 120 
GLY N   H    sing N N 121 
GLY N   H2   sing N N 122 
GLY CA  C    sing N N 123 
GLY CA  HA2  sing N N 124 
GLY CA  HA3  sing N N 125 
GLY C   O    doub N N 126 
GLY C   OXT  sing N N 127 
GLY OXT HXT  sing N N 128 
HIS N   CA   sing N N 129 
HIS N   H    sing N N 130 
HIS N   H2   sing N N 131 
HIS CA  C    sing N N 132 
HIS CA  CB   sing N N 133 
HIS CA  HA   sing N N 134 
HIS C   O    doub N N 135 
HIS C   OXT  sing N N 136 
HIS CB  CG   sing N N 137 
HIS CB  HB2  sing N N 138 
HIS CB  HB3  sing N N 139 
HIS CG  ND1  sing Y N 140 
HIS CG  CD2  doub Y N 141 
HIS ND1 CE1  doub Y N 142 
HIS ND1 HD1  sing N N 143 
HIS CD2 NE2  sing Y N 144 
HIS CD2 HD2  sing N N 145 
HIS CE1 NE2  sing Y N 146 
HIS CE1 HE1  sing N N 147 
HIS NE2 HE2  sing N N 148 
HIS OXT HXT  sing N N 149 
HOH O   H1   sing N N 150 
HOH O   H2   sing N N 151 
ILE N   CA   sing N N 152 
ILE N   H    sing N N 153 
ILE N   H2   sing N N 154 
ILE CA  C    sing N N 155 
ILE CA  CB   sing N N 156 
ILE CA  HA   sing N N 157 
ILE C   O    doub N N 158 
ILE C   OXT  sing N N 159 
ILE CB  CG1  sing N N 160 
ILE CB  CG2  sing N N 161 
ILE CB  HB   sing N N 162 
ILE CG1 CD1  sing N N 163 
ILE CG1 HG12 sing N N 164 
ILE CG1 HG13 sing N N 165 
ILE CG2 HG21 sing N N 166 
ILE CG2 HG22 sing N N 167 
ILE CG2 HG23 sing N N 168 
ILE CD1 HD11 sing N N 169 
ILE CD1 HD12 sing N N 170 
ILE CD1 HD13 sing N N 171 
ILE OXT HXT  sing N N 172 
LEU N   CA   sing N N 173 
LEU N   H    sing N N 174 
LEU N   H2   sing N N 175 
LEU CA  C    sing N N 176 
LEU CA  CB   sing N N 177 
LEU CA  HA   sing N N 178 
LEU C   O    doub N N 179 
LEU C   OXT  sing N N 180 
LEU CB  CG   sing N N 181 
LEU CB  HB2  sing N N 182 
LEU CB  HB3  sing N N 183 
LEU CG  CD1  sing N N 184 
LEU CG  CD2  sing N N 185 
LEU CG  HG   sing N N 186 
LEU CD1 HD11 sing N N 187 
LEU CD1 HD12 sing N N 188 
LEU CD1 HD13 sing N N 189 
LEU CD2 HD21 sing N N 190 
LEU CD2 HD22 sing N N 191 
LEU CD2 HD23 sing N N 192 
LEU OXT HXT  sing N N 193 
LYS N   CA   sing N N 194 
LYS N   H    sing N N 195 
LYS N   H2   sing N N 196 
LYS CA  C    sing N N 197 
LYS CA  CB   sing N N 198 
LYS CA  HA   sing N N 199 
LYS C   O    doub N N 200 
LYS C   OXT  sing N N 201 
LYS CB  CG   sing N N 202 
LYS CB  HB2  sing N N 203 
LYS CB  HB3  sing N N 204 
LYS CG  CD   sing N N 205 
LYS CG  HG2  sing N N 206 
LYS CG  HG3  sing N N 207 
LYS CD  CE   sing N N 208 
LYS CD  HD2  sing N N 209 
LYS CD  HD3  sing N N 210 
LYS CE  NZ   sing N N 211 
LYS CE  HE2  sing N N 212 
LYS CE  HE3  sing N N 213 
LYS NZ  HZ1  sing N N 214 
LYS NZ  HZ2  sing N N 215 
LYS NZ  HZ3  sing N N 216 
LYS OXT HXT  sing N N 217 
MET N   CA   sing N N 218 
MET N   H    sing N N 219 
MET N   H2   sing N N 220 
MET CA  C    sing N N 221 
MET CA  CB   sing N N 222 
MET CA  HA   sing N N 223 
MET C   O    doub N N 224 
MET C   OXT  sing N N 225 
MET CB  CG   sing N N 226 
MET CB  HB2  sing N N 227 
MET CB  HB3  sing N N 228 
MET CG  SD   sing N N 229 
MET CG  HG2  sing N N 230 
MET CG  HG3  sing N N 231 
MET SD  CE   sing N N 232 
MET CE  HE1  sing N N 233 
MET CE  HE2  sing N N 234 
MET CE  HE3  sing N N 235 
MET OXT HXT  sing N N 236 
PHE N   CA   sing N N 237 
PHE N   H    sing N N 238 
PHE N   H2   sing N N 239 
PHE CA  C    sing N N 240 
PHE CA  CB   sing N N 241 
PHE CA  HA   sing N N 242 
PHE C   O    doub N N 243 
PHE C   OXT  sing N N 244 
PHE CB  CG   sing N N 245 
PHE CB  HB2  sing N N 246 
PHE CB  HB3  sing N N 247 
PHE CG  CD1  doub Y N 248 
PHE CG  CD2  sing Y N 249 
PHE CD1 CE1  sing Y N 250 
PHE CD1 HD1  sing N N 251 
PHE CD2 CE2  doub Y N 252 
PHE CD2 HD2  sing N N 253 
PHE CE1 CZ   doub Y N 254 
PHE CE1 HE1  sing N N 255 
PHE CE2 CZ   sing Y N 256 
PHE CE2 HE2  sing N N 257 
PHE CZ  HZ   sing N N 258 
PHE OXT HXT  sing N N 259 
PRO N   CA   sing N N 260 
PRO N   CD   sing N N 261 
PRO N   H    sing N N 262 
PRO CA  C    sing N N 263 
PRO CA  CB   sing N N 264 
PRO CA  HA   sing N N 265 
PRO C   O    doub N N 266 
PRO C   OXT  sing N N 267 
PRO CB  CG   sing N N 268 
PRO CB  HB2  sing N N 269 
PRO CB  HB3  sing N N 270 
PRO CG  CD   sing N N 271 
PRO CG  HG2  sing N N 272 
PRO CG  HG3  sing N N 273 
PRO CD  HD2  sing N N 274 
PRO CD  HD3  sing N N 275 
PRO OXT HXT  sing N N 276 
SER N   CA   sing N N 277 
SER N   H    sing N N 278 
SER N   H2   sing N N 279 
SER CA  C    sing N N 280 
SER CA  CB   sing N N 281 
SER CA  HA   sing N N 282 
SER C   O    doub N N 283 
SER C   OXT  sing N N 284 
SER CB  OG   sing N N 285 
SER CB  HB2  sing N N 286 
SER CB  HB3  sing N N 287 
SER OG  HG   sing N N 288 
SER OXT HXT  sing N N 289 
THR N   CA   sing N N 290 
THR N   H    sing N N 291 
THR N   H2   sing N N 292 
THR CA  C    sing N N 293 
THR CA  CB   sing N N 294 
THR CA  HA   sing N N 295 
THR C   O    doub N N 296 
THR C   OXT  sing N N 297 
THR CB  OG1  sing N N 298 
THR CB  CG2  sing N N 299 
THR CB  HB   sing N N 300 
THR OG1 HG1  sing N N 301 
THR CG2 HG21 sing N N 302 
THR CG2 HG22 sing N N 303 
THR CG2 HG23 sing N N 304 
THR OXT HXT  sing N N 305 
TYR N   CA   sing N N 306 
TYR N   H    sing N N 307 
TYR N   H2   sing N N 308 
TYR CA  C    sing N N 309 
TYR CA  CB   sing N N 310 
TYR CA  HA   sing N N 311 
TYR C   O    doub N N 312 
TYR C   OXT  sing N N 313 
TYR CB  CG   sing N N 314 
TYR CB  HB2  sing N N 315 
TYR CB  HB3  sing N N 316 
TYR CG  CD1  doub Y N 317 
TYR CG  CD2  sing Y N 318 
TYR CD1 CE1  sing Y N 319 
TYR CD1 HD1  sing N N 320 
TYR CD2 CE2  doub Y N 321 
TYR CD2 HD2  sing N N 322 
TYR CE1 CZ   doub Y N 323 
TYR CE1 HE1  sing N N 324 
TYR CE2 CZ   sing Y N 325 
TYR CE2 HE2  sing N N 326 
TYR CZ  OH   sing N N 327 
TYR OH  HH   sing N N 328 
TYR OXT HXT  sing N N 329 
VAL N   CA   sing N N 330 
VAL N   H    sing N N 331 
VAL N   H2   sing N N 332 
VAL CA  C    sing N N 333 
VAL CA  CB   sing N N 334 
VAL CA  HA   sing N N 335 
VAL C   O    doub N N 336 
VAL C   OXT  sing N N 337 
VAL CB  CG1  sing N N 338 
VAL CB  CG2  sing N N 339 
VAL CB  HB   sing N N 340 
VAL CG1 HG11 sing N N 341 
VAL CG1 HG12 sing N N 342 
VAL CG1 HG13 sing N N 343 
VAL CG2 HG21 sing N N 344 
VAL CG2 HG22 sing N N 345 
VAL CG2 HG23 sing N N 346 
VAL OXT HXT  sing N N 347 
# 
_pdbx_initial_refinement_model.id               1 
_pdbx_initial_refinement_model.entity_id_list   ? 
_pdbx_initial_refinement_model.type             'experimental model' 
_pdbx_initial_refinement_model.source_name      PDB 
_pdbx_initial_refinement_model.accession_code   1AZV 
_pdbx_initial_refinement_model.details          'PDB ENTRY 1AZV' 
# 
_atom_sites.entry_id                    3HOG 
_atom_sites.fract_transf_matrix[1][1]   0.00438301 
_atom_sites.fract_transf_matrix[1][2]   0.01161075 
_atom_sites.fract_transf_matrix[1][3]   0.00835710 
_atom_sites.fract_transf_matrix[2][1]   0.00111929 
_atom_sites.fract_transf_matrix[2][2]   0.00843543 
_atom_sites.fract_transf_matrix[2][3]   -0.01230659 
_atom_sites.fract_transf_matrix[3][1]   -0.01346584 
_atom_sites.fract_transf_matrix[3][2]   0.00399423 
_atom_sites.fract_transf_matrix[3][3]   0.00151307 
_atom_sites.fract_transf_vector[1]      0.230854 
_atom_sites.fract_transf_vector[2]      0.227594 
_atom_sites.fract_transf_vector[3]      -0.162141 
# 
loop_
_atom_type.symbol 
C 
K 
N 
O 
S 
# 
loop_
_atom_site.group_PDB 
_atom_site.id 
_atom_site.type_symbol 
_atom_site.label_atom_id 
_atom_site.label_alt_id 
_atom_site.label_comp_id 
_atom_site.label_asym_id 
_atom_site.label_entity_id 
_atom_site.label_seq_id 
_atom_site.pdbx_PDB_ins_code 
_atom_site.Cartn_x 
_atom_site.Cartn_y 
_atom_site.Cartn_z 
_atom_site.occupancy 
_atom_site.B_iso_or_equiv 
_atom_site.pdbx_formal_charge 
_atom_site.auth_seq_id 
_atom_site.auth_comp_id 
_atom_site.auth_asym_id 
_atom_site.auth_atom_id 
_atom_site.pdbx_PDB_model_num 
ATOM   1    N N   . ALA A 1 1   ? 2.559   12.012  11.686  1.00 39.05 ? 1   ALA A N   1 
ATOM   2    C CA  . ALA A 1 1   ? 2.075   12.948  12.692  1.00 35.50 ? 1   ALA A CA  1 
ATOM   3    C C   . ALA A 1 1   ? 1.030   13.835  12.076  1.00 42.51 ? 1   ALA A C   1 
ATOM   4    O O   . ALA A 1 1   ? -0.144  13.451  11.903  1.00 39.15 ? 1   ALA A O   1 
ATOM   5    C CB  . ALA A 1 1   ? 3.230   13.809  13.217  1.00 28.64 ? 1   ALA A CB  1 
ATOM   6    N N   . THR A 1 2   ? 1.489   15.039  11.762  1.00 40.78 ? 2   THR A N   1 
ATOM   7    C CA  . THR A 1 2   ? 0.730   16.022  11.017  1.00 43.58 ? 2   THR A CA  1 
ATOM   8    C C   . THR A 1 2   ? -0.361  15.366  10.152  1.00 43.68 ? 2   THR A C   1 
ATOM   9    O O   . THR A 1 2   ? -1.424  15.964  9.972   1.00 42.98 ? 2   THR A O   1 
ATOM   10   C CB  . THR A 1 2   ? 1.692   16.961  10.221  1.00 33.21 ? 2   THR A CB  1 
ATOM   11   O OG1 . THR A 1 2   ? 2.158   17.996  11.093  1.00 55.64 ? 2   THR A OG1 1 
ATOM   12   C CG2 . THR A 1 2   ? 1.024   17.606  9.011   1.00 30.61 ? 2   THR A CG2 1 
ATOM   13   N N   . LYS A 1 3   ? -0.137  14.136  9.664   1.00 27.96 ? 3   LYS A N   1 
ATOM   14   C CA  . LYS A 1 3   ? -1.208  13.413  8.957   1.00 21.85 ? 3   LYS A CA  1 
ATOM   15   C C   . LYS A 1 3   ? -1.098  11.871  8.945   1.00 26.26 ? 3   LYS A C   1 
ATOM   16   O O   . LYS A 1 3   ? -0.016  11.317  8.776   1.00 18.78 ? 3   LYS A O   1 
ATOM   17   C CB  . LYS A 1 3   ? -1.368  13.958  7.533   1.00 22.76 ? 3   LYS A CB  1 
ATOM   18   C CG  . LYS A 1 3   ? -2.679  13.565  6.887   1.00 23.97 ? 3   LYS A CG  1 
ATOM   19   C CD  . LYS A 1 3   ? -2.895  14.257  5.547   1.00 23.58 ? 3   LYS A CD  1 
ATOM   20   C CE  . LYS A 1 3   ? -4.248  13.862  4.965   1.00 21.84 ? 3   LYS A CE  1 
ATOM   21   N NZ  . LYS A 1 3   ? -4.538  14.591  3.692   1.00 22.38 ? 3   LYS A NZ  1 
ATOM   22   N N   . LYS A 1 4   ? -2.223  11.185  9.133   1.00 20.80 ? 4   LYS A N   1 
ATOM   23   C CA  . LYS A 1 4   ? -2.221  9.716   9.161   1.00 21.70 ? 4   LYS A CA  1 
ATOM   24   C C   . LYS A 1 4   ? -3.283  9.100   8.238   1.00 22.04 ? 4   LYS A C   1 
ATOM   25   O O   . LYS A 1 4   ? -4.332  9.694   8.001   1.00 21.45 ? 4   LYS A O   1 
ATOM   26   C CB  . LYS A 1 4   ? -2.435  9.206   10.584  1.00 22.24 ? 4   LYS A CB  1 
ATOM   27   C CG  . LYS A 1 4   ? -1.511  9.844   11.607  1.00 27.79 ? 4   LYS A CG  1 
ATOM   28   C CD  . LYS A 1 4   ? -1.120  8.886   12.703  1.00 31.76 ? 4   LYS A CD  1 
ATOM   29   C CE  . LYS A 1 4   ? -0.138  9.550   13.666  1.00 33.59 ? 4   LYS A CE  1 
ATOM   30   N NZ  . LYS A 1 4   ? 1.116   8.754   13.793  1.00 40.45 ? 4   LYS A NZ  1 
ATOM   31   N N   . ALA A 1 5   ? -2.987  7.910   7.727   1.00 21.63 ? 5   ALA A N   1 
ATOM   32   C CA  . ALA A 1 5   ? -3.923  7.143   6.918   1.00 18.46 ? 5   ALA A CA  1 
ATOM   33   C C   . ALA A 1 5   ? -3.750  5.651   7.207   1.00 16.16 ? 5   ALA A C   1 
ATOM   34   O O   . ALA A 1 5   ? -2.784  5.225   7.839   1.00 19.40 ? 5   ALA A O   1 
ATOM   35   C CB  . ALA A 1 5   ? -3.698  7.412   5.433   1.00 22.84 ? 5   ALA A CB  1 
ATOM   36   N N   . VAL A 1 6   ? -4.673  4.856   6.706   1.00 19.84 ? 6   VAL A N   1 
ATOM   37   C CA  . VAL A 1 6   ? -4.607  3.424   6.895   1.00 19.10 ? 6   VAL A CA  1 
ATOM   38   C C   . VAL A 1 6   ? -5.261  2.724   5.708   1.00 19.45 ? 6   VAL A C   1 
ATOM   39   O O   . VAL A 1 6   ? -6.118  3.301   5.045   1.00 18.66 ? 6   VAL A O   1 
ATOM   40   C CB  . VAL A 1 6   ? -5.337  3.051   8.181   1.00 22.97 ? 6   VAL A CB  1 
ATOM   41   C CG1 . VAL A 1 6   ? -6.800  3.487   8.092   1.00 21.70 ? 6   VAL A CG1 1 
ATOM   42   C CG2 . VAL A 1 6   ? -5.191  1.546   8.473   1.00 21.61 ? 6   VAL A CG2 1 
ATOM   43   N N   . ALA A 1 7   ? -4.840  1.494   5.423   1.00 18.61 ? 7   ALA A N   1 
ATOM   44   C CA  . ALA A 1 7   ? -5.563  0.652   4.476   1.00 18.29 ? 7   ALA A CA  1 
ATOM   45   C C   . ALA A 1 7   ? -5.729  -0.727  5.071   1.00 22.07 ? 7   ALA A C   1 
ATOM   46   O O   . ALA A 1 7   ? -4.782  -1.291  5.635   1.00 18.46 ? 7   ALA A O   1 
ATOM   47   C CB  . ALA A 1 7   ? -4.832  0.561   3.131   1.00 20.47 ? 7   ALA A CB  1 
ATOM   48   N N   . VAL A 1 8   ? -6.935  -1.260  4.949   1.00 18.55 ? 8   VAL A N   1 
ATOM   49   C CA  . VAL A 1 8   ? -7.189  -2.656  5.286   1.00 18.89 ? 8   VAL A CA  1 
ATOM   50   C C   . VAL A 1 8   ? -7.155  -3.493  4.027   1.00 20.49 ? 8   VAL A C   1 
ATOM   51   O O   . VAL A 1 8   ? -7.891  -3.221  3.079   1.00 20.89 ? 8   VAL A O   1 
ATOM   52   C CB  . VAL A 1 8   ? -8.549  -2.839  5.951   1.00 14.79 ? 8   VAL A CB  1 
ATOM   53   C CG1 . VAL A 1 8   ? -8.814  -4.352  6.176   1.00 23.05 ? 8   VAL A CG1 1 
ATOM   54   C CG2 . VAL A 1 8   ? -8.573  -2.105  7.277   1.00 22.10 ? 8   VAL A CG2 1 
ATOM   55   N N   . LEU A 1 9   ? -6.304  -4.507  4.007   1.00 16.84 ? 9   LEU A N   1 
ATOM   56   C CA  . LEU A 1 9   ? -6.104  -5.287  2.789   1.00 20.18 ? 9   LEU A CA  1 
ATOM   57   C C   . LEU A 1 9   ? -6.869  -6.607  2.831   1.00 20.76 ? 9   LEU A C   1 
ATOM   58   O O   . LEU A 1 9   ? -6.826  -7.332  3.827   1.00 22.25 ? 9   LEU A O   1 
ATOM   59   C CB  . LEU A 1 9   ? -4.621  -5.548  2.545   1.00 24.19 ? 9   LEU A CB  1 
ATOM   60   C CG  . LEU A 1 9   ? -3.833  -4.527  1.713   1.00 25.18 ? 9   LEU A CG  1 
ATOM   61   C CD1 . LEU A 1 9   ? -4.316  -3.136  1.933   1.00 27.90 ? 9   LEU A CD1 1 
ATOM   62   C CD2 . LEU A 1 9   ? -2.343  -4.629  2.026   1.00 40.64 ? 9   LEU A CD2 1 
ATOM   63   N N   . LYS A 1 10  ? -7.583  -6.899  1.748   1.00 17.04 ? 10  LYS A N   1 
ATOM   64   C CA  . LYS A 1 10  ? -8.287  -8.170  1.596   1.00 19.42 ? 10  LYS A CA  1 
ATOM   65   C C   . LYS A 1 10  ? -8.291  -8.541  0.123   1.00 30.41 ? 10  LYS A C   1 
ATOM   66   O O   . LYS A 1 10  ? -8.072  -7.692  -0.723  1.00 26.40 ? 10  LYS A O   1 
ATOM   67   C CB  . LYS A 1 10  ? -9.727  -8.043  2.095   1.00 32.36 ? 10  LYS A CB  1 
ATOM   68   C CG  . LYS A 1 10  ? -9.836  -7.910  3.603   1.00 34.18 ? 10  LYS A CG  1 
ATOM   69   C CD  . LYS A 1 10  ? -11.124 -8.506  4.131   1.00 44.86 ? 10  LYS A CD  1 
ATOM   70   C CE  . LYS A 1 10  ? -10.993 -8.752  5.614   1.00 41.75 ? 10  LYS A CE  1 
ATOM   71   N NZ  . LYS A 1 10  ? -10.130 -7.688  6.163   1.00 40.31 ? 10  LYS A NZ  1 
ATOM   72   N N   . GLY A 1 11  ? -8.541  -9.804  -0.204  1.00 31.54 ? 11  GLY A N   1 
ATOM   73   C CA  . GLY A 1 11  ? -8.657  -10.155 -1.608  1.00 28.64 ? 11  GLY A CA  1 
ATOM   74   C C   . GLY A 1 11  ? -9.393  -11.451 -1.898  1.00 34.01 ? 11  GLY A C   1 
ATOM   75   O O   . GLY A 1 11  ? -10.183 -11.935 -1.087  1.00 29.56 ? 11  GLY A O   1 
ATOM   76   N N   . ASN A 1 12  ? -9.138  -11.997 -3.078  1.00 40.17 ? 12  ASN A N   1 
ATOM   77   C CA  . ASN A 1 12  ? -9.697  -13.285 -3.467  1.00 44.08 ? 12  ASN A CA  1 
ATOM   78   C C   . ASN A 1 12  ? -8.741  -14.388 -3.042  1.00 44.69 ? 12  ASN A C   1 
ATOM   79   O O   . ASN A 1 12  ? -8.301  -15.208 -3.853  1.00 51.74 ? 12  ASN A O   1 
ATOM   80   C CB  . ASN A 1 12  ? -9.945  -13.336 -4.974  1.00 40.43 ? 12  ASN A CB  1 
ATOM   81   C CG  . ASN A 1 12  ? -10.801 -14.529 -5.389  1.00 53.57 ? 12  ASN A CG  1 
ATOM   82   O OD1 . ASN A 1 12  ? -11.408 -15.200 -4.551  1.00 53.36 ? 12  ASN A OD1 1 
ATOM   83   N ND2 . ASN A 1 12  ? -10.852 -14.792 -6.688  1.00 54.02 ? 12  ASN A ND2 1 
ATOM   84   N N   . SER A 1 13  ? -8.407  -14.363 -1.758  1.00 39.58 ? 13  SER A N   1 
ATOM   85   C CA  . SER A 1 13  ? -7.642  -15.403 -1.083  1.00 43.85 ? 13  SER A CA  1 
ATOM   86   C C   . SER A 1 13  ? -7.823  -15.125 0.400   1.00 41.70 ? 13  SER A C   1 
ATOM   87   O O   . SER A 1 13  ? -8.649  -14.285 0.768   1.00 41.36 ? 13  SER A O   1 
ATOM   88   C CB  . SER A 1 13  ? -6.165  -15.343 -1.477  1.00 49.22 ? 13  SER A CB  1 
ATOM   89   O OG  . SER A 1 13  ? -5.735  -14.002 -1.653  1.00 50.40 ? 13  SER A OG  1 
ATOM   90   N N   . ASN A 1 14  ? -7.067  -15.802 1.257   1.00 38.68 ? 14  ASN A N   1 
ATOM   91   C CA  . ASN A 1 14  ? -7.182  -15.544 2.696   1.00 40.82 ? 14  ASN A CA  1 
ATOM   92   C C   . ASN A 1 14  ? -6.205  -14.475 3.183   1.00 36.08 ? 14  ASN A C   1 
ATOM   93   O O   . ASN A 1 14  ? -6.066  -14.246 4.378   1.00 40.30 ? 14  ASN A O   1 
ATOM   94   C CB  . ASN A 1 14  ? -7.012  -16.831 3.506   1.00 41.48 ? 14  ASN A CB  1 
ATOM   95   C CG  . ASN A 1 14  ? -8.172  -17.789 3.318   1.00 59.11 ? 14  ASN A CG  1 
ATOM   96   O OD1 . ASN A 1 14  ? -7.980  -18.943 2.932   1.00 63.76 ? 14  ASN A OD1 1 
ATOM   97   N ND2 . ASN A 1 14  ? -9.389  -17.309 3.572   1.00 54.20 ? 14  ASN A ND2 1 
ATOM   98   N N   . VAL A 1 15  ? -5.527  -13.830 2.242   1.00 34.55 ? 15  VAL A N   1 
ATOM   99   C CA  . VAL A 1 15  ? -4.603  -12.762 2.568   1.00 29.48 ? 15  VAL A CA  1 
ATOM   100  C C   . VAL A 1 15  ? -5.390  -11.584 3.147   1.00 34.90 ? 15  VAL A C   1 
ATOM   101  O O   . VAL A 1 15  ? -6.404  -11.165 2.590   1.00 28.58 ? 15  VAL A O   1 
ATOM   102  C CB  . VAL A 1 15  ? -3.795  -12.340 1.318   1.00 32.59 ? 15  VAL A CB  1 
ATOM   103  C CG1 . VAL A 1 15  ? -2.797  -11.257 1.658   1.00 33.28 ? 15  VAL A CG1 1 
ATOM   104  C CG2 . VAL A 1 15  ? -3.083  -13.542 0.728   1.00 31.14 ? 15  VAL A CG2 1 
ATOM   105  N N   . GLU A 1 16  ? -4.952  -11.080 4.293   1.00 25.53 ? 16  GLU A N   1 
ATOM   106  C CA  . GLU A 1 16  ? -5.541  -9.873  4.848   1.00 26.40 ? 16  GLU A CA  1 
ATOM   107  C C   . GLU A 1 16  ? -4.507  -9.146  5.687   1.00 25.62 ? 16  GLU A C   1 
ATOM   108  O O   . GLU A 1 16  ? -3.568  -9.755  6.191   1.00 28.84 ? 16  GLU A O   1 
ATOM   109  C CB  . GLU A 1 16  ? -6.800  -10.187 5.666   1.00 31.97 ? 16  GLU A CB  1 
ATOM   110  C CG  . GLU A 1 16  ? -6.594  -11.174 6.791   1.00 36.01 ? 16  GLU A CG  1 
ATOM   111  C CD  . GLU A 1 16  ? -7.821  -11.317 7.680   1.00 43.87 ? 16  GLU A CD  1 
ATOM   112  O OE1 . GLU A 1 16  ? -8.952  -11.354 7.154   1.00 40.33 ? 16  GLU A OE1 1 
ATOM   113  O OE2 . GLU A 1 16  ? -7.656  -11.388 8.913   1.00 39.58 ? 16  GLU A OE2 1 
ATOM   114  N N   . GLY A 1 17  ? -4.661  -7.838  5.825   1.00 22.11 ? 17  GLY A N   1 
ATOM   115  C CA  . GLY A 1 17  ? -3.705  -7.078  6.598   1.00 21.87 ? 17  GLY A CA  1 
ATOM   116  C C   . GLY A 1 17  ? -4.099  -5.635  6.803   1.00 22.33 ? 17  GLY A C   1 
ATOM   117  O O   . GLY A 1 17  ? -5.190  -5.207  6.426   1.00 22.24 ? 17  GLY A O   1 
ATOM   118  N N   . VAL A 1 18  ? -3.195  -4.885  7.416   1.00 16.99 ? 18  VAL A N   1 
ATOM   119  C CA  . VAL A 1 18  ? -3.423  -3.488  7.726   1.00 23.87 ? 18  VAL A CA  1 
ATOM   120  C C   . VAL A 1 18  ? -2.120  -2.767  7.459   1.00 23.47 ? 18  VAL A C   1 
ATOM   121  O O   . VAL A 1 18  ? -1.045  -3.264  7.805   1.00 23.68 ? 18  VAL A O   1 
ATOM   122  C CB  . VAL A 1 18  ? -3.782  -3.296  9.214   1.00 28.13 ? 18  VAL A CB  1 
ATOM   123  C CG1 . VAL A 1 18  ? -3.883  -1.818  9.550   1.00 27.84 ? 18  VAL A CG1 1 
ATOM   124  C CG2 . VAL A 1 18  ? -5.068  -3.986  9.538   1.00 33.89 ? 18  VAL A CG2 1 
ATOM   125  N N   . VAL A 1 19  ? -2.196  -1.607  6.824   1.00 24.38 ? 19  VAL A N   1 
ATOM   126  C CA  . VAL A 1 19  ? -1.005  -0.801  6.633   1.00 21.44 ? 19  VAL A CA  1 
ATOM   127  C C   . VAL A 1 19  ? -1.351  0.568   7.158   1.00 23.63 ? 19  VAL A C   1 
ATOM   128  O O   . VAL A 1 19  ? -2.365  1.130   6.765   1.00 22.60 ? 19  VAL A O   1 
ATOM   129  C CB  . VAL A 1 19  ? -0.622  -0.680  5.141   1.00 20.46 ? 19  VAL A CB  1 
ATOM   130  C CG1 . VAL A 1 19  ? 0.587   0.218   4.978   1.00 19.54 ? 19  VAL A CG1 1 
ATOM   131  C CG2 . VAL A 1 19  ? -0.365  -2.065  4.520   1.00 26.64 ? 19  VAL A CG2 1 
ATOM   132  N N   . THR A 1 20  ? -0.526  1.106   8.050   1.00 21.31 ? 20  THR A N   1 
ATOM   133  C CA  . THR A 1 20  ? -0.710  2.485   8.494   1.00 18.23 ? 20  THR A CA  1 
ATOM   134  C C   . THR A 1 20  ? 0.378   3.357   7.872   1.00 22.50 ? 20  THR A C   1 
ATOM   135  O O   . THR A 1 20  ? 1.471   2.881   7.584   1.00 21.38 ? 20  THR A O   1 
ATOM   136  C CB  . THR A 1 20  ? -0.654  2.606   10.019  1.00 27.44 ? 20  THR A CB  1 
ATOM   137  O OG1 . THR A 1 20  ? 0.584   2.059   10.481  1.00 23.99 ? 20  THR A OG1 1 
ATOM   138  C CG2 . THR A 1 20  ? -1.824  1.852   10.668  1.00 23.88 ? 20  THR A CG2 1 
ATOM   139  N N   . LEU A 1 21  ? 0.047   4.622   7.627   1.00 21.18 ? 21  LEU A N   1 
ATOM   140  C CA  . LEU A 1 21  ? 0.950   5.576   6.996   1.00 20.63 ? 21  LEU A CA  1 
ATOM   141  C C   . LEU A 1 21  ? 0.919   6.876   7.782   1.00 20.48 ? 21  LEU A C   1 
ATOM   142  O O   . LEU A 1 21  ? -0.137  7.328   8.214   1.00 21.15 ? 21  LEU A O   1 
ATOM   143  C CB  . LEU A 1 21  ? 0.530   5.882   5.552   1.00 20.85 ? 21  LEU A CB  1 
ATOM   144  C CG  . LEU A 1 21  ? 0.339   4.745   4.546   1.00 15.84 ? 21  LEU A CG  1 
ATOM   145  C CD1 . LEU A 1 21  ? -1.079  4.187   4.680   1.00 24.24 ? 21  LEU A CD1 1 
ATOM   146  C CD2 . LEU A 1 21  ? 0.551   5.269   3.150   1.00 25.05 ? 21  LEU A CD2 1 
ATOM   147  N N   . SER A 1 22  ? 2.081   7.488   7.940   1.00 21.73 ? 22  SER A N   1 
ATOM   148  C CA  . SER A 1 22  ? 2.184   8.686   8.749   1.00 25.00 ? 22  SER A CA  1 
ATOM   149  C C   . SER A 1 22  ? 3.180   9.617   8.082   1.00 24.84 ? 22  SER A C   1 
ATOM   150  O O   . SER A 1 22  ? 4.277   9.194   7.709   1.00 21.76 ? 22  SER A O   1 
ATOM   151  C CB  . SER A 1 22  ? 2.645   8.304   10.159  1.00 27.60 ? 22  SER A CB  1 
ATOM   152  O OG  . SER A 1 22  ? 2.839   9.447   10.962  1.00 30.28 ? 22  SER A OG  1 
ATOM   153  N N   . GLN A 1 23  ? 2.787   10.871  7.886   1.00 24.24 ? 23  GLN A N   1 
ATOM   154  C CA  . GLN A 1 23  ? 3.662   11.856  7.231   1.00 21.61 ? 23  GLN A CA  1 
ATOM   155  C C   . GLN A 1 23  ? 3.481   13.267  7.807   1.00 24.64 ? 23  GLN A C   1 
ATOM   156  O O   . GLN A 1 23  ? 2.368   13.716  8.031   1.00 22.95 ? 23  GLN A O   1 
ATOM   157  C CB  . GLN A 1 23  ? 3.385   11.883  5.731   1.00 22.44 ? 23  GLN A CB  1 
ATOM   158  C CG  . GLN A 1 23  ? 4.276   12.809  4.946   1.00 24.92 ? 23  GLN A CG  1 
ATOM   159  C CD  . GLN A 1 23  ? 3.863   12.889  3.499   1.00 23.97 ? 23  GLN A CD  1 
ATOM   160  O OE1 . GLN A 1 23  ? 2.674   12.952  3.187   1.00 22.78 ? 23  GLN A OE1 1 
ATOM   161  N NE2 . GLN A 1 23  ? 4.839   12.883  2.604   1.00 22.53 ? 23  GLN A NE2 1 
ATOM   162  N N   . ASP A 1 24  ? 4.589   13.955  8.049   1.00 26.70 ? 24  ASP A N   1 
ATOM   163  C CA  . ASP A 1 24  ? 4.544   15.354  8.475   1.00 27.68 ? 24  ASP A CA  1 
ATOM   164  C C   . ASP A 1 24  ? 4.668   16.211  7.256   1.00 26.29 ? 24  ASP A C   1 
ATOM   165  O O   . ASP A 1 24  ? 5.717   16.224  6.625   1.00 26.66 ? 24  ASP A O   1 
ATOM   166  C CB  . ASP A 1 24  ? 5.722   15.690  9.388   1.00 33.37 ? 24  ASP A CB  1 
ATOM   167  C CG  . ASP A 1 24  ? 5.564   15.115  10.755  1.00 36.26 ? 24  ASP A CG  1 
ATOM   168  O OD1 . ASP A 1 24  ? 4.880   14.086  10.871  1.00 38.60 ? 24  ASP A OD1 1 
ATOM   169  O OD2 . ASP A 1 24  ? 6.130   15.682  11.712  1.00 47.50 ? 24  ASP A OD2 1 
ATOM   170  N N   . ASP A 1 25  ? 3.600   16.935  6.928   1.00 26.50 ? 25  ASP A N   1 
ATOM   171  C CA  . ASP A 1 25  ? 3.590   17.787  5.746   1.00 29.46 ? 25  ASP A CA  1 
ATOM   172  C C   . ASP A 1 25  ? 3.955   16.959  4.518   1.00 32.08 ? 25  ASP A C   1 
ATOM   173  O O   . ASP A 1 25  ? 3.226   16.034  4.155   1.00 28.20 ? 25  ASP A O   1 
ATOM   174  C CB  . ASP A 1 25  ? 4.535   18.984  5.925   1.00 32.90 ? 25  ASP A CB  1 
ATOM   175  C CG  . ASP A 1 25  ? 4.083   20.212  5.131   1.00 40.20 ? 25  ASP A CG  1 
ATOM   176  O OD1 . ASP A 1 25  ? 4.780   21.249  5.161   1.00 42.44 ? 25  ASP A OD1 1 
ATOM   177  O OD2 . ASP A 1 25  ? 3.029   20.136  4.469   1.00 41.00 ? 25  ASP A OD2 1 
ATOM   178  N N   . ASP A 1 26  ? 5.072   17.277  3.870   1.00 23.86 ? 26  ASP A N   1 
ATOM   179  C CA  . ASP A 1 26  ? 5.491   16.484  2.733   1.00 25.73 ? 26  ASP A CA  1 
ATOM   180  C C   . ASP A 1 26  ? 6.802   15.767  3.001   1.00 29.88 ? 26  ASP A C   1 
ATOM   181  O O   . ASP A 1 26  ? 7.569   15.561  2.079   1.00 31.75 ? 26  ASP A O   1 
ATOM   182  C CB  . ASP A 1 26  ? 5.623   17.346  1.478   1.00 34.01 ? 26  ASP A CB  1 
ATOM   183  C CG  . ASP A 1 26  ? 5.619   16.521  0.199   1.00 38.16 ? 26  ASP A CG  1 
ATOM   184  O OD1 . ASP A 1 26  ? 4.798   15.578  0.085   1.00 25.33 ? 26  ASP A OD1 1 
ATOM   185  O OD2 . ASP A 1 26  ? 6.434   16.824  -0.695  1.00 34.30 ? 26  ASP A OD2 1 
ATOM   186  N N   . GLY A 1 27  ? 7.057   15.402  4.258   1.00 28.01 ? 27  GLY A N   1 
ATOM   187  C CA  . GLY A 1 27  ? 8.306   14.763  4.648   1.00 27.30 ? 27  GLY A CA  1 
ATOM   188  C C   . GLY A 1 27  ? 8.257   13.271  4.382   1.00 27.80 ? 27  GLY A C   1 
ATOM   189  O O   . GLY A 1 27  ? 7.339   12.806  3.716   1.00 30.36 ? 27  GLY A O   1 
ATOM   190  N N   . PRO A 1 28  ? 9.228   12.506  4.903   1.00 27.78 ? 28  PRO A N   1 
ATOM   191  C CA  . PRO A 1 28  ? 9.214   11.054  4.695   1.00 27.74 ? 28  PRO A CA  1 
ATOM   192  C C   . PRO A 1 28  ? 7.937   10.429  5.233   1.00 20.19 ? 28  PRO A C   1 
ATOM   193  O O   . PRO A 1 28  ? 7.398   10.902  6.230   1.00 25.13 ? 28  PRO A O   1 
ATOM   194  C CB  . PRO A 1 28  ? 10.403  10.570  5.533   1.00 29.63 ? 28  PRO A CB  1 
ATOM   195  C CG  . PRO A 1 28  ? 11.284  11.767  5.675   1.00 31.16 ? 28  PRO A CG  1 
ATOM   196  C CD  . PRO A 1 28  ? 10.357  12.936  5.742   1.00 30.51 ? 28  PRO A CD  1 
ATOM   197  N N   . THR A 1 29  ? 7.462   9.369   4.587   1.00 24.83 ? 29  THR A N   1 
ATOM   198  C CA  . THR A 1 29  ? 6.242   8.709   5.030   1.00 23.74 ? 29  THR A CA  1 
ATOM   199  C C   . THR A 1 29  ? 6.608   7.405   5.710   1.00 17.73 ? 29  THR A C   1 
ATOM   200  O O   . THR A 1 29  ? 7.314   6.577   5.131   1.00 20.47 ? 29  THR A O   1 
ATOM   201  C CB  . THR A 1 29  ? 5.291   8.460   3.841   1.00 18.10 ? 29  THR A CB  1 
ATOM   202  O OG1 . THR A 1 29  ? 4.897   9.720   3.289   1.00 21.92 ? 29  THR A OG1 1 
ATOM   203  C CG2 . THR A 1 29  ? 4.048   7.695   4.290   1.00 19.08 ? 29  THR A CG2 1 
ATOM   204  N N   . THR A 1 30  ? 6.181   7.238   6.957   1.00 23.08 ? 30  THR A N   1 
ATOM   205  C CA  . THR A 1 30  ? 6.475   6.012   7.687   1.00 20.22 ? 30  THR A CA  1 
ATOM   206  C C   . THR A 1 30  ? 5.323   5.033   7.514   1.00 22.90 ? 30  THR A C   1 
ATOM   207  O O   . THR A 1 30  ? 4.163   5.399   7.660   1.00 22.51 ? 30  THR A O   1 
ATOM   208  C CB  . THR A 1 30  ? 6.740   6.288   9.173   1.00 26.66 ? 30  THR A CB  1 
ATOM   209  O OG1 . THR A 1 30  ? 7.916   7.098   9.290   1.00 25.58 ? 30  THR A OG1 1 
ATOM   210  C CG2 . THR A 1 30  ? 6.938   4.988   9.946   1.00 29.29 ? 30  THR A CG2 1 
ATOM   211  N N   . VAL A 1 31  ? 5.658   3.795   7.177   1.00 21.49 ? 31  VAL A N   1 
ATOM   212  C CA  . VAL A 1 31  ? 4.670   2.817   6.763   1.00 17.88 ? 31  VAL A CA  1 
ATOM   213  C C   . VAL A 1 31  ? 4.808   1.531   7.588   1.00 23.29 ? 31  VAL A C   1 
ATOM   214  O O   . VAL A 1 31  ? 5.849   0.867   7.555   1.00 22.38 ? 31  VAL A O   1 
ATOM   215  C CB  . VAL A 1 31  ? 4.810   2.505   5.250   1.00 22.81 ? 31  VAL A CB  1 
ATOM   216  C CG1 . VAL A 1 31  ? 3.839   1.398   4.824   1.00 18.39 ? 31  VAL A CG1 1 
ATOM   217  C CG2 . VAL A 1 31  ? 4.565   3.763   4.435   1.00 20.24 ? 31  VAL A CG2 1 
ATOM   218  N N   . ASN A 1 32  ? 3.765   1.192   8.340   1.00 24.52 ? 32  ASN A N   1 
ATOM   219  C CA  . ASN A 1 32  ? 3.772   -0.033  9.143   1.00 19.97 ? 32  ASN A CA  1 
ATOM   220  C C   . ASN A 1 32  ? 2.872   -1.071  8.511   1.00 23.65 ? 32  ASN A C   1 
ATOM   221  O O   . ASN A 1 32  ? 1.700   -0.817  8.236   1.00 20.77 ? 32  ASN A O   1 
ATOM   222  C CB  . ASN A 1 32  ? 3.346   0.246   10.591  1.00 25.83 ? 32  ASN A CB  1 
ATOM   223  C CG  . ASN A 1 32  ? 4.385   1.074   11.363  1.00 40.83 ? 32  ASN A CG  1 
ATOM   224  O OD1 . ASN A 1 32  ? 5.118   0.552   12.200  1.00 47.45 ? 32  ASN A OD1 1 
ATOM   225  N ND2 . ASN A 1 32  ? 4.447   2.367   11.072  1.00 39.51 ? 32  ASN A ND2 1 
ATOM   226  N N   . VAL A 1 33  ? 3.431   -2.242  8.259   1.00 18.77 ? 33  VAL A N   1 
ATOM   227  C CA  . VAL A 1 33  ? 2.734   -3.261  7.521   1.00 19.39 ? 33  VAL A CA  1 
ATOM   228  C C   . VAL A 1 33  ? 2.619   -4.509  8.382   1.00 23.69 ? 33  VAL A C   1 
ATOM   229  O O   . VAL A 1 33  ? 3.597   -4.927  8.998   1.00 22.89 ? 33  VAL A O   1 
ATOM   230  C CB  . VAL A 1 33  ? 3.503   -3.629  6.235   1.00 22.70 ? 33  VAL A CB  1 
ATOM   231  C CG1 . VAL A 1 33  ? 2.730   -4.674  5.445   1.00 22.35 ? 33  VAL A CG1 1 
ATOM   232  C CG2 . VAL A 1 33  ? 3.736   -2.388  5.375   1.00 19.06 ? 33  VAL A CG2 1 
ATOM   233  N N   . ARG A 1 34  ? 1.450   -5.110  8.422   1.00 21.44 ? 34  ARG A N   1 
ATOM   234  C CA  . ARG A 1 34  ? 1.287   -6.479  8.835   1.00 24.25 ? 34  ARG A CA  1 
ATOM   235  C C   . ARG A 1 34  ? 0.218   -7.153  7.984   1.00 25.70 ? 34  ARG A C   1 
ATOM   236  O O   . ARG A 1 34  ? -0.923  -6.800  8.017   1.00 22.39 ? 34  ARG A O   1 
ATOM   237  C CB  . ARG A 1 34  ? 0.989   -6.646  10.318  1.00 22.24 ? 34  ARG A CB  1 
ATOM   238  C CG  . ARG A 1 34  ? 0.887   -8.074  10.786  1.00 22.81 ? 34  ARG A CG  1 
ATOM   239  C CD  . ARG A 1 34  ? 0.645   -8.250  12.278  1.00 28.45 ? 34  ARG A CD  1 
ATOM   240  N NE  . ARG A 1 34  ? -0.151  -9.441  12.599  1.00 42.01 ? 34  ARG A NE  1 
ATOM   241  C CZ  . ARG A 1 34  ? 0.335   -10.610 13.009  1.00 40.24 ? 34  ARG A CZ  1 
ATOM   242  N NH1 . ARG A 1 34  ? 1.619   -10.758 13.180  1.00 50.86 ? 34  ARG A NH1 1 
ATOM   243  N NH2 . ARG A 1 34  ? -0.445  -11.624 13.249  1.00 26.84 ? 34  ARG A NH2 1 
ATOM   244  N N   . ILE A 1 35  ? 0.654   -8.113  7.217   1.00 22.50 ? 35  ILE A N   1 
ATOM   245  C CA  . ILE A 1 35  ? -0.186  -8.884  6.339   1.00 21.97 ? 35  ILE A CA  1 
ATOM   246  C C   . ILE A 1 35  ? -0.021  -10.368 6.655   1.00 29.58 ? 35  ILE A C   1 
ATOM   247  O O   . ILE A 1 35  ? 1.057   -10.808 6.879   1.00 25.96 ? 35  ILE A O   1 
ATOM   248  C CB  . ILE A 1 35  ? 0.164   -8.599  4.887   1.00 23.55 ? 35  ILE A CB  1 
ATOM   249  C CG1 . ILE A 1 35  ? -0.049  -7.117  4.589   1.00 21.20 ? 35  ILE A CG1 1 
ATOM   250  C CG2 . ILE A 1 35  ? -0.668  -9.414  3.981   1.00 28.64 ? 35  ILE A CG2 1 
ATOM   251  C CD1 . ILE A 1 35  ? 0.654   -6.630  3.461   1.00 26.07 ? 35  ILE A CD1 1 
ATOM   252  N N   . THR A 1 36  ? -1.116  -11.093 6.661   1.00 26.18 ? 36  THR A N   1 
ATOM   253  C CA  . THR A 1 36  ? -1.127  -12.521 6.972   1.00 21.62 ? 36  THR A CA  1 
ATOM   254  C C   . THR A 1 36  ? -1.742  -13.330 5.828   1.00 26.61 ? 36  THR A C   1 
ATOM   255  O O   . THR A 1 36  ? -2.296  -12.767 4.871   1.00 23.11 ? 36  THR A O   1 
ATOM   256  C CB  . THR A 1 36  ? -1.893  -12.824 8.287   1.00 22.84 ? 36  THR A CB  1 
ATOM   257  O OG1 . THR A 1 36  ? -3.287  -12.524 8.118   1.00 26.33 ? 36  THR A OG1 1 
ATOM   258  C CG2 . THR A 1 36  ? -1.343  -11.995 9.450   1.00 25.78 ? 36  THR A CG2 1 
ATOM   259  N N   . GLY A 1 37  ? -1.627  -14.652 5.931   1.00 27.45 ? 37  GLY A N   1 
ATOM   260  C CA  . GLY A 1 37  ? -2.194  -15.554 4.949   1.00 26.83 ? 37  GLY A CA  1 
ATOM   261  C C   . GLY A 1 37  ? -1.403  -15.637 3.663   1.00 29.40 ? 37  GLY A C   1 
ATOM   262  O O   . GLY A 1 37  ? -1.863  -16.227 2.691   1.00 33.65 ? 37  GLY A O   1 
ATOM   263  N N   . LEU A 1 38  ? -0.211  -15.042 3.645   1.00 28.41 ? 38  LEU A N   1 
ATOM   264  C CA  . LEU A 1 38  ? 0.642   -15.084 2.462   1.00 26.48 ? 38  LEU A CA  1 
ATOM   265  C C   . LEU A 1 38  ? 1.413   -16.391 2.370   1.00 30.74 ? 38  LEU A C   1 
ATOM   266  O O   . LEU A 1 38  ? 1.696   -17.018 3.384   1.00 29.62 ? 38  LEU A O   1 
ATOM   267  C CB  . LEU A 1 38  ? 1.647   -13.929 2.496   1.00 23.48 ? 38  LEU A CB  1 
ATOM   268  C CG  . LEU A 1 38  ? 1.027   -12.549 2.282   1.00 22.25 ? 38  LEU A CG  1 
ATOM   269  C CD1 . LEU A 1 38  ? 1.986   -11.440 2.703   1.00 26.63 ? 38  LEU A CD1 1 
ATOM   270  C CD2 . LEU A 1 38  ? 0.592   -12.394 0.833   1.00 28.16 ? 38  LEU A CD2 1 
ATOM   271  N N   . ALA A 1 39  ? 1.774   -16.792 1.155   1.00 26.22 ? 39  ALA A N   1 
ATOM   272  C CA  . ALA A 1 39  ? 2.744   -17.873 1.000   1.00 31.79 ? 39  ALA A CA  1 
ATOM   273  C C   . ALA A 1 39  ? 4.110   -17.348 1.432   1.00 28.63 ? 39  ALA A C   1 
ATOM   274  O O   . ALA A 1 39  ? 4.480   -16.209 1.100   1.00 27.03 ? 39  ALA A O   1 
ATOM   275  C CB  . ALA A 1 39  ? 2.783   -18.353 -0.450  1.00 33.28 ? 39  ALA A CB  1 
ATOM   276  N N   . PRO A 1 40  ? 4.866   -18.156 2.192   1.00 29.20 ? 40  PRO A N   1 
ATOM   277  C CA  . PRO A 1 40  ? 6.199   -17.703 2.602   1.00 27.28 ? 40  PRO A CA  1 
ATOM   278  C C   . PRO A 1 40  ? 6.995   -17.230 1.384   1.00 25.32 ? 40  PRO A C   1 
ATOM   279  O O   . PRO A 1 40  ? 6.869   -17.804 0.301   1.00 29.67 ? 40  PRO A O   1 
ATOM   280  C CB  . PRO A 1 40  ? 6.828   -18.977 3.199   1.00 27.07 ? 40  PRO A CB  1 
ATOM   281  C CG  . PRO A 1 40  ? 5.633   -19.758 3.716   1.00 27.24 ? 40  PRO A CG  1 
ATOM   282  C CD  . PRO A 1 40  ? 4.560   -19.517 2.676   1.00 24.57 ? 40  PRO A CD  1 
ATOM   283  N N   . GLY A 1 41  ? 7.794   -16.183 1.543   1.00 23.83 ? 41  GLY A N   1 
ATOM   284  C CA  . GLY A 1 41  ? 8.617   -15.731 0.435   1.00 27.68 ? 41  GLY A CA  1 
ATOM   285  C C   . GLY A 1 41  ? 8.319   -14.306 -0.005  1.00 29.49 ? 41  GLY A C   1 
ATOM   286  O O   . GLY A 1 41  ? 7.514   -13.614 0.616   1.00 26.27 ? 41  GLY A O   1 
ATOM   287  N N   . LEU A 1 42  ? 8.966   -13.882 -1.084  1.00 28.80 ? 42  LEU A N   1 
ATOM   288  C CA  . LEU A 1 42  ? 8.912   -12.492 -1.530  1.00 32.74 ? 42  LEU A CA  1 
ATOM   289  C C   . LEU A 1 42  ? 7.622   -12.141 -2.264  1.00 32.69 ? 42  LEU A C   1 
ATOM   290  O O   . LEU A 1 42  ? 7.118   -12.918 -3.083  1.00 27.43 ? 42  LEU A O   1 
ATOM   291  C CB  . LEU A 1 42  ? 10.117  -12.159 -2.418  1.00 32.21 ? 42  LEU A CB  1 
ATOM   292  C CG  . LEU A 1 42  ? 11.426  -11.777 -1.715  1.00 33.41 ? 42  LEU A CG  1 
ATOM   293  C CD1 . LEU A 1 42  ? 12.597  -11.829 -2.685  1.00 46.73 ? 42  LEU A CD1 1 
ATOM   294  C CD2 . LEU A 1 42  ? 11.335  -10.405 -1.070  1.00 32.17 ? 42  LEU A CD2 1 
ATOM   295  N N   . HIS A 1 43  ? 7.107   -10.952 -1.964  1.00 28.53 ? 43  HIS A N   1 
ATOM   296  C CA  . HIS A 1 43  ? 5.899   -10.436 -2.598  1.00 25.51 ? 43  HIS A CA  1 
ATOM   297  C C   . HIS A 1 43  ? 6.106   -8.989  -3.040  1.00 23.64 ? 43  HIS A C   1 
ATOM   298  O O   . HIS A 1 43  ? 6.858   -8.256  -2.411  1.00 24.57 ? 43  HIS A O   1 
ATOM   299  C CB  . HIS A 1 43  ? 4.717   -10.499 -1.627  1.00 24.33 ? 43  HIS A CB  1 
ATOM   300  C CG  . HIS A 1 43  ? 4.327   -11.893 -1.249  1.00 27.98 ? 43  HIS A CG  1 
ATOM   301  N ND1 . HIS A 1 43  ? 3.321   -12.584 -1.890  1.00 34.24 ? 43  HIS A ND1 1 
ATOM   302  C CD2 . HIS A 1 43  ? 4.818   -12.731 -0.307  1.00 23.27 ? 43  HIS A CD2 1 
ATOM   303  C CE1 . HIS A 1 43  ? 3.203   -13.788 -1.356  1.00 29.55 ? 43  HIS A CE1 1 
ATOM   304  N NE2 . HIS A 1 43  ? 4.106   -13.902 -0.395  1.00 29.96 ? 43  HIS A NE2 1 
ATOM   305  N N   . GLY A 1 44  ? 5.422   -8.591  -4.110  1.00 21.33 ? 44  GLY A N   1 
ATOM   306  C CA  . GLY A 1 44  ? 5.392   -7.199  -4.527  1.00 23.54 ? 44  GLY A CA  1 
ATOM   307  C C   . GLY A 1 44  ? 4.491   -6.366  -3.631  1.00 24.59 ? 44  GLY A C   1 
ATOM   308  O O   . GLY A 1 44  ? 3.551   -6.885  -3.034  1.00 22.55 ? 44  GLY A O   1 
ATOM   309  N N   . PHE A 1 45  ? 4.776   -5.068  -3.543  1.00 20.90 ? 45  PHE A N   1 
ATOM   310  C CA  . PHE A 1 45  ? 3.997   -4.171  -2.702  1.00 22.27 ? 45  PHE A CA  1 
ATOM   311  C C   . PHE A 1 45  ? 3.970   -2.796  -3.378  1.00 21.71 ? 45  PHE A C   1 
ATOM   312  O O   . PHE A 1 45  ? 4.988   -2.092  -3.421  1.00 17.69 ? 45  PHE A O   1 
ATOM   313  C CB  . PHE A 1 45  ? 4.620   -4.111  -1.310  1.00 19.63 ? 45  PHE A CB  1 
ATOM   314  C CG  . PHE A 1 45  ? 3.802   -3.358  -0.297  1.00 20.56 ? 45  PHE A CG  1 
ATOM   315  C CD1 . PHE A 1 45  ? 2.425   -3.419  -0.317  1.00 20.72 ? 45  PHE A CD1 1 
ATOM   316  C CD2 . PHE A 1 45  ? 4.427   -2.620  0.690   1.00 20.52 ? 45  PHE A CD2 1 
ATOM   317  C CE1 . PHE A 1 45  ? 1.684   -2.729  0.619   1.00 25.48 ? 45  PHE A CE1 1 
ATOM   318  C CE2 . PHE A 1 45  ? 3.703   -1.931  1.639   1.00 20.50 ? 45  PHE A CE2 1 
ATOM   319  C CZ  . PHE A 1 45  ? 2.329   -1.979  1.610   1.00 22.68 ? 45  PHE A CZ  1 
ATOM   320  N N   . HIS A 1 46  ? 2.803   -2.424  -3.916  1.00 22.40 ? 46  HIS A N   1 
ATOM   321  C CA  . HIS A 1 46  ? 2.716   -1.249  -4.794  1.00 20.57 ? 46  HIS A CA  1 
ATOM   322  C C   . HIS A 1 46  ? 1.528   -0.349  -4.483  1.00 18.81 ? 46  HIS A C   1 
ATOM   323  O O   . HIS A 1 46  ? 0.498   -0.817  -4.049  1.00 18.91 ? 46  HIS A O   1 
ATOM   324  C CB  . HIS A 1 46  ? 2.560   -1.684  -6.260  1.00 23.61 ? 46  HIS A CB  1 
ATOM   325  C CG  . HIS A 1 46  ? 3.822   -2.170  -6.906  1.00 27.04 ? 46  HIS A CG  1 
ATOM   326  N ND1 . HIS A 1 46  ? 4.590   -1.375  -7.729  1.00 27.28 ? 46  HIS A ND1 1 
ATOM   327  C CD2 . HIS A 1 46  ? 4.423   -3.386  -6.890  1.00 28.52 ? 46  HIS A CD2 1 
ATOM   328  C CE1 . HIS A 1 46  ? 5.626   -2.069  -8.166  1.00 34.59 ? 46  HIS A CE1 1 
ATOM   329  N NE2 . HIS A 1 46  ? 5.545   -3.295  -7.678  1.00 24.16 ? 46  HIS A NE2 1 
ATOM   330  N N   . LEU A 1 47  ? 1.677   0.934   -4.783  1.00 19.57 ? 47  LEU A N   1 
ATOM   331  C CA  . LEU A 1 47  ? 0.568   1.868   -4.838  1.00 17.43 ? 47  LEU A CA  1 
ATOM   332  C C   . LEU A 1 47  ? -0.109  1.713   -6.199  1.00 21.05 ? 47  LEU A C   1 
ATOM   333  O O   . LEU A 1 47  ? 0.577   1.616   -7.214  1.00 23.17 ? 47  LEU A O   1 
ATOM   334  C CB  . LEU A 1 47  ? 1.109   3.293   -4.732  1.00 17.86 ? 47  LEU A CB  1 
ATOM   335  C CG  . LEU A 1 47  ? 1.711   3.790   -3.419  1.00 23.79 ? 47  LEU A CG  1 
ATOM   336  C CD1 . LEU A 1 47  ? 2.432   5.103   -3.659  1.00 27.55 ? 47  LEU A CD1 1 
ATOM   337  C CD2 . LEU A 1 47  ? 0.623   3.951   -2.376  1.00 31.09 ? 47  LEU A CD2 1 
ATOM   338  N N   . HIS A 1 48  ? -1.441  1.669   -6.222  1.00 18.58 ? 48  HIS A N   1 
ATOM   339  C CA  . HIS A 1 48  ? -2.193  1.685   -7.479  1.00 18.75 ? 48  HIS A CA  1 
ATOM   340  C C   . HIS A 1 48  ? -3.139  2.877   -7.567  1.00 19.07 ? 48  HIS A C   1 
ATOM   341  O O   . HIS A 1 48  ? -3.437  3.498   -6.571  1.00 18.20 ? 48  HIS A O   1 
ATOM   342  C CB  . HIS A 1 48  ? -2.933  0.374   -7.712  1.00 18.36 ? 48  HIS A CB  1 
ATOM   343  C CG  . HIS A 1 48  ? -2.023  -0.761  -8.068  1.00 24.83 ? 48  HIS A CG  1 
ATOM   344  N ND1 . HIS A 1 48  ? -2.008  -1.343  -9.318  1.00 22.45 ? 48  HIS A ND1 1 
ATOM   345  C CD2 . HIS A 1 48  ? -1.080  -1.409  -7.339  1.00 23.97 ? 48  HIS A CD2 1 
ATOM   346  C CE1 . HIS A 1 48  ? -1.109  -2.312  -9.339  1.00 25.68 ? 48  HIS A CE1 1 
ATOM   347  N NE2 . HIS A 1 48  ? -0.529  -2.371  -8.149  1.00 24.84 ? 48  HIS A NE2 1 
ATOM   348  N N   . GLU A 1 49  ? -3.601  3.200   -8.774  1.00 23.31 ? 49  GLU A N   1 
ATOM   349  C CA  . GLU A 1 49  ? -4.196  4.518   -9.025  1.00 19.16 ? 49  GLU A CA  1 
ATOM   350  C C   . GLU A 1 49  ? -5.572  4.763   -8.405  1.00 20.94 ? 49  GLU A C   1 
ATOM   351  O O   . GLU A 1 49  ? -5.889  5.889   -8.021  1.00 22.54 ? 49  GLU A O   1 
ATOM   352  C CB  . GLU A 1 49  ? -4.288  4.785   -10.527 1.00 20.50 ? 49  GLU A CB  1 
ATOM   353  C CG  . GLU A 1 49  ? -4.766  6.195   -10.861 1.00 21.36 ? 49  GLU A CG  1 
ATOM   354  C CD  . GLU A 1 49  ? -4.557  6.544   -12.326 1.00 32.31 ? 49  GLU A CD  1 
ATOM   355  O OE1 . GLU A 1 49  ? -4.075  5.670   -13.070 1.00 28.55 ? 49  GLU A OE1 1 
ATOM   356  O OE2 . GLU A 1 49  ? -4.870  7.689   -12.729 1.00 28.54 ? 49  GLU A OE2 1 
ATOM   357  N N   . TYR A 1 50  ? -6.400  3.732   -8.360  1.00 16.87 ? 50  TYR A N   1 
ATOM   358  C CA  . TYR A 1 50  ? -7.778  3.896   -7.930  1.00 20.07 ? 50  TYR A CA  1 
ATOM   359  C C   . TYR A 1 50  ? -8.119  3.086   -6.683  1.00 20.22 ? 50  TYR A C   1 
ATOM   360  O O   . TYR A 1 50  ? -7.695  1.942   -6.548  1.00 22.79 ? 50  TYR A O   1 
ATOM   361  C CB  . TYR A 1 50  ? -8.729  3.547   -9.058  1.00 17.05 ? 50  TYR A CB  1 
ATOM   362  C CG  . TYR A 1 50  ? -8.574  4.484   -10.249 1.00 18.69 ? 50  TYR A CG  1 
ATOM   363  C CD1 . TYR A 1 50  ? -8.966  5.802   -10.157 1.00 19.74 ? 50  TYR A CD1 1 
ATOM   364  C CD2 . TYR A 1 50  ? -8.009  4.045   -11.439 1.00 25.36 ? 50  TYR A CD2 1 
ATOM   365  C CE1 . TYR A 1 50  ? -8.838  6.653   -11.222 1.00 26.15 ? 50  TYR A CE1 1 
ATOM   366  C CE2 . TYR A 1 50  ? -7.871  4.895   -12.515 1.00 25.18 ? 50  TYR A CE2 1 
ATOM   367  C CZ  . TYR A 1 50  ? -8.282  6.198   -12.394 1.00 29.11 ? 50  TYR A CZ  1 
ATOM   368  O OH  . TYR A 1 50  ? -8.150  7.072   -13.447 1.00 35.07 ? 50  TYR A OH  1 
ATOM   369  N N   . GLY A 1 51  ? -8.880  3.700   -5.780  1.00 17.38 ? 51  GLY A N   1 
ATOM   370  C CA  . GLY A 1 51  ? -9.317  3.018   -4.571  1.00 17.42 ? 51  GLY A CA  1 
ATOM   371  C C   . GLY A 1 51  ? -10.641 2.340   -4.855  1.00 18.88 ? 51  GLY A C   1 
ATOM   372  O O   . GLY A 1 51  ? -11.642 2.580   -4.172  1.00 22.65 ? 51  GLY A O   1 
ATOM   373  N N   . ASP A 1 52  ? -10.637 1.498   -5.888  1.00 17.21 ? 52  ASP A N   1 
ATOM   374  C CA  . ASP A 1 52  ? -11.831 0.821   -6.374  1.00 20.47 ? 52  ASP A CA  1 
ATOM   375  C C   . ASP A 1 52  ? -11.639 -0.683  -6.221  1.00 25.81 ? 52  ASP A C   1 
ATOM   376  O O   . ASP A 1 52  ? -10.801 -1.285  -6.890  1.00 23.95 ? 52  ASP A O   1 
ATOM   377  C CB  . ASP A 1 52  ? -12.049 1.160   -7.847  1.00 25.40 ? 52  ASP A CB  1 
ATOM   378  C CG  . ASP A 1 52  ? -13.316 0.542   -8.407  1.00 30.72 ? 52  ASP A CG  1 
ATOM   379  O OD1 . ASP A 1 52  ? -13.793 -0.465  -7.850  1.00 27.43 ? 52  ASP A OD1 1 
ATOM   380  O OD2 . ASP A 1 52  ? -13.832 1.066   -9.411  1.00 33.20 ? 52  ASP A OD2 1 
ATOM   381  N N   . THR A 1 53  ? -12.398 -1.284  -5.318  1.00 21.05 ? 53  THR A N   1 
ATOM   382  C CA  . THR A 1 53  ? -12.307 -2.717  -5.115  1.00 25.29 ? 53  THR A CA  1 
ATOM   383  C C   . THR A 1 53  ? -13.631 -3.390  -5.520  1.00 25.22 ? 53  THR A C   1 
ATOM   384  O O   . THR A 1 53  ? -13.948 -4.485  -5.061  1.00 34.61 ? 53  THR A O   1 
ATOM   385  C CB  . THR A 1 53  ? -11.904 -3.045  -3.656  1.00 27.80 ? 53  THR A CB  1 
ATOM   386  O OG1 . THR A 1 53  ? -12.880 -2.512  -2.752  1.00 23.86 ? 53  THR A OG1 1 
ATOM   387  C CG2 . THR A 1 53  ? -10.553 -2.420  -3.328  1.00 27.79 ? 53  THR A CG2 1 
ATOM   388  N N   . THR A 1 54  ? -14.402 -2.723  -6.378  1.00 29.04 ? 54  THR A N   1 
ATOM   389  C CA  . THR A 1 54  ? -15.697 -3.256  -6.819  1.00 30.19 ? 54  THR A CA  1 
ATOM   390  C C   . THR A 1 54  ? -15.547 -4.500  -7.673  1.00 35.34 ? 54  THR A C   1 
ATOM   391  O O   . THR A 1 54  ? -16.440 -5.347  -7.711  1.00 33.05 ? 54  THR A O   1 
ATOM   392  C CB  . THR A 1 54  ? -16.521 -2.238  -7.630  1.00 37.31 ? 54  THR A CB  1 
ATOM   393  O OG1 . THR A 1 54  ? -15.826 -1.905  -8.841  1.00 31.31 ? 54  THR A OG1 1 
ATOM   394  C CG2 . THR A 1 54  ? -16.785 -0.990  -6.816  1.00 27.57 ? 54  THR A CG2 1 
ATOM   395  N N   . ASN A 1 55  ? -14.431 -4.611  -8.379  1.00 37.44 ? 55  ASN A N   1 
ATOM   396  C CA  . ASN A 1 55  ? -14.135 -5.847  -9.077  1.00 37.96 ? 55  ASN A CA  1 
ATOM   397  C C   . ASN A 1 55  ? -12.877 -6.493  -8.519  1.00 42.83 ? 55  ASN A C   1 
ATOM   398  O O   . ASN A 1 55  ? -12.037 -7.012  -9.263  1.00 41.86 ? 55  ASN A O   1 
ATOM   399  C CB  . ASN A 1 55  ? -14.009 -5.610  -10.580 1.00 35.94 ? 55  ASN A CB  1 
ATOM   400  C CG  . ASN A 1 55  ? -14.000 -6.898  -11.369 1.00 46.65 ? 55  ASN A CG  1 
ATOM   401  O OD1 . ASN A 1 55  ? -14.384 -7.952  -10.859 1.00 43.52 ? 55  ASN A OD1 1 
ATOM   402  N ND2 . ASN A 1 55  ? -13.560 -6.825  -12.622 1.00 47.85 ? 55  ASN A ND2 1 
ATOM   403  N N   . GLY A 1 56  ? -12.754 -6.467  -7.197  1.00 35.01 ? 56  GLY A N   1 
ATOM   404  C CA  . GLY A 1 56  ? -11.572 -7.007  -6.553  1.00 37.25 ? 56  GLY A CA  1 
ATOM   405  C C   . GLY A 1 56  ? -10.390 -6.089  -6.787  1.00 35.48 ? 56  GLY A C   1 
ATOM   406  O O   . GLY A 1 56  ? -10.550 -4.886  -7.049  1.00 30.33 ? 56  GLY A O   1 
ATOM   407  N N   . CYS A 1 57  ? -9.191  -6.647  -6.708  1.00 27.45 ? 57  CYS A N   1 
ATOM   408  C CA  . CYS A 1 57  ? -7.998  -5.827  -6.823  1.00 29.37 ? 57  CYS A CA  1 
ATOM   409  C C   . CYS A 1 57  ? -7.691  -5.424  -8.277  1.00 17.86 ? 57  CYS A C   1 
ATOM   410  O O   . CYS A 1 57  ? -6.861  -4.564  -8.519  1.00 26.73 ? 57  CYS A O   1 
ATOM   411  C CB  . CYS A 1 57  ? -6.819  -6.524  -6.149  1.00 28.84 ? 57  CYS A CB  1 
ATOM   412  S SG  . CYS A 1 57  ? -7.198  -6.974  -4.423  1.00 28.43 ? 57  CYS A SG  1 
ATOM   413  N N   . MET A 1 58  ? -8.362  -6.033  -9.249  1.00 30.88 ? 58  MET A N   1 
ATOM   414  C CA  . MET A 1 58  ? -8.137  -5.593  -10.634 1.00 34.74 ? 58  MET A CA  1 
ATOM   415  C C   . MET A 1 58  ? -8.667  -4.175  -10.879 1.00 28.12 ? 58  MET A C   1 
ATOM   416  O O   . MET A 1 58  ? -8.121  -3.429  -11.704 1.00 26.50 ? 58  MET A O   1 
ATOM   417  C CB  . MET A 1 58  ? -8.710  -6.577  -11.661 1.00 35.00 ? 58  MET A CB  1 
ATOM   418  C CG  . MET A 1 58  ? -7.875  -7.864  -11.821 1.00 38.48 ? 58  MET A CG  1 
ATOM   419  S SD  . MET A 1 58  ? -6.088  -7.579  -11.974 1.00 53.74 ? 58  MET A SD  1 
ATOM   420  C CE  . MET A 1 58  ? -5.967  -6.533  -13.427 1.00 41.17 ? 58  MET A CE  1 
ATOM   421  N N   A SER A 1 59  ? -9.722  -3.804  -10.166 0.43 24.29 ? 59  SER A N   1 
ATOM   422  N N   B SER A 1 59  ? -9.722  -3.812  -10.158 0.57 24.26 ? 59  SER A N   1 
ATOM   423  C CA  A SER A 1 59  ? -10.316 -2.480  -10.339 0.43 28.14 ? 59  SER A CA  1 
ATOM   424  C CA  B SER A 1 59  ? -10.332 -2.484  -10.288 0.57 28.20 ? 59  SER A CA  1 
ATOM   425  C C   A SER A 1 59  ? -9.489  -1.350  -9.715  0.43 23.03 ? 59  SER A C   1 
ATOM   426  C C   B SER A 1 59  ? -9.456  -1.352  -9.756  0.57 23.02 ? 59  SER A C   1 
ATOM   427  O O   A SER A 1 59  ? -9.828  -0.180  -9.860  0.43 19.81 ? 59  SER A O   1 
ATOM   428  O O   B SER A 1 59  ? -9.734  -0.181  -9.996  0.57 19.61 ? 59  SER A O   1 
ATOM   429  C CB  A SER A 1 59  ? -11.756 -2.453  -9.816  0.43 28.00 ? 59  SER A CB  1 
ATOM   430  C CB  B SER A 1 59  ? -11.690 -2.441  -9.583  0.57 27.83 ? 59  SER A CB  1 
ATOM   431  O OG  A SER A 1 59  ? -11.871 -3.165  -8.599  0.43 26.94 ? 59  SER A OG  1 
ATOM   432  O OG  B SER A 1 59  ? -12.675 -3.102  -10.347 0.57 30.29 ? 59  SER A OG  1 
ATOM   433  N N   . THR A 1 60  ? -8.404  -1.689  -9.026  1.00 20.31 ? 60  THR A N   1 
ATOM   434  C CA  . THR A 1 60  ? -7.519  -0.654  -8.505  1.00 21.67 ? 60  THR A CA  1 
ATOM   435  C C   . THR A 1 60  ? -6.699  -0.028  -9.625  1.00 22.25 ? 60  THR A C   1 
ATOM   436  O O   . THR A 1 60  ? -5.964  0.931   -9.412  1.00 21.13 ? 60  THR A O   1 
ATOM   437  C CB  . THR A 1 60  ? -6.605  -1.163  -7.364  1.00 22.83 ? 60  THR A CB  1 
ATOM   438  O OG1 . THR A 1 60  ? -5.786  -2.234  -7.846  1.00 27.44 ? 60  THR A OG1 1 
ATOM   439  C CG2 . THR A 1 60  ? -7.462  -1.663  -6.218  1.00 19.96 ? 60  THR A CG2 1 
ATOM   440  N N   . GLY A 1 61  ? -6.831  -0.574  -10.830 1.00 23.23 ? 61  GLY A N   1 
ATOM   441  C CA  . GLY A 1 61  ? -6.170  -0.004  -11.989 1.00 24.27 ? 61  GLY A CA  1 
ATOM   442  C C   . GLY A 1 61  ? -4.653  -0.095  -12.011 1.00 28.63 ? 61  GLY A C   1 
ATOM   443  O O   . GLY A 1 61  ? -4.049  -0.995  -11.425 1.00 27.14 ? 61  GLY A O   1 
ATOM   444  N N   . ALA A 1 62  ? -4.041  0.862   -12.696 1.00 22.66 ? 62  ALA A N   1 
ATOM   445  C CA  . ALA A 1 62  ? -2.597  0.876   -12.934 1.00 27.85 ? 62  ALA A CA  1 
ATOM   446  C C   . ALA A 1 62  ? -1.712  1.150   -11.711 1.00 28.89 ? 62  ALA A C   1 
ATOM   447  O O   . ALA A 1 62  ? -2.119  1.808   -10.752 1.00 21.45 ? 62  ALA A O   1 
ATOM   448  C CB  . ALA A 1 62  ? -2.270  1.885   -14.038 1.00 30.21 ? 62  ALA A CB  1 
ATOM   449  N N   . HIS A 1 63  ? -0.483  0.645   -11.770 1.00 23.46 ? 63  HIS A N   1 
ATOM   450  C CA  . HIS A 1 63  ? 0.567   1.085   -10.861 1.00 21.98 ? 63  HIS A CA  1 
ATOM   451  C C   . HIS A 1 63  ? 0.608   2.611   -10.867 1.00 27.30 ? 63  HIS A C   1 
ATOM   452  O O   . HIS A 1 63  ? 0.581   3.237   -11.918 1.00 29.18 ? 63  HIS A O   1 
ATOM   453  C CB  . HIS A 1 63  ? 1.920   0.521   -11.301 1.00 31.15 ? 63  HIS A CB  1 
ATOM   454  C CG  . HIS A 1 63  ? 1.997   -0.973  -11.227 1.00 29.27 ? 63  HIS A CG  1 
ATOM   455  N ND1 . HIS A 1 63  ? 2.634   -1.635  -10.203 1.00 30.15 ? 63  HIS A ND1 1 
ATOM   456  C CD2 . HIS A 1 63  ? 1.487   -1.933  -12.038 1.00 42.42 ? 63  HIS A CD2 1 
ATOM   457  C CE1 . HIS A 1 63  ? 2.529   -2.939  -10.392 1.00 29.53 ? 63  HIS A CE1 1 
ATOM   458  N NE2 . HIS A 1 63  ? 1.838   -3.146  -11.498 1.00 38.34 ? 63  HIS A NE2 1 
ATOM   459  N N   . PHE A 1 64  ? 0.694   3.203   -9.685  1.00 22.58 ? 64  PHE A N   1 
ATOM   460  C CA  . PHE A 1 64  ? 0.611   4.648   -9.552  1.00 22.25 ? 64  PHE A CA  1 
ATOM   461  C C   . PHE A 1 64  ? 1.918   5.207   -9.048  1.00 23.63 ? 64  PHE A C   1 
ATOM   462  O O   . PHE A 1 64  ? 2.386   4.834   -7.974  1.00 21.06 ? 64  PHE A O   1 
ATOM   463  C CB  . PHE A 1 64  ? -0.517  5.012   -8.595  1.00 24.26 ? 64  PHE A CB  1 
ATOM   464  C CG  . PHE A 1 64  ? -0.734  6.490   -8.445  1.00 27.24 ? 64  PHE A CG  1 
ATOM   465  C CD1 . PHE A 1 64  ? -1.296  7.229   -9.473  1.00 27.40 ? 64  PHE A CD1 1 
ATOM   466  C CD2 . PHE A 1 64  ? -0.392  7.135   -7.271  1.00 26.63 ? 64  PHE A CD2 1 
ATOM   467  C CE1 . PHE A 1 64  ? -1.507  8.593   -9.330  1.00 27.32 ? 64  PHE A CE1 1 
ATOM   468  C CE2 . PHE A 1 64  ? -0.595  8.499   -7.123  1.00 27.51 ? 64  PHE A CE2 1 
ATOM   469  C CZ  . PHE A 1 64  ? -1.153  9.227   -8.153  1.00 25.88 ? 64  PHE A CZ  1 
ATOM   470  N N   . ASN A 1 65  ? 2.515   6.095   -9.843  1.00 21.82 ? 65  ASN A N   1 
ATOM   471  C CA  . ASN A 1 65  ? 3.716   6.799   -9.441  1.00 24.85 ? 65  ASN A CA  1 
ATOM   472  C C   . ASN A 1 65  ? 3.342   8.238   -9.122  1.00 27.25 ? 65  ASN A C   1 
ATOM   473  O O   . ASN A 1 65  ? 3.060   9.010   -10.032 1.00 26.23 ? 65  ASN A O   1 
ATOM   474  C CB  . ASN A 1 65  ? 4.749   6.769   -10.569 1.00 27.15 ? 65  ASN A CB  1 
ATOM   475  C CG  . ASN A 1 65  ? 5.989   7.589   -10.249 1.00 30.51 ? 65  ASN A CG  1 
ATOM   476  O OD1 . ASN A 1 65  ? 6.075   8.230   -9.205  1.00 34.90 ? 65  ASN A OD1 1 
ATOM   477  N ND2 . ASN A 1 65  ? 6.948   7.579   -11.159 1.00 36.49 ? 65  ASN A ND2 1 
ATOM   478  N N   . PRO A 1 66  ? 3.323   8.599   -7.829  1.00 25.48 ? 66  PRO A N   1 
ATOM   479  C CA  . PRO A 1 66  ? 2.905   9.956   -7.425  1.00 28.54 ? 66  PRO A CA  1 
ATOM   480  C C   . PRO A 1 66  ? 3.829   11.053  -7.955  1.00 34.81 ? 66  PRO A C   1 
ATOM   481  O O   . PRO A 1 66  ? 3.414   12.209  -8.104  1.00 36.29 ? 66  PRO A O   1 
ATOM   482  C CB  . PRO A 1 66  ? 3.012   9.913   -5.896  1.00 23.67 ? 66  PRO A CB  1 
ATOM   483  C CG  . PRO A 1 66  ? 2.989   8.453   -5.535  1.00 31.35 ? 66  PRO A CG  1 
ATOM   484  C CD  . PRO A 1 66  ? 3.671   7.757   -6.670  1.00 28.21 ? 66  PRO A CD  1 
ATOM   485  N N   . ASN A 1 67  ? 5.080   10.690  -8.217  1.00 28.02 ? 67  ASN A N   1 
ATOM   486  C CA  . ASN A 1 67  ? 6.107   11.651  -8.574  1.00 31.28 ? 67  ASN A CA  1 
ATOM   487  C C   . ASN A 1 67  ? 6.477   11.562  -10.028 1.00 34.06 ? 67  ASN A C   1 
ATOM   488  O O   . ASN A 1 67  ? 7.609   11.870  -10.400 1.00 36.68 ? 67  ASN A O   1 
ATOM   489  C CB  . ASN A 1 67  ? 7.369   11.396  -7.755  1.00 34.00 ? 67  ASN A CB  1 
ATOM   490  C CG  . ASN A 1 67  ? 7.430   12.232  -6.505  1.00 40.81 ? 67  ASN A CG  1 
ATOM   491  O OD1 . ASN A 1 67  ? 7.838   11.752  -5.448  1.00 51.32 ? 67  ASN A OD1 1 
ATOM   492  N ND2 . ASN A 1 67  ? 7.031   13.497  -6.614  1.00 39.50 ? 67  ASN A ND2 1 
ATOM   493  N N   . LYS A 1 68  ? 5.528   11.144  -10.856 1.00 30.42 ? 68  LYS A N   1 
ATOM   494  C CA  . LYS A 1 68  ? 5.845   10.843  -12.240 1.00 35.30 ? 68  LYS A CA  1 
ATOM   495  C C   . LYS A 1 68  ? 6.496   12.029  -12.959 1.00 38.61 ? 68  LYS A C   1 
ATOM   496  O O   . LYS A 1 68  ? 7.480   11.856  -13.678 1.00 32.45 ? 68  LYS A O   1 
ATOM   497  C CB  . LYS A 1 68  ? 4.603   10.373  -12.989 1.00 33.54 ? 68  LYS A CB  1 
ATOM   498  C CG  . LYS A 1 68  ? 4.898   9.344   -14.060 1.00 43.37 ? 68  LYS A CG  1 
ATOM   499  C CD  . LYS A 1 68  ? 3.750   8.355   -14.200 1.00 42.59 ? 68  LYS A CD  1 
ATOM   500  C CE  . LYS A 1 68  ? 3.952   7.441   -15.392 1.00 49.10 ? 68  LYS A CE  1 
ATOM   501  N NZ  . LYS A 1 68  ? 3.946   8.231   -16.652 1.00 53.48 ? 68  LYS A NZ  1 
ATOM   502  N N   . LEU A 1 69  ? 5.952   13.225  -12.751 1.00 35.61 ? 69  LEU A N   1 
ATOM   503  C CA  . LEU A 1 69  ? 6.397   14.407  -13.497 1.00 38.22 ? 69  LEU A CA  1 
ATOM   504  C C   . LEU A 1 69  ? 7.519   15.188  -12.835 1.00 34.36 ? 69  LEU A C   1 
ATOM   505  O O   . LEU A 1 69  ? 7.950   16.209  -13.358 1.00 36.94 ? 69  LEU A O   1 
ATOM   506  C CB  . LEU A 1 69  ? 5.223   15.353  -13.758 1.00 37.32 ? 69  LEU A CB  1 
ATOM   507  C CG  . LEU A 1 69  ? 4.013   14.744  -14.454 1.00 37.29 ? 69  LEU A CG  1 
ATOM   508  C CD1 . LEU A 1 69  ? 2.840   15.717  -14.460 1.00 34.68 ? 69  LEU A CD1 1 
ATOM   509  C CD2 . LEU A 1 69  ? 4.368   14.286  -15.861 1.00 39.04 ? 69  LEU A CD2 1 
ATOM   510  N N   . THR A 1 70  ? 7.993   14.719  -11.690 1.00 36.08 ? 70  THR A N   1 
ATOM   511  C CA  . THR A 1 70  ? 8.988   15.471  -10.933 1.00 37.27 ? 70  THR A CA  1 
ATOM   512  C C   . THR A 1 70  ? 10.374  15.486  -11.586 1.00 44.75 ? 70  THR A C   1 
ATOM   513  O O   . THR A 1 70  ? 10.816  14.488  -12.159 1.00 38.78 ? 70  THR A O   1 
ATOM   514  C CB  . THR A 1 70  ? 9.094   14.952  -9.496  1.00 36.33 ? 70  THR A CB  1 
ATOM   515  O OG1 . THR A 1 70  ? 7.806   15.033  -8.876  1.00 42.56 ? 70  THR A OG1 1 
ATOM   516  C CG2 . THR A 1 70  ? 10.096  15.777  -8.703  1.00 43.74 ? 70  THR A CG2 1 
ATOM   517  N N   . HIS A 1 71  ? 11.051  16.630  -11.490 1.00 40.34 ? 71  HIS A N   1 
ATOM   518  C CA  . HIS A 1 71  ? 12.390  16.791  -12.056 1.00 40.94 ? 71  HIS A CA  1 
ATOM   519  C C   . HIS A 1 71  ? 13.480  16.674  -10.991 1.00 45.57 ? 71  HIS A C   1 
ATOM   520  O O   . HIS A 1 71  ? 13.477  17.408  -10.002 1.00 53.83 ? 71  HIS A O   1 
ATOM   521  C CB  . HIS A 1 71  ? 12.518  18.135  -12.776 1.00 37.15 ? 71  HIS A CB  1 
ATOM   522  C CG  . HIS A 1 71  ? 11.967  18.132  -14.170 1.00 43.95 ? 71  HIS A CG  1 
ATOM   523  N ND1 . HIS A 1 71  ? 11.438  19.260  -14.761 1.00 49.42 ? 71  HIS A ND1 1 
ATOM   524  C CD2 . HIS A 1 71  ? 11.853  17.140  -15.084 1.00 38.85 ? 71  HIS A CD2 1 
ATOM   525  C CE1 . HIS A 1 71  ? 11.029  18.962  -15.983 1.00 42.63 ? 71  HIS A CE1 1 
ATOM   526  N NE2 . HIS A 1 71  ? 11.269  17.682  -16.202 1.00 41.81 ? 71  HIS A NE2 1 
ATOM   527  N N   . HIS A 1 80  ? 10.949  4.726   -9.646  1.00 39.66 ? 80  HIS A N   1 
ATOM   528  C CA  . HIS A 1 80  ? 10.438  3.632   -8.823  1.00 42.04 ? 80  HIS A CA  1 
ATOM   529  C C   . HIS A 1 80  ? 9.381   4.085   -7.821  1.00 37.46 ? 80  HIS A C   1 
ATOM   530  O O   . HIS A 1 80  ? 8.910   3.282   -7.022  1.00 36.34 ? 80  HIS A O   1 
ATOM   531  C CB  . HIS A 1 80  ? 11.571  2.951   -8.052  1.00 48.42 ? 80  HIS A CB  1 
ATOM   532  C CG  . HIS A 1 80  ? 12.665  2.423   -8.924  1.00 53.26 ? 80  HIS A CG  1 
ATOM   533  N ND1 . HIS A 1 80  ? 12.439  1.493   -9.917  1.00 56.06 ? 80  HIS A ND1 1 
ATOM   534  C CD2 . HIS A 1 80  ? 13.994  2.681   -8.942  1.00 59.87 ? 80  HIS A CD2 1 
ATOM   535  C CE1 . HIS A 1 80  ? 13.583  1.210   -10.517 1.00 67.51 ? 80  HIS A CE1 1 
ATOM   536  N NE2 . HIS A 1 80  ? 14.542  1.916   -9.943  1.00 61.29 ? 80  HIS A NE2 1 
ATOM   537  N N   . ALA A 1 81  ? 9.023   5.365   -7.836  1.00 34.49 ? 81  ALA A N   1 
ATOM   538  C CA  . ALA A 1 81  ? 8.006   5.838   -6.898  1.00 36.18 ? 81  ALA A CA  1 
ATOM   539  C C   . ALA A 1 81  ? 6.714   5.041   -7.086  1.00 31.12 ? 81  ALA A C   1 
ATOM   540  O O   . ALA A 1 81  ? 6.305   4.770   -8.219  1.00 32.62 ? 81  ALA A O   1 
ATOM   541  C CB  . ALA A 1 81  ? 7.760   7.324   -7.063  1.00 37.57 ? 81  ALA A CB  1 
ATOM   542  N N   . GLY A 1 82  ? 6.079   4.659   -5.977  1.00 29.60 ? 82  GLY A N   1 
ATOM   543  C CA  . GLY A 1 82  ? 4.907   3.791   -6.036  1.00 23.44 ? 82  GLY A CA  1 
ATOM   544  C C   . GLY A 1 82  ? 5.236   2.307   -5.826  1.00 29.60 ? 82  GLY A C   1 
ATOM   545  O O   . GLY A 1 82  ? 4.369   1.508   -5.442  1.00 24.37 ? 82  GLY A O   1 
ATOM   546  N N   . ASP A 1 83  ? 6.476   1.915   -6.118  1.00 31.97 ? 83  ASP A N   1 
ATOM   547  C CA  . ASP A 1 83  ? 6.944   0.577   -5.743  1.00 32.10 ? 83  ASP A CA  1 
ATOM   548  C C   . ASP A 1 83  ? 7.499   0.746   -4.341  1.00 25.39 ? 83  ASP A C   1 
ATOM   549  O O   . ASP A 1 83  ? 8.504   1.421   -4.149  1.00 25.18 ? 83  ASP A O   1 
ATOM   550  C CB  . ASP A 1 83  ? 8.030   0.055   -6.706  1.00 27.48 ? 83  ASP A CB  1 
ATOM   551  C CG  . ASP A 1 83  ? 8.477   -1.389  -6.392  1.00 32.37 ? 83  ASP A CG  1 
ATOM   552  O OD1 . ASP A 1 83  ? 8.184   -1.895  -5.291  1.00 24.70 ? 83  ASP A OD1 1 
ATOM   553  O OD2 . ASP A 1 83  ? 9.134   -2.023  -7.254  1.00 28.85 ? 83  ASP A OD2 1 
ATOM   554  N N   . LEU A 1 84  ? 6.816   0.170   -3.358  1.00 26.24 ? 84  LEU A N   1 
ATOM   555  C CA  . LEU A 1 84  ? 7.210   0.335   -1.963  1.00 25.00 ? 84  LEU A CA  1 
ATOM   556  C C   . LEU A 1 84  ? 8.346   -0.602  -1.575  1.00 27.12 ? 84  LEU A C   1 
ATOM   557  O O   . LEU A 1 84  ? 8.954   -0.463  -0.508  1.00 20.52 ? 84  LEU A O   1 
ATOM   558  C CB  . LEU A 1 84  ? 6.010   0.129   -1.039  1.00 27.81 ? 84  LEU A CB  1 
ATOM   559  C CG  . LEU A 1 84  ? 5.232   1.410   -0.729  1.00 35.30 ? 84  LEU A CG  1 
ATOM   560  C CD1 . LEU A 1 84  ? 4.509   1.898   -1.950  1.00 32.00 ? 84  LEU A CD1 1 
ATOM   561  C CD2 . LEU A 1 84  ? 4.258   1.193   0.427   1.00 35.33 ? 84  LEU A CD2 1 
ATOM   562  N N   . GLY A 1 85  ? 8.637   -1.545  -2.463  1.00 29.65 ? 85  GLY A N   1 
ATOM   563  C CA  . GLY A 1 85  ? 9.675   -2.527  -2.234  1.00 27.85 ? 85  GLY A CA  1 
ATOM   564  C C   . GLY A 1 85  ? 9.073   -3.876  -1.887  1.00 24.42 ? 85  GLY A C   1 
ATOM   565  O O   . GLY A 1 85  ? 7.996   -3.962  -1.302  1.00 22.83 ? 85  GLY A O   1 
ATOM   566  N N   . ASN A 1 86  ? 9.772   -4.939  -2.269  1.00 25.51 ? 86  ASN A N   1 
ATOM   567  C CA  . ASN A 1 86  ? 9.311   -6.288  -1.989  1.00 24.81 ? 86  ASN A CA  1 
ATOM   568  C C   . ASN A 1 86  ? 9.297   -6.544  -0.492  1.00 30.10 ? 86  ASN A C   1 
ATOM   569  O O   . ASN A 1 86  ? 10.179  -6.076  0.249   1.00 25.85 ? 86  ASN A O   1 
ATOM   570  C CB  . ASN A 1 86  ? 10.208  -7.324  -2.689  1.00 30.89 ? 86  ASN A CB  1 
ATOM   571  C CG  . ASN A 1 86  ? 10.068  -7.307  -4.202  1.00 32.84 ? 86  ASN A CG  1 
ATOM   572  O OD1 . ASN A 1 86  ? 10.907  -7.861  -4.917  1.00 37.28 ? 86  ASN A OD1 1 
ATOM   573  N ND2 . ASN A 1 86  ? 9.006   -6.687  -4.699  1.00 23.59 ? 86  ASN A ND2 1 
ATOM   574  N N   . ILE A 1 87  ? 8.286   -7.280  -0.047  1.00 27.35 ? 87  ILE A N   1 
ATOM   575  C CA  . ILE A 1 87  ? 8.201   -7.688  1.337   1.00 22.17 ? 87  ILE A CA  1 
ATOM   576  C C   . ILE A 1 87  ? 8.351   -9.208  1.459   1.00 22.61 ? 87  ILE A C   1 
ATOM   577  O O   . ILE A 1 87  ? 8.050   -9.963  0.526   1.00 24.59 ? 87  ILE A O   1 
ATOM   578  C CB  . ILE A 1 87  ? 6.878   -7.207  1.980   1.00 20.32 ? 87  ILE A CB  1 
ATOM   579  C CG1 . ILE A 1 87  ? 5.683   -7.828  1.258   1.00 25.38 ? 87  ILE A CG1 1 
ATOM   580  C CG2 . ILE A 1 87  ? 6.781   -5.681  1.916   1.00 19.94 ? 87  ILE A CG2 1 
ATOM   581  C CD1 . ILE A 1 87  ? 4.350   -7.430  1.834   1.00 24.61 ? 87  ILE A CD1 1 
ATOM   582  N N   . VAL A 1 88  ? 8.832   -9.653  2.615   1.00 28.50 ? 88  VAL A N   1 
ATOM   583  C CA  . VAL A 1 88  ? 9.036   -11.075 2.845   1.00 23.27 ? 88  VAL A CA  1 
ATOM   584  C C   . VAL A 1 88  ? 8.047   -11.608 3.868   1.00 23.34 ? 88  VAL A C   1 
ATOM   585  O O   . VAL A 1 88  ? 7.988   -11.135 5.005   1.00 25.32 ? 88  VAL A O   1 
ATOM   586  C CB  . VAL A 1 88  ? 10.456  -11.391 3.344   1.00 31.34 ? 88  VAL A CB  1 
ATOM   587  C CG1 . VAL A 1 88  ? 10.671  -12.906 3.361   1.00 28.33 ? 88  VAL A CG1 1 
ATOM   588  C CG2 . VAL A 1 88  ? 11.498  -10.708 2.458   1.00 32.85 ? 88  VAL A CG2 1 
ATOM   589  N N   . ALA A 1 89  ? 7.258   -12.584 3.444   1.00 23.56 ? 89  ALA A N   1 
ATOM   590  C CA  . ALA A 1 89  ? 6.408   -13.339 4.356   1.00 21.36 ? 89  ALA A CA  1 
ATOM   591  C C   . ALA A 1 89  ? 7.233   -14.458 4.995   1.00 22.69 ? 89  ALA A C   1 
ATOM   592  O O   . ALA A 1 89  ? 7.924   -15.190 4.293   1.00 23.79 ? 89  ALA A O   1 
ATOM   593  C CB  . ALA A 1 89  ? 5.225   -13.927 3.599   1.00 22.22 ? 89  ALA A CB  1 
ATOM   594  N N   . ASN A 1 90  ? 7.163   -14.581 6.320   1.00 24.67 ? 90  ASN A N   1 
ATOM   595  C CA  . ASN A 1 90  ? 7.865   -15.645 7.030   1.00 24.87 ? 90  ASN A CA  1 
ATOM   596  C C   . ASN A 1 90  ? 7.188   -17.024 6.862   1.00 28.92 ? 90  ASN A C   1 
ATOM   597  O O   . ASN A 1 90  ? 6.188   -17.158 6.153   1.00 21.80 ? 90  ASN A O   1 
ATOM   598  C CB  . ASN A 1 90  ? 8.083   -15.272 8.515   1.00 24.23 ? 90  ASN A CB  1 
ATOM   599  C CG  . ASN A 1 90  ? 6.788   -15.206 9.310   1.00 20.68 ? 90  ASN A CG  1 
ATOM   600  O OD1 . ASN A 1 90  ? 5.768   -15.772 8.909   1.00 25.24 ? 90  ASN A OD1 1 
ATOM   601  N ND2 . ASN A 1 90  ? 6.825   -14.511 10.445  1.00 23.77 ? 90  ASN A ND2 1 
ATOM   602  N N   . ALA A 1 91  ? 7.731   -18.060 7.497   1.00 25.59 ? 91  ALA A N   1 
ATOM   603  C CA  . ALA A 1 91  ? 7.202   -19.401 7.274   1.00 25.63 ? 91  ALA A CA  1 
ATOM   604  C C   . ALA A 1 91  ? 5.761   -19.529 7.766   1.00 24.97 ? 91  ALA A C   1 
ATOM   605  O O   . ALA A 1 91  ? 5.065   -20.486 7.435   1.00 26.30 ? 91  ALA A O   1 
ATOM   606  C CB  . ALA A 1 91  ? 8.094   -20.458 7.937   1.00 25.47 ? 91  ALA A CB  1 
ATOM   607  N N   . ASP A 1 92  ? 5.329   -18.567 8.574   1.00 25.44 ? 92  ASP A N   1 
ATOM   608  C CA  . ASP A 1 92  ? 3.969   -18.542 9.106   1.00 27.26 ? 92  ASP A CA  1 
ATOM   609  C C   . ASP A 1 92  ? 3.031   -17.742 8.205   1.00 29.69 ? 92  ASP A C   1 
ATOM   610  O O   . ASP A 1 92  ? 1.852   -17.553 8.525   1.00 26.34 ? 92  ASP A O   1 
ATOM   611  C CB  . ASP A 1 92  ? 3.965   -17.942 10.510  1.00 26.44 ? 92  ASP A CB  1 
ATOM   612  C CG  . ASP A 1 92  ? 4.631   -18.852 11.537  1.00 31.32 ? 92  ASP A CG  1 
ATOM   613  O OD1 . ASP A 1 92  ? 4.898   -20.021 11.200  1.00 31.46 ? 92  ASP A OD1 1 
ATOM   614  O OD2 . ASP A 1 92  ? 4.883   -18.389 12.663  1.00 30.02 ? 92  ASP A OD2 1 
ATOM   615  N N   . GLY A 1 93  ? 3.570   -17.261 7.092   1.00 25.61 ? 93  GLY A N   1 
ATOM   616  C CA  . GLY A 1 93  ? 2.786   -16.525 6.117   1.00 29.79 ? 93  GLY A CA  1 
ATOM   617  C C   . GLY A 1 93  ? 2.558   -15.080 6.507   1.00 25.30 ? 93  GLY A C   1 
ATOM   618  O O   . GLY A 1 93  ? 1.682   -14.412 5.965   1.00 25.47 ? 93  GLY A O   1 
ATOM   619  N N   . VAL A 1 94  ? 3.352   -14.589 7.448   1.00 21.03 ? 94  VAL A N   1 
ATOM   620  C CA  . VAL A 1 94  ? 3.145   -13.248 7.962   1.00 25.55 ? 94  VAL A CA  1 
ATOM   621  C C   . VAL A 1 94  ? 4.254   -12.326 7.486   1.00 25.22 ? 94  VAL A C   1 
ATOM   622  O O   . VAL A 1 94  ? 5.430   -12.690 7.516   1.00 23.39 ? 94  VAL A O   1 
ATOM   623  C CB  . VAL A 1 94  ? 3.029   -13.249 9.498   1.00 21.02 ? 94  VAL A CB  1 
ATOM   624  C CG1 . VAL A 1 94  ? 2.916   -11.847 10.025  1.00 24.05 ? 94  VAL A CG1 1 
ATOM   625  C CG2 . VAL A 1 94  ? 1.826   -14.115 9.939   1.00 24.19 ? 94  VAL A CG2 1 
ATOM   626  N N   . ALA A 1 95  ? 3.862   -11.148 7.005   1.00 24.44 ? 95  ALA A N   1 
ATOM   627  C CA  . ALA A 1 95  ? 4.809   -10.108 6.600   1.00 22.89 ? 95  ALA A CA  1 
ATOM   628  C C   . ALA A 1 95  ? 4.556   -8.903  7.498   1.00 28.67 ? 95  ALA A C   1 
ATOM   629  O O   . ALA A 1 95  ? 3.507   -8.252  7.410   1.00 24.04 ? 95  ALA A O   1 
ATOM   630  C CB  . ALA A 1 95  ? 4.614   -9.738  5.141   1.00 25.15 ? 95  ALA A CB  1 
ATOM   631  N N   . GLU A 1 96  ? 5.505   -8.639  8.382   1.00 23.16 ? 96  GLU A N   1 
ATOM   632  C CA  . GLU A 1 96  ? 5.380   -7.593  9.381   1.00 23.52 ? 96  GLU A CA  1 
ATOM   633  C C   . GLU A 1 96  ? 6.634   -6.725  9.318   1.00 29.93 ? 96  GLU A C   1 
ATOM   634  O O   . GLU A 1 96  ? 7.710   -7.129  9.772   1.00 36.33 ? 96  GLU A O   1 
ATOM   635  C CB  . GLU A 1 96  ? 5.189   -8.224  10.768  1.00 26.78 ? 96  GLU A CB  1 
ATOM   636  C CG  . GLU A 1 96  ? 4.739   -7.260  11.858  1.00 33.14 ? 96  GLU A CG  1 
ATOM   637  C CD  . GLU A 1 96  ? 4.111   -7.970  13.047  1.00 38.31 ? 96  GLU A CD  1 
ATOM   638  O OE1 . GLU A 1 96  ? 3.759   -9.165  12.929  1.00 38.05 ? 96  GLU A OE1 1 
ATOM   639  O OE2 . GLU A 1 96  ? 3.959   -7.332  14.104  1.00 36.38 ? 96  GLU A OE2 1 
ATOM   640  N N   . VAL A 1 97  ? 6.493   -5.541  8.730   1.00 28.20 ? 97  VAL A N   1 
ATOM   641  C CA  . VAL A 1 97  ? 7.627   -4.663  8.474   1.00 26.94 ? 97  VAL A CA  1 
ATOM   642  C C   . VAL A 1 97  ? 7.291   -3.179  8.651   1.00 29.10 ? 97  VAL A C   1 
ATOM   643  O O   . VAL A 1 97  ? 6.133   -2.783  8.582   1.00 21.71 ? 97  VAL A O   1 
ATOM   644  C CB  . VAL A 1 97  ? 8.202   -4.910  7.060   1.00 33.15 ? 97  VAL A CB  1 
ATOM   645  C CG1 . VAL A 1 97  ? 7.153   -4.642  5.993   1.00 28.55 ? 97  VAL A CG1 1 
ATOM   646  C CG2 . VAL A 1 97  ? 9.435   -4.058  6.816   1.00 44.58 ? 97  VAL A CG2 1 
ATOM   647  N N   . THR A 1 98  ? 8.315   -2.371  8.901   1.00 27.00 ? 98  THR A N   1 
ATOM   648  C CA  . THR A 1 98  ? 8.178   -0.919  8.908   1.00 30.23 ? 98  THR A CA  1 
ATOM   649  C C   . THR A 1 98  ? 9.121   -0.306  7.860   1.00 33.81 ? 98  THR A C   1 
ATOM   650  O O   . THR A 1 98  ? 10.302  -0.640  7.805   1.00 26.28 ? 98  THR A O   1 
ATOM   651  C CB  . THR A 1 98  ? 8.463   -0.324  10.296  1.00 30.51 ? 98  THR A CB  1 
ATOM   652  O OG1 . THR A 1 98  ? 7.479   -0.788  11.229  1.00 26.72 ? 98  THR A OG1 1 
ATOM   653  C CG2 . THR A 1 98  ? 8.400   1.198   10.250  1.00 27.65 ? 98  THR A CG2 1 
ATOM   654  N N   . LEU A 1 99  ? 8.575   0.567   7.019   1.00 27.37 ? 99  LEU A N   1 
ATOM   655  C CA  . LEU A 1 99  ? 9.315   1.194   5.927   1.00 29.07 ? 99  LEU A CA  1 
ATOM   656  C C   . LEU A 1 99  ? 9.247   2.706   6.098   1.00 23.91 ? 99  LEU A C   1 
ATOM   657  O O   . LEU A 1 99  ? 8.310   3.214   6.714   1.00 24.79 ? 99  LEU A O   1 
ATOM   658  C CB  . LEU A 1 99  ? 8.681   0.830   4.573   1.00 30.96 ? 99  LEU A CB  1 
ATOM   659  C CG  . LEU A 1 99  ? 8.408   -0.640  4.246   1.00 37.33 ? 99  LEU A CG  1 
ATOM   660  C CD1 . LEU A 1 99  ? 7.435   -0.771  3.087   1.00 31.10 ? 99  LEU A CD1 1 
ATOM   661  C CD2 . LEU A 1 99  ? 9.711   -1.370  3.955   1.00 45.17 ? 99  LEU A CD2 1 
ATOM   662  N N   . VAL A 1 100 ? 10.236  3.411   5.565   1.00 22.14 ? 100 VAL A N   1 
ATOM   663  C CA  . VAL A 1 100 ? 10.185  4.866   5.440   1.00 23.01 ? 100 VAL A CA  1 
ATOM   664  C C   . VAL A 1 100 ? 10.415  5.168   3.966   1.00 28.54 ? 100 VAL A C   1 
ATOM   665  O O   . VAL A 1 100 ? 11.450  4.808   3.392   1.00 26.34 ? 100 VAL A O   1 
ATOM   666  C CB  . VAL A 1 100 ? 11.242  5.607   6.292   1.00 28.33 ? 100 VAL A CB  1 
ATOM   667  C CG1 . VAL A 1 100 ? 11.197  7.110   5.994   1.00 33.17 ? 100 VAL A CG1 1 
ATOM   668  C CG2 . VAL A 1 100 ? 11.015  5.387   7.780   1.00 22.90 ? 100 VAL A CG2 1 
ATOM   669  N N   . ASP A 1 101 ? 9.437   5.808   3.345   1.00 25.49 ? 101 ASP A N   1 
ATOM   670  C CA  . ASP A 1 101 ? 9.486   6.050   1.909   1.00 26.41 ? 101 ASP A CA  1 
ATOM   671  C C   . ASP A 1 101 ? 9.329   7.530   1.664   1.00 31.11 ? 101 ASP A C   1 
ATOM   672  O O   . ASP A 1 101 ? 8.434   8.161   2.217   1.00 25.79 ? 101 ASP A O   1 
ATOM   673  C CB  . ASP A 1 101 ? 8.355   5.290   1.208   1.00 22.35 ? 101 ASP A CB  1 
ATOM   674  C CG  . ASP A 1 101 ? 8.568   5.161   -0.299  1.00 26.43 ? 101 ASP A CG  1 
ATOM   675  O OD1 . ASP A 1 101 ? 8.725   6.188   -0.987  1.00 25.72 ? 101 ASP A OD1 1 
ATOM   676  O OD2 . ASP A 1 101 ? 8.548   4.025   -0.801  1.00 23.45 ? 101 ASP A OD2 1 
ATOM   677  N N   . ASN A 1 102 ? 10.202  8.089   0.839   1.00 30.34 ? 102 ASN A N   1 
ATOM   678  C CA  . ASN A 1 102 ? 10.112  9.506   0.546   1.00 31.64 ? 102 ASN A CA  1 
ATOM   679  C C   . ASN A 1 102 ? 9.267   9.823   -0.677  1.00 28.09 ? 102 ASN A C   1 
ATOM   680  O O   . ASN A 1 102 ? 9.387   10.891  -1.245  1.00 33.28 ? 102 ASN A O   1 
ATOM   681  C CB  . ASN A 1 102 ? 11.504  10.133  0.428   1.00 33.80 ? 102 ASN A CB  1 
ATOM   682  C CG  . ASN A 1 102 ? 11.891  10.917  1.670   1.00 44.74 ? 102 ASN A CG  1 
ATOM   683  O OD1 . ASN A 1 102 ? 11.317  11.982  1.955   1.00 48.08 ? 102 ASN A OD1 1 
ATOM   684  N ND2 . ASN A 1 102 ? 12.862  10.403  2.415   1.00 36.08 ? 102 ASN A ND2 1 
ATOM   685  N N   . GLN A 1 103 ? 8.401   8.910   -1.083  1.00 23.52 ? 103 GLN A N   1 
ATOM   686  C CA  . GLN A 1 103 ? 7.597   9.158   -2.267  1.00 24.26 ? 103 GLN A CA  1 
ATOM   687  C C   . GLN A 1 103 ? 6.180   8.631   -2.090  1.00 21.63 ? 103 GLN A C   1 
ATOM   688  O O   . GLN A 1 103 ? 5.617   7.998   -2.986  1.00 20.80 ? 103 GLN A O   1 
ATOM   689  C CB  . GLN A 1 103 ? 8.268   8.560   -3.513  1.00 31.15 ? 103 GLN A CB  1 
ATOM   690  C CG  . GLN A 1 103 ? 9.612   9.205   -3.837  1.00 38.90 ? 103 GLN A CG  1 
ATOM   691  C CD  . GLN A 1 103 ? 10.226  8.681   -5.118  1.00 42.79 ? 103 GLN A CD  1 
ATOM   692  O OE1 . GLN A 1 103 ? 10.663  7.526   -5.191  1.00 49.68 ? 103 GLN A OE1 1 
ATOM   693  N NE2 . GLN A 1 103 ? 10.274  9.531   -6.139  1.00 39.19 ? 103 GLN A NE2 1 
ATOM   694  N N   . ILE A 1 104 ? 5.617   8.887   -0.915  1.00 22.43 ? 104 ILE A N   1 
ATOM   695  C CA  . ILE A 1 104 ? 4.244   8.489   -0.626  1.00 20.17 ? 104 ILE A CA  1 
ATOM   696  C C   . ILE A 1 104 ? 3.520   9.670   -0.003  1.00 20.99 ? 104 ILE A C   1 
ATOM   697  O O   . ILE A 1 104 ? 3.452   9.791   1.218   1.00 23.33 ? 104 ILE A O   1 
ATOM   698  C CB  . ILE A 1 104 ? 4.159   7.298   0.340   1.00 17.48 ? 104 ILE A CB  1 
ATOM   699  C CG1 . ILE A 1 104 ? 5.073   6.158   -0.118  1.00 23.30 ? 104 ILE A CG1 1 
ATOM   700  C CG2 . ILE A 1 104 ? 2.709   6.832   0.432   1.00 22.37 ? 104 ILE A CG2 1 
ATOM   701  C CD1 . ILE A 1 104 ? 5.040   4.960   0.811   1.00 25.98 ? 104 ILE A CD1 1 
ATOM   702  N N   . PRO A 1 105 ? 3.014   10.570  -0.851  1.00 24.14 ? 105 PRO A N   1 
ATOM   703  C CA  . PRO A 1 105 ? 2.354   11.783  -0.368  1.00 22.02 ? 105 PRO A CA  1 
ATOM   704  C C   . PRO A 1 105 ? 0.978   11.475  0.179   1.00 19.79 ? 105 PRO A C   1 
ATOM   705  O O   . PRO A 1 105 ? 0.210   10.719  -0.448  1.00 19.61 ? 105 PRO A O   1 
ATOM   706  C CB  . PRO A 1 105 ? 2.205   12.651  -1.621  1.00 24.42 ? 105 PRO A CB  1 
ATOM   707  C CG  . PRO A 1 105 ? 2.490   11.751  -2.803  1.00 20.42 ? 105 PRO A CG  1 
ATOM   708  C CD  . PRO A 1 105 ? 2.978   10.427  -2.319  1.00 25.38 ? 105 PRO A CD  1 
ATOM   709  N N   . LEU A 1 106 ? 0.675   12.067  1.327   1.00 18.07 ? 106 LEU A N   1 
ATOM   710  C CA  . LEU A 1 106 ? -0.673  12.055  1.882   1.00 20.57 ? 106 LEU A CA  1 
ATOM   711  C C   . LEU A 1 106 ? -1.378  13.391  1.601   1.00 21.82 ? 106 LEU A C   1 
ATOM   712  O O   . LEU A 1 106 ? -2.526  13.589  1.995   1.00 21.35 ? 106 LEU A O   1 
ATOM   713  C CB  . LEU A 1 106 ? -0.637  11.784  3.396   1.00 19.34 ? 106 LEU A CB  1 
ATOM   714  C CG  . LEU A 1 106 ? 0.013   10.479  3.864   1.00 18.85 ? 106 LEU A CG  1 
ATOM   715  C CD1 . LEU A 1 106 ? -0.239  10.219  5.356   1.00 22.06 ? 106 LEU A CD1 1 
ATOM   716  C CD2 . LEU A 1 106 ? -0.487  9.325   3.027   1.00 24.03 ? 106 LEU A CD2 1 
ATOM   717  N N   . THR A 1 107 ? -0.690  14.300  0.911   1.00 20.22 ? 107 THR A N   1 
ATOM   718  C CA  . THR A 1 107 ? -1.238  15.626  0.629   1.00 20.83 ? 107 THR A CA  1 
ATOM   719  C C   . THR A 1 107 ? -0.993  15.966  -0.833  1.00 22.63 ? 107 THR A C   1 
ATOM   720  O O   . THR A 1 107 ? -0.196  15.305  -1.512  1.00 20.59 ? 107 THR A O   1 
ATOM   721  C CB  . THR A 1 107 ? -0.623  16.732  1.538   1.00 24.09 ? 107 THR A CB  1 
ATOM   722  O OG1 . THR A 1 107 ? 0.746   16.964  1.186   1.00 23.01 ? 107 THR A OG1 1 
ATOM   723  C CG2 . THR A 1 107 ? -0.720  16.357  3.018   1.00 22.71 ? 107 THR A CG2 1 
ATOM   724  N N   . GLY A 1 108 ? -1.710  16.962  -1.340  1.00 23.91 ? 108 GLY A N   1 
ATOM   725  C CA  . GLY A 1 108 ? -1.465  17.422  -2.698  1.00 24.64 ? 108 GLY A CA  1 
ATOM   726  C C   . GLY A 1 108 ? -2.300  16.707  -3.738  1.00 20.08 ? 108 GLY A C   1 
ATOM   727  O O   . GLY A 1 108 ? -3.075  15.806  -3.408  1.00 24.70 ? 108 GLY A O   1 
ATOM   728  N N   . PRO A 1 109 ? -2.136  17.092  -5.016  1.00 30.41 ? 109 PRO A N   1 
ATOM   729  C CA  . PRO A 1 109 ? -2.969  16.571  -6.107  1.00 29.03 ? 109 PRO A CA  1 
ATOM   730  C C   . PRO A 1 109 ? -2.746  15.086  -6.361  1.00 25.51 ? 109 PRO A C   1 
ATOM   731  O O   . PRO A 1 109 ? -3.649  14.409  -6.852  1.00 26.50 ? 109 PRO A O   1 
ATOM   732  C CB  . PRO A 1 109 ? -2.493  17.356  -7.334  1.00 27.00 ? 109 PRO A CB  1 
ATOM   733  C CG  . PRO A 1 109 ? -1.451  18.306  -6.866  1.00 28.29 ? 109 PRO A CG  1 
ATOM   734  C CD  . PRO A 1 109 ? -1.032  17.937  -5.503  1.00 30.61 ? 109 PRO A CD  1 
ATOM   735  N N   . ASN A 1 110 ? -1.549  14.598  -6.053  1.00 25.91 ? 110 ASN A N   1 
ATOM   736  C CA  . ASN A 1 110 ? -1.230  13.194  -6.266  1.00 24.02 ? 110 ASN A CA  1 
ATOM   737  C C   . ASN A 1 110 ? -1.211  12.397  -4.964  1.00 25.78 ? 110 ASN A C   1 
ATOM   738  O O   . ASN A 1 110 ? -0.587  11.331  -4.884  1.00 24.90 ? 110 ASN A O   1 
ATOM   739  C CB  . ASN A 1 110 ? 0.102   13.056  -6.998  1.00 31.65 ? 110 ASN A CB  1 
ATOM   740  C CG  . ASN A 1 110 ? 0.145   13.866  -8.284  1.00 33.21 ? 110 ASN A CG  1 
ATOM   741  O OD1 . ASN A 1 110 ? 1.151   14.506  -8.592  1.00 36.64 ? 110 ASN A OD1 1 
ATOM   742  N ND2 . ASN A 1 110 ? -0.970  13.883  -9.014  1.00 31.40 ? 110 ASN A ND2 1 
ATOM   743  N N   . SER A 1 111 ? -1.883  12.925  -3.943  1.00 24.12 ? 111 SER A N   1 
ATOM   744  C CA  . SER A 1 111 ? -2.064  12.182  -2.701  1.00 23.92 ? 111 SER A CA  1 
ATOM   745  C C   . SER A 1 111 ? -2.581  10.790  -2.966  1.00 17.45 ? 111 SER A C   1 
ATOM   746  O O   . SER A 1 111 ? -3.399  10.577  -3.866  1.00 23.16 ? 111 SER A O   1 
ATOM   747  C CB  . SER A 1 111 ? -3.049  12.886  -1.766  1.00 25.13 ? 111 SER A CB  1 
ATOM   748  O OG  . SER A 1 111 ? -3.321  12.057  -0.643  1.00 20.02 ? 111 SER A OG  1 
ATOM   749  N N   . VAL A 1 112 ? -2.140  9.842   -2.147  1.00 20.20 ? 112 VAL A N   1 
ATOM   750  C CA  . VAL A 1 112 ? -2.614  8.464   -2.223  1.00 18.72 ? 112 VAL A CA  1 
ATOM   751  C C   . VAL A 1 112 ? -3.879  8.201   -1.390  1.00 17.23 ? 112 VAL A C   1 
ATOM   752  O O   . VAL A 1 112 ? -4.446  7.109   -1.439  1.00 17.73 ? 112 VAL A O   1 
ATOM   753  C CB  . VAL A 1 112 ? -1.489  7.501   -1.827  1.00 23.84 ? 112 VAL A CB  1 
ATOM   754  C CG1 . VAL A 1 112 ? -0.225  7.846   -2.631  1.00 22.25 ? 112 VAL A CG1 1 
ATOM   755  C CG2 . VAL A 1 112 ? -1.188  7.617   -0.333  1.00 22.31 ? 112 VAL A CG2 1 
ATOM   756  N N   . VAL A 1 113 ? -4.330  9.191   -0.620  1.00 18.54 ? 113 VAL A N   1 
ATOM   757  C CA  . VAL A 1 113 ? -5.606  9.035   0.088   1.00 17.82 ? 113 VAL A CA  1 
ATOM   758  C C   . VAL A 1 113 ? -6.663  8.826   -0.987  1.00 18.93 ? 113 VAL A C   1 
ATOM   759  O O   . VAL A 1 113 ? -6.719  9.589   -1.945  1.00 18.03 ? 113 VAL A O   1 
ATOM   760  C CB  . VAL A 1 113 ? -5.968  10.280  0.921   1.00 25.45 ? 113 VAL A CB  1 
ATOM   761  C CG1 . VAL A 1 113 ? -7.348  10.116  1.578   1.00 16.27 ? 113 VAL A CG1 1 
ATOM   762  C CG2 . VAL A 1 113 ? -4.923  10.511  1.986   1.00 20.89 ? 113 VAL A CG2 1 
ATOM   763  N N   . GLY A 1 114 ? -7.469  7.781   -0.824  1.00 19.60 ? 114 GLY A N   1 
ATOM   764  C CA  . GLY A 1 114 ? -8.505  7.407   -1.765  1.00 16.24 ? 114 GLY A CA  1 
ATOM   765  C C   . GLY A 1 114 ? -8.012  6.527   -2.913  1.00 18.75 ? 114 GLY A C   1 
ATOM   766  O O   . GLY A 1 114 ? -8.792  6.138   -3.772  1.00 18.75 ? 114 GLY A O   1 
ATOM   767  N N   . ARG A 1 115 ? -6.721  6.219   -2.935  1.00 17.40 ? 115 ARG A N   1 
ATOM   768  C CA  . ARG A 1 115 ? -6.157  5.304   -3.936  1.00 16.89 ? 115 ARG A CA  1 
ATOM   769  C C   . ARG A 1 115 ? -5.959  3.936   -3.276  1.00 22.72 ? 115 ARG A C   1 
ATOM   770  O O   . ARG A 1 115 ? -6.580  3.663   -2.257  1.00 18.04 ? 115 ARG A O   1 
ATOM   771  C CB  . ARG A 1 115 ? -4.861  5.866   -4.515  1.00 18.89 ? 115 ARG A CB  1 
ATOM   772  C CG  . ARG A 1 115 ? -5.029  7.293   -5.037  1.00 19.56 ? 115 ARG A CG  1 
ATOM   773  C CD  . ARG A 1 115 ? -3.943  7.725   -6.009  1.00 16.84 ? 115 ARG A CD  1 
ATOM   774  N NE  . ARG A 1 115 ? -4.181  9.113   -6.431  1.00 20.75 ? 115 ARG A NE  1 
ATOM   775  C CZ  . ARG A 1 115 ? -4.840  9.480   -7.525  1.00 26.35 ? 115 ARG A CZ  1 
ATOM   776  N NH1 . ARG A 1 115 ? -5.359  8.571   -8.351  1.00 22.40 ? 115 ARG A NH1 1 
ATOM   777  N NH2 . ARG A 1 115 ? -4.984  10.777  -7.797  1.00 27.23 ? 115 ARG A NH2 1 
ATOM   778  N N   . ALA A 1 116 ? -5.105  3.078   -3.826  1.00 20.28 ? 116 ALA A N   1 
ATOM   779  C CA  . ALA A 1 116 ? -5.039  1.712   -3.303  1.00 18.20 ? 116 ALA A CA  1 
ATOM   780  C C   . ALA A 1 116 ? -3.619  1.212   -3.039  1.00 21.28 ? 116 ALA A C   1 
ATOM   781  O O   . ALA A 1 116 ? -2.671  1.662   -3.686  1.00 19.34 ? 116 ALA A O   1 
ATOM   782  C CB  . ALA A 1 116 ? -5.754  0.749   -4.281  1.00 18.86 ? 116 ALA A CB  1 
ATOM   783  N N   . LEU A 1 117 ? -3.499  0.272   -2.091  1.00 22.58 ? 117 LEU A N   1 
ATOM   784  C CA  . LEU A 1 117 ? -2.276  -0.506  -1.887  1.00 15.21 ? 117 LEU A CA  1 
ATOM   785  C C   . LEU A 1 117 ? -2.558  -1.931  -2.336  1.00 18.01 ? 117 LEU A C   1 
ATOM   786  O O   . LEU A 1 117 ? -3.643  -2.456  -2.111  1.00 20.43 ? 117 LEU A O   1 
ATOM   787  C CB  . LEU A 1 117 ? -1.846  -0.496  -0.415  1.00 17.30 ? 117 LEU A CB  1 
ATOM   788  C CG  . LEU A 1 117 ? -1.208  0.804   0.066   1.00 22.77 ? 117 LEU A CG  1 
ATOM   789  C CD1 . LEU A 1 117 ? -0.950  0.806   1.599   1.00 18.62 ? 117 LEU A CD1 1 
ATOM   790  C CD2 . LEU A 1 117 ? 0.055   1.045   -0.698  1.00 23.06 ? 117 LEU A CD2 1 
ATOM   791  N N   . VAL A 1 118 ? -1.598  -2.554  -3.002  1.00 19.04 ? 118 VAL A N   1 
ATOM   792  C CA  . VAL A 1 118 ? -1.840  -3.902  -3.521  1.00 17.32 ? 118 VAL A CA  1 
ATOM   793  C C   . VAL A 1 118 ? -0.631  -4.776  -3.238  1.00 18.45 ? 118 VAL A C   1 
ATOM   794  O O   . VAL A 1 118 ? 0.485   -4.332  -3.390  1.00 17.82 ? 118 VAL A O   1 
ATOM   795  C CB  . VAL A 1 118 ? -2.141  -3.870  -5.042  1.00 19.00 ? 118 VAL A CB  1 
ATOM   796  C CG1 . VAL A 1 118 ? -2.246  -5.278  -5.608  1.00 23.40 ? 118 VAL A CG1 1 
ATOM   797  C CG2 . VAL A 1 118 ? -3.418  -3.091  -5.304  1.00 25.95 ? 118 VAL A CG2 1 
ATOM   798  N N   . VAL A 1 119 ? -0.863  -6.009  -2.794  1.00 19.77 ? 119 VAL A N   1 
ATOM   799  C CA  . VAL A 1 119 ? 0.231   -6.957  -2.608  1.00 19.37 ? 119 VAL A CA  1 
ATOM   800  C C   . VAL A 1 119 ? 0.236   -7.890  -3.813  1.00 20.94 ? 119 VAL A C   1 
ATOM   801  O O   . VAL A 1 119 ? -0.806  -8.408  -4.178  1.00 24.24 ? 119 VAL A O   1 
ATOM   802  C CB  . VAL A 1 119 ? 0.051   -7.767  -1.309  1.00 21.51 ? 119 VAL A CB  1 
ATOM   803  C CG1 . VAL A 1 119 ? 1.094   -8.898  -1.232  1.00 23.18 ? 119 VAL A CG1 1 
ATOM   804  C CG2 . VAL A 1 119 ? 0.165   -6.851  -0.092  1.00 24.26 ? 119 VAL A CG2 1 
ATOM   805  N N   . HIS A 1 120 ? 1.396   -8.073  -4.438  1.00 25.09 ? 120 HIS A N   1 
ATOM   806  C CA  . HIS A 1 120 ? 1.500   -8.837  -5.683  1.00 26.90 ? 120 HIS A CA  1 
ATOM   807  C C   . HIS A 1 120 ? 2.225   -10.172 -5.521  1.00 28.89 ? 120 HIS A C   1 
ATOM   808  O O   . HIS A 1 120 ? 3.219   -10.282 -4.798  1.00 26.90 ? 120 HIS A O   1 
ATOM   809  C CB  . HIS A 1 120 ? 2.269   -8.038  -6.742  1.00 25.32 ? 120 HIS A CB  1 
ATOM   810  C CG  . HIS A 1 120 ? 1.540   -6.839  -7.271  1.00 31.82 ? 120 HIS A CG  1 
ATOM   811  N ND1 . HIS A 1 120 ? 0.695   -6.898  -8.361  1.00 34.00 ? 120 HIS A ND1 1 
ATOM   812  C CD2 . HIS A 1 120 ? 1.558   -5.542  -6.881  1.00 31.38 ? 120 HIS A CD2 1 
ATOM   813  C CE1 . HIS A 1 120 ? 0.216   -5.693  -8.611  1.00 30.90 ? 120 HIS A CE1 1 
ATOM   814  N NE2 . HIS A 1 120 ? 0.725   -4.850  -7.729  1.00 23.85 ? 120 HIS A NE2 1 
ATOM   815  N N   . GLU A 1 121 ? 1.784   -11.164 -6.248  1.00 31.58 ? 121 GLU A N   1 
ATOM   816  C CA  . GLU A 1 121 ? 2.512   -12.406 -6.386  1.00 34.91 ? 121 GLU A CA  1 
ATOM   817  C C   . GLU A 1 121 ? 3.729   -12.204 -7.276  1.00 38.42 ? 121 GLU A C   1 
ATOM   818  O O   . GLU A 1 121 ? 3.647   -11.585 -8.300  1.00 36.27 ? 121 GLU A O   1 
ATOM   819  C CB  . GLU A 1 121 ? 1.599   -13.455 -7.019  1.00 34.85 ? 121 GLU A CB  1 
ATOM   820  C CG  . GLU A 1 121 ? 2.056   -14.867 -6.917  1.00 36.89 ? 121 GLU A CG  1 
ATOM   821  C CD  . GLU A 1 121 ? 0.922   -15.852 -7.007  1.00 48.22 ? 121 GLU A CD  1 
ATOM   822  O OE1 . GLU A 1 121 ? 0.261   -15.916 -8.035  1.00 51.72 ? 121 GLU A OE1 1 
ATOM   823  O OE2 . GLU A 1 121 ? 0.669   -16.570 -6.056  1.00 48.95 ? 121 GLU A OE2 1 
ATOM   824  N N   . LEU A 1 122 ? 4.858   -12.750 -6.882  1.00 37.46 ? 122 LEU A N   1 
ATOM   825  C CA  . LEU A 1 122 ? 6.020   -12.783 -7.722  1.00 41.21 ? 122 LEU A CA  1 
ATOM   826  C C   . LEU A 1 122 ? 6.269   -14.241 -8.081  1.00 49.94 ? 122 LEU A C   1 
ATOM   827  O O   . LEU A 1 122 ? 6.272   -14.595 -9.221  1.00 48.43 ? 122 LEU A O   1 
ATOM   828  C CB  . LEU A 1 122 ? 7.242   -12.232 -7.012  1.00 39.44 ? 122 LEU A CB  1 
ATOM   829  C CG  . LEU A 1 122 ? 7.530   -10.753 -7.043  1.00 43.23 ? 122 LEU A CG  1 
ATOM   830  C CD1 . LEU A 1 122 ? 6.302   -10.051 -7.202  1.00 40.36 ? 122 LEU A CD1 1 
ATOM   831  C CD2 . LEU A 1 122 ? 8.157   -10.338 -5.794  1.00 40.09 ? 122 LEU A CD2 1 
ATOM   832  N N   . GLY A 1 142 ? -2.374  -11.999 -10.282 1.00 35.59 ? 142 GLY A N   1 
ATOM   833  C CA  . GLY A 1 142 ? -1.186  -11.669 -9.513  1.00 34.29 ? 142 GLY A CA  1 
ATOM   834  C C   . GLY A 1 142 ? -1.482  -10.759 -8.334  1.00 34.45 ? 142 GLY A C   1 
ATOM   835  O O   . GLY A 1 142 ? -0.656  -10.603 -7.434  1.00 29.27 ? 142 GLY A O   1 
ATOM   836  N N   . ARG A 1 143 ? -2.665  -10.154 -8.330  1.00 27.63 ? 143 ARG A N   1 
ATOM   837  C CA  . ARG A 1 143 ? -3.038  -9.256  -7.236  1.00 29.11 ? 143 ARG A CA  1 
ATOM   838  C C   . ARG A 1 143 ? -3.714  -9.991  -6.072  1.00 22.82 ? 143 ARG A C   1 
ATOM   839  O O   . ARG A 1 143 ? -4.912  -10.251 -6.105  1.00 29.10 ? 143 ARG A O   1 
ATOM   840  C CB  . ARG A 1 143 ? -3.920  -8.126  -7.764  1.00 29.74 ? 143 ARG A CB  1 
ATOM   841  C CG  . ARG A 1 143 ? -3.214  -7.303  -8.828  1.00 28.31 ? 143 ARG A CG  1 
ATOM   842  C CD  . ARG A 1 143 ? -4.064  -6.162  -9.361  1.00 27.16 ? 143 ARG A CD  1 
ATOM   843  N NE  . ARG A 1 143 ? -3.381  -5.480  -10.458 1.00 24.29 ? 143 ARG A NE  1 
ATOM   844  C CZ  . ARG A 1 143 ? -3.755  -4.307  -10.957 1.00 25.59 ? 143 ARG A CZ  1 
ATOM   845  N NH1 . ARG A 1 143 ? -4.810  -3.677  -10.456 1.00 25.63 ? 143 ARG A NH1 1 
ATOM   846  N NH2 . ARG A 1 143 ? -3.068  -3.758  -11.946 1.00 28.77 ? 143 ARG A NH2 1 
ATOM   847  N N   . LEU A 1 144 ? -2.927  -10.299 -5.041  1.00 21.57 ? 144 LEU A N   1 
ATOM   848  C CA  . LEU A 1 144 ? -3.368  -11.129 -3.912  1.00 28.21 ? 144 LEU A CA  1 
ATOM   849  C C   . LEU A 1 144 ? -4.295  -10.432 -2.917  1.00 27.67 ? 144 LEU A C   1 
ATOM   850  O O   . LEU A 1 144 ? -5.250  -11.028 -2.421  1.00 27.50 ? 144 LEU A O   1 
ATOM   851  C CB  . LEU A 1 144 ? -2.145  -11.672 -3.164  1.00 25.27 ? 144 LEU A CB  1 
ATOM   852  C CG  . LEU A 1 144 ? -1.202  -12.590 -3.943  1.00 30.38 ? 144 LEU A CG  1 
ATOM   853  C CD1 . LEU A 1 144 ? 0.077   -12.848 -3.145  1.00 31.50 ? 144 LEU A CD1 1 
ATOM   854  C CD2 . LEU A 1 144 ? -1.901  -13.900 -4.303  1.00 37.23 ? 144 LEU A CD2 1 
ATOM   855  N N   . ALA A 1 145 ? -4.010  -9.176  -2.605  1.00 21.51 ? 145 ALA A N   1 
ATOM   856  C CA  . ALA A 1 145 ? -4.856  -8.439  -1.678  1.00 22.43 ? 145 ALA A CA  1 
ATOM   857  C C   . ALA A 1 145 ? -4.718  -6.944  -1.938  1.00 22.01 ? 145 ALA A C   1 
ATOM   858  O O   . ALA A 1 145 ? -3.741  -6.509  -2.539  1.00 24.02 ? 145 ALA A O   1 
ATOM   859  C CB  . ALA A 1 145 ? -4.483  -8.778  -0.228  1.00 27.46 ? 145 ALA A CB  1 
ATOM   860  N N   . CYS A 1 146 ? -5.700  -6.163  -1.495  1.00 22.03 ? 146 CYS A N   1 
ATOM   861  C CA  . CYS A 1 146 ? -5.690  -4.732  -1.779  1.00 20.56 ? 146 CYS A CA  1 
ATOM   862  C C   . CYS A 1 146 ? -6.640  -4.001  -0.857  1.00 18.54 ? 146 CYS A C   1 
ATOM   863  O O   . CYS A 1 146 ? -7.538  -4.603  -0.280  1.00 20.32 ? 146 CYS A O   1 
ATOM   864  C CB  . CYS A 1 146 ? -6.046  -4.468  -3.252  1.00 21.27 ? 146 CYS A CB  1 
ATOM   865  S SG  . CYS A 1 146 ? -7.677  -5.093  -3.731  1.00 26.20 ? 146 CYS A SG  1 
ATOM   866  N N   . GLY A 1 147 ? -6.444  -2.691  -0.722  1.00 16.44 ? 147 GLY A N   1 
ATOM   867  C CA  . GLY A 1 147 ? -7.275  -1.916  0.171   1.00 18.47 ? 147 GLY A CA  1 
ATOM   868  C C   . GLY A 1 147 ? -7.217  -0.463  -0.215  1.00 18.96 ? 147 GLY A C   1 
ATOM   869  O O   . GLY A 1 147 ? -6.279  -0.025  -0.861  1.00 21.07 ? 147 GLY A O   1 
ATOM   870  N N   . VAL A 1 148 ? -8.241  0.279   0.171   1.00 17.36 ? 148 VAL A N   1 
ATOM   871  C CA  . VAL A 1 148 ? -8.311  1.676   -0.166  1.00 18.83 ? 148 VAL A CA  1 
ATOM   872  C C   . VAL A 1 148 ? -7.666  2.463   0.965   1.00 20.13 ? 148 VAL A C   1 
ATOM   873  O O   . VAL A 1 148 ? -7.894  2.170   2.138   1.00 17.03 ? 148 VAL A O   1 
ATOM   874  C CB  . VAL A 1 148 ? -9.770  2.109   -0.364  1.00 15.86 ? 148 VAL A CB  1 
ATOM   875  C CG1 . VAL A 1 148 ? -9.854  3.611   -0.680  1.00 19.86 ? 148 VAL A CG1 1 
ATOM   876  C CG2 . VAL A 1 148 ? -10.443 1.249   -1.455  1.00 21.68 ? 148 VAL A CG2 1 
ATOM   877  N N   . VAL A 1 149 ? -6.856  3.454   0.610   1.00 16.52 ? 149 VAL A N   1 
ATOM   878  C CA  . VAL A 1 149 ? -6.201  4.269   1.614   1.00 18.24 ? 149 VAL A CA  1 
ATOM   879  C C   . VAL A 1 149 ? -7.164  5.318   2.156   1.00 15.25 ? 149 VAL A C   1 
ATOM   880  O O   . VAL A 1 149 ? -7.590  6.234   1.428   1.00 19.35 ? 149 VAL A O   1 
ATOM   881  C CB  . VAL A 1 149 ? -4.986  4.999   1.046   1.00 16.10 ? 149 VAL A CB  1 
ATOM   882  C CG1 . VAL A 1 149 ? -4.340  5.875   2.127   1.00 20.07 ? 149 VAL A CG1 1 
ATOM   883  C CG2 . VAL A 1 149 ? -3.983  4.000   0.481   1.00 20.59 ? 149 VAL A CG2 1 
ATOM   884  N N   . GLY A 1 150 ? -7.469  5.203   3.441   1.00 16.89 ? 150 GLY A N   1 
ATOM   885  C CA  . GLY A 1 150 ? -8.419  6.093   4.094   1.00 17.84 ? 150 GLY A CA  1 
ATOM   886  C C   . GLY A 1 150 ? -7.799  6.928   5.197   1.00 19.44 ? 150 GLY A C   1 
ATOM   887  O O   . GLY A 1 150 ? -6.733  6.598   5.710   1.00 18.00 ? 150 GLY A O   1 
ATOM   888  N N   . LEU A 1 151 ? -8.460  8.030   5.546   1.00 17.42 ? 151 LEU A N   1 
ATOM   889  C CA  . LEU A 1 151 ? -7.980  8.900   6.617   1.00 17.65 ? 151 LEU A CA  1 
ATOM   890  C C   . LEU A 1 151 ? -8.203  8.249   7.973   1.00 19.11 ? 151 LEU A C   1 
ATOM   891  O O   . LEU A 1 151 ? -9.135  7.482   8.151   1.00 21.67 ? 151 LEU A O   1 
ATOM   892  C CB  . LEU A 1 151 ? -8.709  10.256  6.569   1.00 22.49 ? 151 LEU A CB  1 
ATOM   893  C CG  . LEU A 1 151 ? -8.440  11.110  5.330   1.00 23.86 ? 151 LEU A CG  1 
ATOM   894  C CD1 . LEU A 1 151 ? -9.265  12.402  5.358   1.00 24.14 ? 151 LEU A CD1 1 
ATOM   895  C CD2 . LEU A 1 151 ? -6.940  11.427  5.194   1.00 22.57 ? 151 LEU A CD2 1 
ATOM   896  N N   . THR A 1 152 ? -7.358  8.588   8.938   1.00 22.85 ? 152 THR A N   1 
ATOM   897  C CA  . THR A 1 152 ? -7.525  8.095   10.304  1.00 19.05 ? 152 THR A CA  1 
ATOM   898  C C   . THR A 1 152 ? -7.072  9.231   11.232  1.00 22.56 ? 152 THR A C   1 
ATOM   899  O O   . THR A 1 152 ? -6.285  10.082  10.819  1.00 22.93 ? 152 THR A O   1 
ATOM   900  C CB  . THR A 1 152 ? -6.715  6.794   10.509  1.00 21.18 ? 152 THR A CB  1 
ATOM   901  O OG1 . THR A 1 152 ? -7.098  6.156   11.729  1.00 29.21 ? 152 THR A OG1 1 
ATOM   902  C CG2 . THR A 1 152 ? -5.221  7.083   10.520  1.00 25.16 ? 152 THR A CG2 1 
ATOM   903  N N   . PRO A 1 153 ? -7.593  9.269   12.470  1.00 24.42 ? 153 PRO A N   1 
ATOM   904  C CA  . PRO A 1 153 ? -7.319  10.344  13.435  1.00 31.68 ? 153 PRO A CA  1 
ATOM   905  C C   . PRO A 1 153 ? -5.829  10.625  13.623  1.00 29.58 ? 153 PRO A C   1 
ATOM   906  O O   . PRO A 1 153 ? -5.056  9.689   13.777  1.00 28.79 ? 153 PRO A O   1 
ATOM   907  C CB  . PRO A 1 153 ? -7.898  9.796   14.748  1.00 31.94 ? 153 PRO A CB  1 
ATOM   908  C CG  . PRO A 1 153 ? -8.931  8.824   14.343  1.00 34.95 ? 153 PRO A CG  1 
ATOM   909  C CD  . PRO A 1 153 ? -8.473  8.225   13.040  1.00 27.30 ? 153 PRO A CD  1 
ATOM   910  N N   . ILE A 1 154 ? -5.460  11.905  13.642  1.00 32.73 ? 154 ILE A N   1 
ATOM   911  C CA  . ILE A 1 154 ? -4.075  12.335  13.815  1.00 36.80 ? 154 ILE A CA  1 
ATOM   912  C C   . ILE A 1 154 ? -3.625  12.216  15.273  1.00 43.28 ? 154 ILE A C   1 
ATOM   913  O O   . ILE A 1 154 ? -4.377  12.542  16.187  1.00 42.34 ? 154 ILE A O   1 
ATOM   914  C CB  . ILE A 1 154 ? -3.914  13.799  13.350  1.00 44.83 ? 154 ILE A CB  1 
ATOM   915  C CG1 . ILE A 1 154 ? -4.122  13.907  11.834  1.00 40.29 ? 154 ILE A CG1 1 
ATOM   916  C CG2 . ILE A 1 154 ? -2.565  14.366  13.778  1.00 45.43 ? 154 ILE A CG2 1 
ATOM   917  C CD1 . ILE A 1 154 ? -4.361  15.339  11.335  1.00 35.39 ? 154 ILE A CD1 1 
ATOM   918  O OXT . ILE A 1 154 ? -2.511  11.792  15.582  1.00 39.49 ? 154 ILE A OXT 1 
HETATM 919  K K   . K   B 2 .   ? 8.171   12.978  0.809   1.00 26.10 ? 155 K   A K   1 
HETATM 920  O O   . HOH C 3 .   ? -0.864  -19.259 -0.190  1.00 42.22 ? 156 HOH A O   1 
HETATM 921  O O   . HOH C 3 .   ? -4.192  -10.230 -15.140 1.00 58.00 ? 157 HOH A O   1 
HETATM 922  O O   . HOH C 3 .   ? 6.429   3.574   13.256  1.00 47.16 ? 158 HOH A O   1 
HETATM 923  O O   . HOH C 3 .   ? 6.538   18.915  -3.291  1.00 61.80 ? 159 HOH A O   1 
HETATM 924  O O   . HOH C 3 .   ? -1.277  -10.469 -13.310 1.00 54.92 ? 160 HOH A O   1 
HETATM 925  O O   . HOH C 3 .   ? 2.034   -6.761  15.723  1.00 45.40 ? 161 HOH A O   1 
HETATM 926  O O   . HOH C 3 .   ? 6.734   5.312   -13.051 1.00 47.42 ? 162 HOH A O   1 
HETATM 927  O O   . HOH C 3 .   ? -17.646 3.862   -10.900 1.00 41.54 ? 163 HOH A O   1 
HETATM 928  O O   . HOH C 3 .   ? -0.447  -16.466 7.882   1.00 21.73 ? 164 HOH A O   1 
HETATM 929  O O   . HOH C 3 .   ? 2.347   14.922  1.190   1.00 21.10 ? 165 HOH A O   1 
HETATM 930  O O   . HOH C 3 .   ? -13.453 0.654   -3.239  1.00 22.64 ? 166 HOH A O   1 
HETATM 931  O O   . HOH C 3 .   ? -9.056  0.240   3.810   1.00 19.18 ? 167 HOH A O   1 
HETATM 932  O O   . HOH C 3 .   ? 6.718   10.323  1.461   1.00 23.53 ? 168 HOH A O   1 
HETATM 933  O O   . HOH C 3 .   ? 9.509   -13.655 11.371  1.00 22.11 ? 169 HOH A O   1 
HETATM 934  O O   . HOH C 3 .   ? 0.754   15.286  -4.137  1.00 22.67 ? 170 HOH A O   1 
HETATM 935  O O   . HOH C 3 .   ? 7.272   -4.491  -4.801  1.00 26.42 ? 171 HOH A O   1 
HETATM 936  O O   . HOH C 3 .   ? 5.306   13.006  -0.637  1.00 31.34 ? 172 HOH A O   1 
HETATM 937  O O   . HOH C 3 .   ? 9.927   -7.638  4.588   1.00 22.29 ? 173 HOH A O   1 
HETATM 938  O O   . HOH C 3 .   ? -4.855  12.261  -5.310  1.00 26.55 ? 174 HOH A O   1 
HETATM 939  O O   . HOH C 3 .   ? 2.748   4.502   10.022  1.00 25.73 ? 175 HOH A O   1 
HETATM 940  O O   . HOH C 3 .   ? 4.976   2.590   -9.587  1.00 32.68 ? 176 HOH A O   1 
HETATM 941  O O   . HOH C 3 .   ? 7.217   9.785   8.837   1.00 29.04 ? 177 HOH A O   1 
HETATM 942  O O   . HOH C 3 .   ? 11.960  -4.464  -4.240  1.00 28.67 ? 178 HOH A O   1 
HETATM 943  O O   . HOH C 3 .   ? -5.816  2.428   -14.242 1.00 33.03 ? 179 HOH A O   1 
HETATM 944  O O   . HOH C 3 .   ? -6.846  13.837  2.507   1.00 26.47 ? 180 HOH A O   1 
HETATM 945  O O   . HOH C 3 .   ? -5.111  11.876  9.156   1.00 27.02 ? 181 HOH A O   1 
HETATM 946  O O   . HOH C 3 .   ? 2.743   -20.719 5.973   1.00 26.73 ? 182 HOH A O   1 
HETATM 947  O O   . HOH C 3 .   ? -5.741  9.473   -11.060 1.00 26.71 ? 183 HOH A O   1 
HETATM 948  O O   . HOH C 3 .   ? 7.215   13.186  7.694   1.00 26.27 ? 184 HOH A O   1 
HETATM 949  O O   . HOH C 3 .   ? 1.049   15.114  5.724   1.00 24.92 ? 185 HOH A O   1 
HETATM 950  O O   . HOH C 3 .   ? 1.064   -21.535 8.256   0.50 32.06 ? 186 HOH A O   1 
HETATM 951  O O   . HOH C 3 .   ? 1.966   19.078  2.533   1.00 25.73 ? 187 HOH A O   1 
HETATM 952  O O   . HOH C 3 .   ? -2.278  5.670   10.579  1.00 29.71 ? 188 HOH A O   1 
HETATM 953  O O   . HOH C 3 .   ? 7.482   18.975  4.105   1.00 31.42 ? 189 HOH A O   1 
HETATM 954  O O   . HOH C 3 .   ? -5.006  -14.466 6.882   1.00 33.34 ? 190 HOH A O   1 
HETATM 955  O O   . HOH C 3 .   ? 5.826   12.507  -2.963  1.00 29.70 ? 191 HOH A O   1 
HETATM 956  O O   . HOH C 3 .   ? -2.308  -18.641 7.392   1.00 30.53 ? 192 HOH A O   1 
HETATM 957  O O   . HOH C 3 .   ? 1.012   6.955   -12.402 1.00 32.51 ? 193 HOH A O   1 
HETATM 958  O O   . HOH C 3 .   ? -7.543  -10.748 -5.097  1.00 37.10 ? 194 HOH A O   1 
HETATM 959  O O   . HOH C 3 .   ? 10.330  -16.576 4.065   1.00 31.73 ? 195 HOH A O   1 
HETATM 960  O O   . HOH C 3 .   ? -6.309  14.185  8.613   1.00 33.11 ? 196 HOH A O   1 
HETATM 961  O O   . HOH C 3 .   ? 12.399  6.794   -0.010  1.00 34.26 ? 197 HOH A O   1 
HETATM 962  O O   . HOH C 3 .   ? 0.070   -2.494  10.598  1.00 27.85 ? 198 HOH A O   1 
HETATM 963  O O   . HOH C 3 .   ? 7.530   -11.053 9.120   1.00 34.57 ? 199 HOH A O   1 
HETATM 964  O O   . HOH C 3 .   ? -1.430  -19.170 5.124   1.00 40.28 ? 200 HOH A O   1 
HETATM 965  O O   . HOH C 3 .   ? -3.487  10.662  -11.996 1.00 43.98 ? 201 HOH A O   1 
HETATM 966  O O   . HOH C 3 .   ? -5.136  13.918  0.170   1.00 30.18 ? 202 HOH A O   1 
HETATM 967  O O   . HOH C 3 .   ? 9.323   -10.568 7.491   1.00 40.61 ? 203 HOH A O   1 
HETATM 968  O O   . HOH C 3 .   ? 0.625   -15.643 -1.257  1.00 31.85 ? 204 HOH A O   1 
HETATM 969  O O   . HOH C 3 .   ? -8.829  -11.670 1.887   1.00 28.20 ? 205 HOH A O   1 
HETATM 970  O O   . HOH C 3 .   ? -16.425 -2.223  -11.494 1.00 45.30 ? 206 HOH A O   1 
HETATM 971  O O   . HOH C 3 .   ? -10.311 1.356   -12.073 1.00 36.30 ? 207 HOH A O   1 
HETATM 972  O O   . HOH C 3 .   ? 12.439  -4.694  -0.076  1.00 36.83 ? 208 HOH A O   1 
HETATM 973  O O   . HOH C 3 .   ? -2.473  -7.875  10.080  1.00 29.77 ? 209 HOH A O   1 
HETATM 974  O O   . HOH C 3 .   ? -6.799  -12.098 -0.713  1.00 41.43 ? 210 HOH A O   1 
HETATM 975  O O   . HOH C 3 .   ? -11.910 -3.880  3.520   1.00 38.31 ? 211 HOH A O   1 
HETATM 976  O O   . HOH C 3 .   ? 10.595  4.026   -4.646  1.00 46.30 ? 212 HOH A O   1 
HETATM 977  O O   . HOH C 3 .   ? -10.018 -3.649  1.828   1.00 37.95 ? 213 HOH A O   1 
HETATM 978  O O   . HOH C 3 .   ? -1.088  5.475   -12.921 1.00 30.88 ? 214 HOH A O   1 
HETATM 979  O O   . HOH C 3 .   ? -5.521  8.320   -15.356 1.00 48.65 ? 215 HOH A O   1 
HETATM 980  O O   . HOH C 3 .   ? 3.323   1.257   -8.303  1.00 31.84 ? 216 HOH A O   1 
HETATM 981  O O   . HOH C 3 .   ? -8.969  -9.155  -6.910  1.00 39.19 ? 217 HOH A O   1 
HETATM 982  O O   . HOH C 3 .   ? 8.129   17.553  7.282   1.00 34.21 ? 218 HOH A O   1 
HETATM 983  O O   . HOH C 3 .   ? 13.551  -8.288  -3.533  1.00 39.06 ? 219 HOH A O   1 
HETATM 984  O O   . HOH C 3 .   ? 1.128   -19.288 4.354   1.00 35.50 ? 220 HOH A O   1 
HETATM 985  O O   . HOH C 3 .   ? 10.973  -3.565  9.533   1.00 34.05 ? 221 HOH A O   1 
HETATM 986  O O   . HOH C 3 .   ? -6.673  -3.195  -13.963 1.00 38.88 ? 222 HOH A O   1 
HETATM 987  O O   . HOH C 3 .   ? -10.265 -5.254  -0.768  1.00 30.37 ? 223 HOH A O   1 
HETATM 988  O O   . HOH C 3 .   ? -5.617  5.905   14.002  1.00 33.33 ? 224 HOH A O   1 
HETATM 989  O O   . HOH C 3 .   ? 4.166   5.797   12.500  1.00 39.23 ? 225 HOH A O   1 
HETATM 990  O O   . HOH C 3 .   ? 0.561   9.490   -12.306 1.00 38.37 ? 226 HOH A O   1 
HETATM 991  O O   . HOH C 3 .   ? -6.861  12.186  -3.490  1.00 35.99 ? 227 HOH A O   1 
HETATM 992  O O   . HOH C 3 .   ? -8.495  1.797   -14.188 1.00 31.67 ? 228 HOH A O   1 
HETATM 993  O O   . HOH C 3 .   ? 9.308   17.082  0.265   1.00 32.57 ? 229 HOH A O   1 
HETATM 994  O O   . HOH C 3 .   ? -1.618  -19.947 9.585   1.00 32.48 ? 230 HOH A O   1 
HETATM 995  O O   . HOH C 3 .   ? -5.118  -11.531 9.948   1.00 33.57 ? 231 HOH A O   1 
HETATM 996  O O   . HOH C 3 .   ? -13.751 0.624   -11.910 1.00 37.14 ? 232 HOH A O   1 
HETATM 997  O O   . HOH C 3 .   ? 7.658   -11.096 11.587  1.00 33.89 ? 233 HOH A O   1 
HETATM 998  O O   . HOH C 3 .   ? -1.228  -6.749  -12.087 1.00 45.12 ? 234 HOH A O   1 
HETATM 999  O O   . HOH C 3 .   ? 9.567   1.896   0.522   1.00 36.25 ? 235 HOH A O   1 
HETATM 1000 O O   . HOH C 3 .   ? 9.688   -3.079  1.456   1.00 39.92 ? 236 HOH A O   1 
HETATM 1001 O O   . HOH C 3 .   ? -4.931  0.366   -15.924 1.00 41.40 ? 237 HOH A O   1 
HETATM 1002 O O   . HOH C 3 .   ? -14.242 -6.300  -2.889  1.00 37.18 ? 238 HOH A O   1 
HETATM 1003 O O   . HOH C 3 .   ? -10.583 -1.062  1.452   1.00 25.01 ? 239 HOH A O   1 
HETATM 1004 O O   . HOH C 3 .   ? 0.462   -8.731  -10.617 1.00 36.12 ? 240 HOH A O   1 
HETATM 1005 O O   . HOH C 3 .   ? -4.077  -2.261  -14.389 1.00 38.68 ? 241 HOH A O   1 
HETATM 1006 O O   . HOH C 3 .   ? 0.420   5.860   11.112  1.00 34.14 ? 242 HOH A O   1 
HETATM 1007 O O   . HOH C 3 .   ? 0.298   -0.186  -14.586 1.00 34.76 ? 243 HOH A O   1 
HETATM 1008 O O   . HOH C 3 .   ? 11.168  0.659   -4.165  1.00 45.15 ? 244 HOH A O   1 
HETATM 1009 O O   . HOH C 3 .   ? -4.791  15.821  -1.313  1.00 31.17 ? 245 HOH A O   1 
HETATM 1010 O O   . HOH C 3 .   ? 4.443   -3.512  11.319  1.00 36.80 ? 246 HOH A O   1 
HETATM 1011 O O   . HOH C 3 .   ? -5.014  -17.174 7.034   1.00 39.68 ? 247 HOH A O   1 
HETATM 1012 O O   . HOH C 3 .   ? 4.951   -15.383 12.904  1.00 34.58 ? 248 HOH A O   1 
HETATM 1013 O O   . HOH C 3 .   ? 6.440   15.733  -2.967  1.00 45.13 ? 249 HOH A O   1 
HETATM 1014 O O   . HOH C 3 .   ? 11.089  -4.479  3.073   1.00 47.30 ? 250 HOH A O   1 
HETATM 1015 O O   . HOH C 3 .   ? 11.960  14.955  3.178   1.00 37.13 ? 251 HOH A O   1 
HETATM 1016 O O   . HOH C 3 .   ? 7.245   1.410   -10.338 1.00 45.22 ? 252 HOH A O   1 
HETATM 1017 O O   . HOH C 3 .   ? 12.470  1.905   4.802   1.00 38.83 ? 253 HOH A O   1 
HETATM 1018 O O   . HOH C 3 .   ? 1.973   3.419   -14.208 1.00 38.35 ? 254 HOH A O   1 
HETATM 1019 O O   . HOH C 3 .   ? -11.793 -4.363  -13.136 1.00 41.07 ? 255 HOH A O   1 
HETATM 1020 O O   . HOH C 3 .   ? -1.864  -16.818 -0.117  1.00 38.86 ? 256 HOH A O   1 
HETATM 1021 O O   . HOH C 3 .   ? 8.805   15.247  -1.568  1.00 51.80 ? 257 HOH A O   1 
HETATM 1022 O O   . HOH C 3 .   ? 0.344   -17.921 10.688  1.00 39.78 ? 258 HOH A O   1 
HETATM 1023 O O   . HOH C 3 .   ? 3.281   -22.500 4.377   1.00 36.99 ? 259 HOH A O   1 
HETATM 1024 O O   . HOH C 3 .   ? 6.639   5.226   -3.392  1.00 30.17 ? 260 HOH A O   1 
HETATM 1025 O O   . HOH C 3 .   ? 3.806   13.918  -10.712 1.00 35.82 ? 261 HOH A O   1 
HETATM 1026 O O   . HOH C 3 .   ? 10.669  5.927   -2.854  1.00 33.29 ? 262 HOH A O   1 
HETATM 1027 O O   . HOH C 3 .   ? -9.796  9.011   -14.234 1.00 36.67 ? 263 HOH A O   1 
HETATM 1028 O O   . HOH C 3 .   ? 2.217   18.719  13.598  1.00 44.98 ? 264 HOH A O   1 
HETATM 1029 O O   . HOH C 3 .   ? 10.393  7.592   -10.078 1.00 40.98 ? 265 HOH A O   1 
HETATM 1030 O O   . HOH C 3 .   ? 5.045   -13.989 -4.603  1.00 38.65 ? 266 HOH A O   1 
HETATM 1031 O O   . HOH C 3 .   ? 12.628  6.774   -8.058  1.00 43.58 ? 267 HOH A O   1 
HETATM 1032 O O   . HOH C 3 .   ? -4.971  -10.272 -10.363 1.00 36.07 ? 268 HOH A O   1 
HETATM 1033 O O   . HOH C 3 .   ? 1.595   20.554  11.934  1.00 46.05 ? 269 HOH A O   1 
HETATM 1034 O O   . HOH C 3 .   ? 10.781  -15.742 -2.359  1.00 41.92 ? 270 HOH A O   1 
HETATM 1035 O O   . HOH C 3 .   ? 1.050   -16.978 -3.441  1.00 40.83 ? 271 HOH A O   1 
HETATM 1036 O O   . HOH C 3 .   ? 0.710   -20.982 2.123   1.00 37.95 ? 272 HOH A O   1 
HETATM 1037 O O   . HOH C 3 .   ? 3.822   -9.083  16.229  1.00 32.97 ? 273 HOH A O   1 
HETATM 1038 O O   . HOH C 3 .   ? 11.814  2.441   1.441   1.00 39.44 ? 274 HOH A O   1 
HETATM 1039 O O   . HOH C 3 .   ? 9.719   6.816   10.927  1.00 35.40 ? 275 HOH A O   1 
HETATM 1040 O O   . HOH C 3 .   ? 10.067  17.195  2.531   1.00 48.89 ? 276 HOH A O   1 
HETATM 1041 O O   . HOH C 3 .   ? -16.932 1.743   -9.533  1.00 39.33 ? 277 HOH A O   1 
HETATM 1042 O O   . HOH C 3 .   ? 5.529   -11.468 13.228  1.00 40.24 ? 278 HOH A O   1 
HETATM 1043 O O   . HOH C 3 .   ? 2.363   -15.327 13.775  1.00 38.64 ? 279 HOH A O   1 
HETATM 1044 O O   . HOH C 3 .   ? -10.777 -12.512 3.379   1.00 40.20 ? 280 HOH A O   1 
HETATM 1045 O O   . HOH C 3 .   ? -14.450 -8.044  -4.753  1.00 43.18 ? 281 HOH A O   1 
HETATM 1046 O O   . HOH C 3 .   ? 5.423   10.622  10.570  1.00 40.44 ? 282 HOH A O   1 
HETATM 1047 O O   . HOH C 3 .   ? 12.038  12.799  -13.886 1.00 43.52 ? 283 HOH A O   1 
HETATM 1048 O O   . HOH C 3 .   ? 8.811   12.904  -3.162  1.00 39.19 ? 284 HOH A O   1 
HETATM 1049 O O   . HOH C 3 .   ? -6.716  14.390  -1.831  1.00 44.42 ? 285 HOH A O   1 
HETATM 1050 O O   . HOH C 3 .   ? -10.588 -18.468 -1.653  1.00 48.80 ? 286 HOH A O   1 
HETATM 1051 O O   . HOH C 3 .   ? -3.673  -13.972 -11.798 1.00 52.18 ? 287 HOH A O   1 
HETATM 1052 O O   . HOH C 3 .   ? -4.214  -10.978 -12.652 1.00 47.50 ? 288 HOH A O   1 
HETATM 1053 O O   . HOH C 3 .   ? 0.914   10.095  -17.604 1.00 52.08 ? 289 HOH A O   1 
HETATM 1054 O O   . HOH C 3 .   ? 1.649   11.635  -14.470 1.00 36.27 ? 290 HOH A O   1 
HETATM 1055 O O   . HOH C 3 .   ? 8.820   -6.487  -7.364  1.00 41.20 ? 291 HOH A O   1 
HETATM 1056 O O   . HOH C 3 .   ? -4.633  5.342   -15.461 1.00 40.28 ? 292 HOH A O   1 
HETATM 1057 O O   . HOH C 3 .   ? -9.516  -19.625 -4.279  1.00 52.30 ? 293 HOH A O   1 
HETATM 1058 O O   . HOH C 3 .   ? 4.228   19.916  10.958  1.00 54.52 ? 294 HOH A O   1 
HETATM 1059 O O   . HOH C 3 .   ? -11.690 -18.030 -3.642  1.00 46.55 ? 295 HOH A O   1 
HETATM 1060 O O   . HOH C 3 .   ? 3.045   11.271  -16.574 1.00 41.96 ? 296 HOH A O   1 
HETATM 1061 O O   . HOH C 3 .   ? -14.391 -2.662  -13.033 1.00 47.59 ? 297 HOH A O   1 
HETATM 1062 O O   . HOH C 3 .   ? 9.792   0.219   -9.940  1.00 49.15 ? 298 HOH A O   1 
HETATM 1063 O O   . HOH C 3 .   ? 13.670  8.469   -1.984  1.00 49.26 ? 299 HOH A O   1 
HETATM 1064 O O   . HOH C 3 .   ? 3.361   21.173  13.507  1.00 42.25 ? 300 HOH A O   1 
HETATM 1065 O O   . HOH C 3 .   ? -3.639  9.116   -17.958 1.00 48.38 ? 301 HOH A O   1 
HETATM 1066 O O   . HOH C 3 .   ? 1.733   -18.118 13.766  1.00 39.71 ? 302 HOH A O   1 
HETATM 1067 O O   . HOH C 3 .   ? -3.556  -18.048 3.127   1.00 38.98 ? 303 HOH A O   1 
HETATM 1068 O O   . HOH C 3 .   ? 10.168  18.955  -10.014 1.00 44.19 ? 304 HOH A O   1 
HETATM 1069 O O   . HOH C 3 .   ? 1.821   13.059  -11.937 1.00 37.97 ? 305 HOH A O   1 
HETATM 1070 O O   . HOH C 3 .   ? 3.647   -16.331 -3.897  1.00 45.76 ? 306 HOH A O   1 
HETATM 1071 O O   . HOH C 3 .   ? -10.294 -8.748  -9.326  1.00 41.18 ? 307 HOH A O   1 
HETATM 1072 O O   . HOH C 3 .   ? 3.960   15.000  -4.121  1.00 47.82 ? 308 HOH A O   1 
HETATM 1073 O O   . HOH C 3 .   ? 4.771   3.074   -12.100 1.00 43.17 ? 309 HOH A O   1 
HETATM 1074 O O   . HOH C 3 .   ? 8.128   7.786   13.154  1.00 55.48 ? 310 HOH A O   1 
HETATM 1075 O O   . HOH C 3 .   ? -9.167  3.458   -16.521 1.00 47.20 ? 311 HOH A O   1 
HETATM 1076 O O   . HOH C 3 .   ? 12.138  12.800  -0.478  1.00 48.01 ? 312 HOH A O   1 
HETATM 1077 O O   . HOH C 3 .   ? 13.091  14.744  -14.659 1.00 44.94 ? 313 HOH A O   1 
HETATM 1078 O O   . HOH C 3 .   ? 9.869   10.902  9.647   1.00 38.45 ? 314 HOH A O   1 
HETATM 1079 O O   . HOH C 3 .   ? -1.545  10.999  -18.797 1.00 49.36 ? 315 HOH A O   1 
HETATM 1080 O O   . HOH C 3 .   ? 13.824  -5.543  -2.533  1.00 50.03 ? 316 HOH A O   1 
HETATM 1081 O O   . HOH C 3 .   ? 6.297   -20.251 -0.318  1.00 39.92 ? 317 HOH A O   1 
HETATM 1082 O O   . HOH C 3 .   ? -0.808  -11.731 -15.651 1.00 50.60 ? 318 HOH A O   1 
# 
